data_5USL
#
_entry.id   5USL
#
_cell.length_a   117.980
_cell.length_b   117.980
_cell.length_c   104.600
_cell.angle_alpha   90.000
_cell.angle_beta   90.000
_cell.angle_gamma   90.000
#
_symmetry.space_group_name_H-M   'P 4'
#
loop_
_entity.id
_entity.type
_entity.pdbx_description
1 polymer 'IMV membrane protein'
2 polymer 'Fab vv304 Heavy chain'
3 polymer 'Fab vv304 Light chain'
#
loop_
_entity_poly.entity_id
_entity_poly.type
_entity_poly.pdbx_seq_one_letter_code
_entity_poly.pdbx_strand_id
1 'polypeptide(L)'
;MPQQLSPINIETKKAISNARLKPLDIHYNESKPTTIQNTGKLVRINFKGGYISGGFLPNEYVLSSLHIYWGKEDDYGSNH
LIDVYKYSGEINLVHWNKKKYSSYEEAKKHDDGLIIISIFLQVLDHKNVYFQKIVNQLDSIRSANTSAPFDSVFYLDNLL
PSKLDYFTYLGTTINHSADAVWIIFPTPINIHSDQLSKFRTLLSLSNHEGKPHYITENYRNPYKLNDDTEVYYSGHHHHH
H
;
X,A
2 'polypeptide(L)'
;EVQLVESGGGLVQPGGSLRLSCVVSGFTFSNYWMSWVRQAPGKGLEWVANIKQDGSKKYYVDSVTGRFTISRDNAKNSLY
LQMNSLRAEDTAVYYCATLNLELAVDAISEALKWGQGTLVTVSSASTKGPSVFPLAPSSKSTSGGTAALGCLVKDYFPEP
VTVSWNSGALTSGVHTFPAVLQSSGLYSLSSVVTVPSSSLGTQTYICNVNHKPSNTKVDKKVEP
;
H,B
3 'polypeptide(L)'
;SYELTQPPSVSVSPGQTARITCSGDALPKQFAYWYQQKPGQAPVVMIYKDSERPSGIPERFSGSSSGTTVTSTISGVQAE
DEADYYCQSVDNSGTYEVFGGGTQLTVLGQPKAAPSVTLFPPSSEELQANKATLVCLISDFYPGAVTVAWKADSSPVKAG
VETTTPSKQSNNSYAASSYLSLTPEQWKSHRSYSCQVTHEGSTVEKTMAHA
;
L,C
#
# COMPACT_ATOMS: atom_id res chain seq x y z
N GLN A 3 -9.98 -6.27 -1.80
CA GLN A 3 -9.74 -7.75 -1.81
C GLN A 3 -8.63 -8.11 -2.80
N GLN A 4 -8.75 -7.61 -4.03
CA GLN A 4 -7.73 -7.78 -5.06
C GLN A 4 -7.23 -6.41 -5.51
N LEU A 5 -5.93 -6.18 -5.41
CA LEU A 5 -5.35 -4.87 -5.72
C LEU A 5 -4.99 -4.72 -7.21
N SER A 6 -5.11 -3.49 -7.72
CA SER A 6 -4.79 -3.17 -9.10
C SER A 6 -3.62 -2.20 -9.15
N PRO A 7 -2.81 -2.24 -10.23
CA PRO A 7 -2.94 -3.06 -11.42
C PRO A 7 -2.38 -4.48 -11.21
N ILE A 8 -2.39 -5.27 -12.28
CA ILE A 8 -1.82 -6.61 -12.28
C ILE A 8 -1.14 -6.86 -13.61
N ASN A 9 -0.61 -8.08 -13.77
CA ASN A 9 -0.17 -8.56 -15.07
C ASN A 9 -1.16 -9.59 -15.59
N ILE A 10 -1.75 -9.33 -16.75
CA ILE A 10 -2.70 -10.26 -17.35
C ILE A 10 -1.96 -11.29 -18.22
N GLU A 11 -1.91 -12.52 -17.75
CA GLU A 11 -1.32 -13.62 -18.51
C GLU A 11 -2.38 -14.23 -19.44
N THR A 12 -2.13 -14.15 -20.74
CA THR A 12 -3.07 -14.65 -21.74
C THR A 12 -3.23 -16.18 -21.67
N LYS A 13 -2.14 -16.87 -21.34
CA LYS A 13 -2.17 -18.32 -21.15
C LYS A 13 -3.12 -18.72 -20.01
N LYS A 14 -3.09 -17.95 -18.92
CA LYS A 14 -3.92 -18.24 -17.74
C LYS A 14 -5.35 -17.70 -17.84
N ALA A 15 -5.54 -16.59 -18.55
CA ALA A 15 -6.86 -15.98 -18.68
C ALA A 15 -7.78 -16.83 -19.55
N ILE A 16 -8.99 -17.08 -19.05
CA ILE A 16 -9.95 -17.97 -19.73
C ILE A 16 -10.93 -17.19 -20.61
N SER A 17 -11.58 -17.90 -21.54
CA SER A 17 -12.49 -17.28 -22.51
C SER A 17 -13.95 -17.53 -22.12
N ASN A 18 -14.61 -16.51 -21.56
CA ASN A 18 -15.98 -16.63 -21.08
C ASN A 18 -17.00 -16.14 -22.10
N ALA A 19 -18.14 -16.82 -22.17
CA ALA A 19 -19.20 -16.50 -23.13
C ALA A 19 -20.06 -15.31 -22.68
N ARG A 20 -20.10 -15.06 -21.37
CA ARG A 20 -20.85 -13.91 -20.83
C ARG A 20 -20.27 -12.58 -21.29
N LEU A 21 -18.98 -12.56 -21.64
CA LEU A 21 -18.33 -11.37 -22.15
C LEU A 21 -18.71 -11.15 -23.61
N LYS A 22 -19.84 -10.48 -23.81
CA LYS A 22 -20.38 -10.22 -25.15
C LYS A 22 -19.71 -8.97 -25.74
N PRO A 23 -19.98 -8.68 -27.03
CA PRO A 23 -19.46 -7.43 -27.60
C PRO A 23 -19.92 -6.22 -26.80
N LEU A 24 -19.00 -5.28 -26.57
CA LEU A 24 -19.26 -4.15 -25.68
C LEU A 24 -19.95 -3.03 -26.42
N ASP A 25 -20.97 -2.44 -25.80
CA ASP A 25 -21.63 -1.25 -26.34
C ASP A 25 -21.01 -0.01 -25.73
N ILE A 26 -20.29 0.74 -26.56
CA ILE A 26 -19.61 1.95 -26.13
C ILE A 26 -20.24 3.15 -26.83
N HIS A 27 -20.81 4.06 -26.05
CA HIS A 27 -21.47 5.25 -26.58
C HIS A 27 -20.93 6.51 -25.92
N TYR A 28 -19.96 7.13 -26.57
CA TYR A 28 -19.45 8.44 -26.14
C TYR A 28 -19.87 9.51 -27.15
N ASN A 29 -21.12 9.41 -27.60
CA ASN A 29 -21.67 10.35 -28.58
C ASN A 29 -22.09 11.63 -27.88
N GLU A 30 -22.69 11.47 -26.69
CA GLU A 30 -23.07 12.60 -25.85
C GLU A 30 -21.90 13.18 -25.05
N SER A 31 -20.78 12.47 -25.01
CA SER A 31 -19.67 12.83 -24.14
C SER A 31 -18.96 14.11 -24.59
N LYS A 32 -18.71 15.01 -23.64
CA LYS A 32 -17.96 16.23 -23.89
C LYS A 32 -17.14 16.57 -22.64
N PRO A 33 -15.87 16.98 -22.82
CA PRO A 33 -15.03 17.27 -21.67
C PRO A 33 -15.42 18.59 -21.00
N THR A 34 -15.61 18.56 -19.68
CA THR A 34 -15.92 19.75 -18.90
C THR A 34 -14.65 20.52 -18.57
N THR A 35 -13.76 19.88 -17.82
CA THR A 35 -12.52 20.49 -17.36
C THR A 35 -11.35 19.54 -17.47
N ILE A 36 -10.14 20.09 -17.36
CA ILE A 36 -8.91 19.30 -17.27
C ILE A 36 -8.19 19.70 -16.00
N GLN A 37 -7.46 18.76 -15.41
CA GLN A 37 -6.84 18.97 -14.10
C GLN A 37 -5.41 18.42 -14.04
N ASN A 38 -4.59 19.07 -13.21
CA ASN A 38 -3.33 18.50 -12.75
C ASN A 38 -3.54 18.15 -11.29
N THR A 39 -3.75 16.87 -11.01
CA THR A 39 -4.13 16.43 -9.67
C THR A 39 -2.99 16.46 -8.64
N GLY A 40 -1.76 16.66 -9.11
CA GLY A 40 -0.57 16.51 -8.29
C GLY A 40 0.12 15.19 -8.62
N LYS A 41 -0.68 14.22 -9.05
CA LYS A 41 -0.20 12.92 -9.50
C LYS A 41 -0.24 12.79 -11.02
N LEU A 42 -1.31 13.30 -11.63
CA LEU A 42 -1.59 13.02 -13.04
C LEU A 42 -2.50 14.05 -13.72
N VAL A 43 -2.69 13.89 -15.03
CA VAL A 43 -3.66 14.66 -15.79
C VAL A 43 -5.01 13.94 -15.79
N ARG A 44 -6.10 14.67 -15.55
CA ARG A 44 -7.44 14.10 -15.49
C ARG A 44 -8.45 15.01 -16.16
N ILE A 45 -9.09 14.50 -17.23
CA ILE A 45 -10.17 15.23 -17.90
C ILE A 45 -11.52 14.73 -17.39
N ASN A 46 -12.35 15.65 -16.89
CA ASN A 46 -13.71 15.33 -16.49
C ASN A 46 -14.66 15.51 -17.66
N PHE A 47 -15.72 14.69 -17.71
CA PHE A 47 -16.66 14.69 -18.83
C PHE A 47 -18.11 14.79 -18.36
N LYS A 48 -18.97 15.27 -19.25
CA LYS A 48 -20.41 15.18 -19.09
C LYS A 48 -20.98 14.38 -20.27
N GLY A 49 -21.74 13.33 -19.95
CA GLY A 49 -22.47 12.56 -20.95
C GLY A 49 -21.77 11.30 -21.42
N GLY A 50 -22.53 10.43 -22.07
CA GLY A 50 -22.02 9.18 -22.64
C GLY A 50 -22.07 8.03 -21.65
N TYR A 51 -22.03 6.80 -22.17
CA TYR A 51 -22.12 5.61 -21.34
C TYR A 51 -21.55 4.38 -22.02
N ILE A 52 -21.38 3.33 -21.23
CA ILE A 52 -21.02 2.00 -21.73
C ILE A 52 -22.13 1.04 -21.32
N SER A 53 -22.31 -0.03 -22.10
CA SER A 53 -23.37 -1.00 -21.83
C SER A 53 -23.08 -2.32 -22.52
N GLY A 54 -24.03 -3.25 -22.42
CA GLY A 54 -23.90 -4.55 -23.06
C GLY A 54 -22.80 -5.36 -22.41
N GLY A 55 -22.03 -6.07 -23.23
CA GLY A 55 -20.93 -6.89 -22.74
C GLY A 55 -21.37 -7.82 -21.64
N PHE A 56 -20.76 -7.67 -20.47
CA PHE A 56 -21.10 -8.47 -19.29
C PHE A 56 -21.87 -7.66 -18.25
N LEU A 57 -22.22 -6.42 -18.60
CA LEU A 57 -22.80 -5.50 -17.64
C LEU A 57 -24.30 -5.77 -17.46
N PRO A 58 -24.82 -5.62 -16.23
CA PRO A 58 -26.26 -5.79 -15.96
C PRO A 58 -27.09 -4.62 -16.50
N ASN A 59 -26.46 -3.44 -16.59
CA ASN A 59 -27.09 -2.27 -17.20
C ASN A 59 -25.99 -1.27 -17.58
N GLU A 60 -26.38 -0.11 -18.11
CA GLU A 60 -25.40 0.88 -18.57
C GLU A 60 -24.73 1.59 -17.39
N TYR A 61 -23.45 1.92 -17.56
CA TYR A 61 -22.69 2.71 -16.59
C TYR A 61 -22.29 4.02 -17.26
N VAL A 62 -22.60 5.14 -16.60
CA VAL A 62 -22.31 6.46 -17.17
C VAL A 62 -20.84 6.84 -16.95
N LEU A 63 -20.19 7.30 -18.01
CA LEU A 63 -18.81 7.79 -17.98
C LEU A 63 -18.68 9.00 -17.06
N SER A 64 -17.68 8.97 -16.17
CA SER A 64 -17.45 10.05 -15.22
C SER A 64 -16.21 10.87 -15.59
N SER A 65 -15.04 10.22 -15.61
CA SER A 65 -13.77 10.92 -15.83
C SER A 65 -12.81 10.15 -16.74
N LEU A 66 -11.74 10.83 -17.14
CA LEU A 66 -10.63 10.22 -17.87
C LEU A 66 -9.35 10.54 -17.11
N HIS A 67 -8.44 9.57 -17.05
CA HIS A 67 -7.15 9.74 -16.39
C HIS A 67 -6.03 9.32 -17.34
N ILE A 68 -4.83 9.83 -17.10
CA ILE A 68 -3.68 9.51 -17.94
C ILE A 68 -2.47 9.18 -17.06
N TYR A 69 -1.80 8.08 -17.40
CA TYR A 69 -0.62 7.60 -16.67
C TYR A 69 0.56 7.45 -17.62
N TRP A 70 1.76 7.74 -17.12
CA TRP A 70 2.99 7.66 -17.92
C TRP A 70 4.22 7.35 -17.06
N GLY A 71 5.35 7.13 -17.72
CA GLY A 71 6.61 6.85 -17.04
C GLY A 71 7.73 7.76 -17.49
N LYS A 72 8.90 7.60 -16.88
CA LYS A 72 10.08 8.41 -17.23
C LYS A 72 10.69 7.98 -18.57
N GLU A 73 10.49 6.71 -18.93
CA GLU A 73 10.95 6.16 -20.19
C GLU A 73 9.75 5.85 -21.09
N ASP A 74 9.90 6.07 -22.39
CA ASP A 74 8.81 5.84 -23.36
C ASP A 74 8.35 4.38 -23.45
N ASP A 75 9.19 3.44 -23.04
CA ASP A 75 8.87 2.02 -23.16
C ASP A 75 8.51 1.38 -21.81
N TYR A 76 8.00 2.20 -20.89
CA TYR A 76 7.67 1.71 -19.53
C TYR A 76 6.81 2.73 -18.75
N GLY A 77 5.50 2.75 -19.05
CA GLY A 77 4.59 3.72 -18.43
C GLY A 77 3.18 3.27 -18.03
N SER A 78 2.74 2.10 -18.48
CA SER A 78 1.39 1.62 -18.17
C SER A 78 1.27 1.20 -16.71
N ASN A 79 0.04 1.19 -16.19
CA ASN A 79 -0.24 0.57 -14.90
C ASN A 79 -0.30 -0.94 -15.06
N HIS A 80 -1.11 -1.40 -16.01
CA HIS A 80 -1.32 -2.83 -16.26
C HIS A 80 -0.31 -3.37 -17.27
N LEU A 81 0.04 -4.66 -17.10
CA LEU A 81 0.87 -5.37 -18.06
C LEU A 81 0.08 -6.51 -18.69
N ILE A 82 0.50 -6.94 -19.87
CA ILE A 82 -0.08 -8.12 -20.53
C ILE A 82 1.06 -9.04 -20.97
N ASP A 83 1.10 -10.24 -20.39
CA ASP A 83 2.22 -11.16 -20.57
C ASP A 83 3.53 -10.40 -20.34
N VAL A 84 3.65 -9.88 -19.12
CA VAL A 84 4.76 -9.05 -18.63
C VAL A 84 5.30 -7.97 -19.60
N TYR A 85 4.40 -7.42 -20.43
CA TYR A 85 4.76 -6.34 -21.36
C TYR A 85 4.11 -5.04 -20.89
N LYS A 86 4.93 -3.98 -20.81
CA LYS A 86 4.45 -2.68 -20.33
C LYS A 86 4.43 -1.67 -21.47
N TYR A 87 3.34 -0.91 -21.56
CA TYR A 87 3.14 0.07 -22.64
C TYR A 87 3.75 1.43 -22.25
N SER A 88 3.75 2.37 -23.20
CA SER A 88 4.30 3.70 -22.97
C SER A 88 3.48 4.50 -21.95
N GLY A 89 2.18 4.28 -21.93
CA GLY A 89 1.28 4.94 -20.98
C GLY A 89 -0.10 4.32 -21.00
N GLU A 90 -0.89 4.60 -19.97
CA GLU A 90 -2.23 4.04 -19.85
C GLU A 90 -3.25 5.14 -19.59
N ILE A 91 -4.39 5.05 -20.29
CA ILE A 91 -5.52 5.92 -20.04
C ILE A 91 -6.63 5.10 -19.39
N ASN A 92 -7.18 5.63 -18.29
CA ASN A 92 -8.32 5.02 -17.60
C ASN A 92 -9.58 5.85 -17.81
N LEU A 93 -10.71 5.17 -18.01
CA LEU A 93 -12.01 5.83 -18.13
C LEU A 93 -12.97 5.27 -17.08
N VAL A 94 -13.27 6.08 -16.07
CA VAL A 94 -14.09 5.62 -14.94
C VAL A 94 -15.59 5.85 -15.19
N HIS A 95 -16.36 4.76 -15.15
CA HIS A 95 -17.81 4.79 -15.29
C HIS A 95 -18.44 4.33 -13.99
N TRP A 96 -19.66 4.77 -13.71
CA TRP A 96 -20.36 4.36 -12.48
C TRP A 96 -21.83 3.99 -12.70
N ASN A 97 -22.39 3.29 -11.72
CA ASN A 97 -23.77 2.79 -11.78
C ASN A 97 -24.77 3.86 -11.35
N LYS A 98 -25.15 4.71 -12.30
CA LYS A 98 -26.09 5.81 -12.06
C LYS A 98 -27.50 5.28 -11.77
N LYS A 99 -27.84 4.17 -12.42
CA LYS A 99 -29.15 3.55 -12.26
C LYS A 99 -29.38 3.14 -10.81
N LYS A 100 -28.45 2.36 -10.27
CA LYS A 100 -28.58 1.80 -8.94
C LYS A 100 -28.34 2.83 -7.83
N TYR A 101 -27.23 3.57 -7.95
CA TYR A 101 -26.79 4.47 -6.87
C TYR A 101 -27.03 5.94 -7.19
N SER A 102 -27.30 6.70 -6.14
CA SER A 102 -27.70 8.10 -6.26
C SER A 102 -26.51 9.08 -6.32
N SER A 103 -25.28 8.57 -6.25
CA SER A 103 -24.10 9.41 -6.43
C SER A 103 -22.83 8.59 -6.73
N TYR A 104 -21.85 9.26 -7.33
CA TYR A 104 -20.55 8.66 -7.60
C TYR A 104 -19.83 8.28 -6.30
N GLU A 105 -20.05 9.06 -5.25
CA GLU A 105 -19.44 8.80 -3.95
C GLU A 105 -20.07 7.58 -3.27
N GLU A 106 -21.38 7.38 -3.49
CA GLU A 106 -22.08 6.17 -3.06
C GLU A 106 -21.63 4.96 -3.90
N ALA A 107 -21.30 5.20 -5.16
CA ALA A 107 -20.84 4.14 -6.07
C ALA A 107 -19.53 3.51 -5.58
N LYS A 108 -18.56 4.37 -5.25
CA LYS A 108 -17.26 3.91 -4.71
C LYS A 108 -17.42 2.90 -3.56
N LYS A 109 -18.44 3.10 -2.74
CA LYS A 109 -18.68 2.25 -1.57
C LYS A 109 -19.07 0.80 -1.88
N HIS A 110 -19.39 0.49 -3.14
CA HIS A 110 -19.92 -0.84 -3.49
C HIS A 110 -19.13 -1.53 -4.60
N ASP A 111 -19.13 -2.86 -4.57
CA ASP A 111 -18.32 -3.68 -5.48
C ASP A 111 -18.83 -3.67 -6.93
N ASP A 112 -20.11 -3.35 -7.10
CA ASP A 112 -20.71 -3.22 -8.45
C ASP A 112 -20.85 -1.75 -8.87
N GLY A 113 -20.19 -0.85 -8.14
CA GLY A 113 -20.35 0.58 -8.35
C GLY A 113 -19.58 1.13 -9.54
N LEU A 114 -18.31 0.79 -9.64
CA LEU A 114 -17.43 1.35 -10.67
C LEU A 114 -16.99 0.31 -11.71
N ILE A 115 -16.80 0.80 -12.94
CA ILE A 115 -16.23 0.02 -14.03
C ILE A 115 -15.22 0.91 -14.75
N ILE A 116 -14.01 0.40 -14.93
CA ILE A 116 -12.92 1.19 -15.51
C ILE A 116 -12.35 0.56 -16.77
N ILE A 117 -12.50 1.26 -17.90
CA ILE A 117 -11.88 0.85 -19.15
C ILE A 117 -10.42 1.30 -19.13
N SER A 118 -9.54 0.49 -19.73
CA SER A 118 -8.14 0.85 -19.91
C SER A 118 -7.79 0.91 -21.39
N ILE A 119 -7.27 2.05 -21.83
CA ILE A 119 -6.79 2.21 -23.20
C ILE A 119 -5.30 2.52 -23.14
N PHE A 120 -4.50 1.71 -23.83
CA PHE A 120 -3.04 1.84 -23.77
C PHE A 120 -2.52 2.82 -24.81
N LEU A 121 -1.51 3.59 -24.40
CA LEU A 121 -0.79 4.49 -25.27
C LEU A 121 0.57 3.87 -25.58
N GLN A 122 0.88 3.74 -26.86
CA GLN A 122 2.18 3.21 -27.29
C GLN A 122 2.84 4.21 -28.24
N VAL A 123 4.05 4.64 -27.89
CA VAL A 123 4.80 5.59 -28.71
C VAL A 123 5.36 4.88 -29.93
N LEU A 124 4.91 5.28 -31.11
CA LEU A 124 5.16 4.53 -32.34
C LEU A 124 5.59 5.43 -33.51
N ASP A 125 6.04 6.64 -33.21
CA ASP A 125 6.43 7.62 -34.24
C ASP A 125 5.24 7.98 -35.14
N HIS A 126 4.09 8.25 -34.51
CA HIS A 126 2.88 8.67 -35.21
C HIS A 126 2.20 9.78 -34.42
N LYS A 127 2.09 10.96 -35.01
CA LYS A 127 1.45 12.10 -34.35
C LYS A 127 -0.07 11.92 -34.38
N ASN A 128 -0.63 11.56 -33.22
CA ASN A 128 -2.06 11.35 -33.07
C ASN A 128 -2.81 12.68 -33.09
N VAL A 129 -3.57 12.90 -34.15
CA VAL A 129 -4.34 14.13 -34.32
C VAL A 129 -5.31 14.39 -33.16
N TYR A 130 -5.89 13.32 -32.62
CA TYR A 130 -6.92 13.42 -31.58
C TYR A 130 -6.31 13.63 -30.19
N PHE A 131 -5.25 12.88 -29.89
CA PHE A 131 -4.54 13.00 -28.61
C PHE A 131 -3.88 14.37 -28.48
N GLN A 132 -3.53 14.99 -29.61
CA GLN A 132 -2.95 16.32 -29.62
C GLN A 132 -3.88 17.37 -29.01
N LYS A 133 -5.19 17.16 -29.16
CA LYS A 133 -6.19 18.07 -28.59
C LYS A 133 -6.13 18.11 -27.06
N ILE A 134 -5.69 17.01 -26.44
CA ILE A 134 -5.44 16.99 -25.00
C ILE A 134 -4.09 17.66 -24.69
N VAL A 135 -3.11 17.49 -25.57
CA VAL A 135 -1.78 18.11 -25.39
C VAL A 135 -1.88 19.63 -25.41
N ASN A 136 -2.81 20.16 -26.19
CA ASN A 136 -3.00 21.60 -26.31
C ASN A 136 -3.55 22.26 -25.05
N GLN A 137 -4.12 21.45 -24.14
CA GLN A 137 -4.68 21.96 -22.88
C GLN A 137 -3.65 21.99 -21.74
N LEU A 138 -2.47 21.39 -21.96
CA LEU A 138 -1.50 21.19 -20.89
C LEU A 138 -0.81 22.49 -20.46
N ASP A 139 -0.94 23.54 -21.28
CA ASP A 139 -0.47 24.87 -20.92
C ASP A 139 -1.24 25.40 -19.71
N SER A 140 -2.53 25.11 -19.66
CA SER A 140 -3.44 25.71 -18.68
C SER A 140 -3.38 25.04 -17.30
N ILE A 141 -2.60 23.98 -17.15
CA ILE A 141 -2.52 23.26 -15.87
C ILE A 141 -1.10 22.85 -15.48
N ARG A 142 -0.12 23.66 -15.88
CA ARG A 142 1.29 23.35 -15.62
C ARG A 142 1.58 23.20 -14.13
N SER A 143 1.03 24.13 -13.34
CA SER A 143 1.22 24.11 -11.89
C SER A 143 0.48 22.92 -11.25
N ALA A 144 0.96 22.52 -10.08
CA ALA A 144 0.36 21.41 -9.34
C ALA A 144 -0.98 21.81 -8.73
N ASN A 145 -1.94 20.89 -8.77
CA ASN A 145 -3.28 21.10 -8.21
C ASN A 145 -4.01 22.29 -8.84
N THR A 146 -3.91 22.42 -10.16
CA THR A 146 -4.60 23.47 -10.90
C THR A 146 -5.54 22.87 -11.96
N SER A 147 -6.67 23.54 -12.17
CA SER A 147 -7.65 23.09 -13.14
C SER A 147 -8.11 24.24 -14.03
N ALA A 148 -8.23 23.96 -15.32
CA ALA A 148 -8.78 24.93 -16.28
C ALA A 148 -9.90 24.23 -17.05
N PRO A 149 -10.83 25.03 -17.62
CA PRO A 149 -11.85 24.41 -18.48
C PRO A 149 -11.25 23.91 -19.78
N PHE A 150 -11.72 22.74 -20.24
CA PHE A 150 -11.24 22.14 -21.48
C PHE A 150 -11.79 22.96 -22.65
N ASP A 151 -10.89 23.61 -23.38
CA ASP A 151 -11.26 24.56 -24.43
C ASP A 151 -10.93 24.04 -25.83
N SER A 152 -11.73 23.09 -26.29
CA SER A 152 -11.58 22.51 -27.63
C SER A 152 -12.72 21.56 -27.94
N VAL A 153 -13.01 21.38 -29.23
CA VAL A 153 -13.93 20.34 -29.68
C VAL A 153 -13.19 19.02 -29.58
N PHE A 154 -13.76 18.06 -28.86
CA PHE A 154 -13.09 16.79 -28.61
C PHE A 154 -14.07 15.63 -28.45
N TYR A 155 -13.92 14.61 -29.28
CA TYR A 155 -14.76 13.41 -29.21
C TYR A 155 -13.97 12.24 -28.65
N LEU A 156 -14.44 11.68 -27.56
CA LEU A 156 -13.71 10.64 -26.82
C LEU A 156 -13.56 9.33 -27.59
N ASP A 157 -14.55 8.96 -28.39
CA ASP A 157 -14.52 7.69 -29.13
C ASP A 157 -13.59 7.71 -30.35
N ASN A 158 -12.76 8.74 -30.48
CA ASN A 158 -11.64 8.74 -31.41
C ASN A 158 -10.36 8.21 -30.76
N LEU A 159 -10.42 7.94 -29.45
CA LEU A 159 -9.29 7.37 -28.72
C LEU A 159 -9.44 5.86 -28.48
N LEU A 160 -10.56 5.29 -28.92
CA LEU A 160 -10.77 3.84 -28.80
C LEU A 160 -9.86 3.11 -29.79
N PRO A 161 -9.37 1.91 -29.41
CA PRO A 161 -8.46 1.18 -30.31
C PRO A 161 -9.13 0.65 -31.57
N SER A 162 -8.33 0.05 -32.45
CA SER A 162 -8.83 -0.53 -33.69
C SER A 162 -9.78 -1.69 -33.41
N LYS A 163 -9.31 -2.66 -32.62
CA LYS A 163 -10.10 -3.83 -32.24
C LYS A 163 -10.45 -3.74 -30.76
N LEU A 164 -11.69 -4.12 -30.41
CA LEU A 164 -12.21 -3.93 -29.04
C LEU A 164 -12.40 -5.23 -28.25
N ASP A 165 -11.62 -6.27 -28.56
CA ASP A 165 -11.59 -7.46 -27.69
C ASP A 165 -10.92 -7.07 -26.38
N TYR A 166 -11.36 -7.66 -25.26
CA TYR A 166 -10.93 -7.20 -23.95
C TYR A 166 -10.79 -8.30 -22.89
N PHE A 167 -10.00 -8.00 -21.85
CA PHE A 167 -9.93 -8.82 -20.65
C PHE A 167 -10.66 -8.10 -19.52
N THR A 168 -10.97 -8.83 -18.45
CA THR A 168 -11.67 -8.24 -17.31
C THR A 168 -11.48 -9.04 -16.02
N TYR A 169 -11.40 -8.32 -14.90
CA TYR A 169 -11.21 -8.92 -13.59
C TYR A 169 -11.69 -7.98 -12.48
N LEU A 170 -12.04 -8.54 -11.33
CA LEU A 170 -12.42 -7.75 -10.16
C LEU A 170 -11.15 -7.26 -9.46
N GLY A 171 -10.90 -5.97 -9.53
CA GLY A 171 -9.74 -5.35 -8.88
C GLY A 171 -10.16 -4.17 -8.01
N THR A 172 -9.36 -3.11 -8.05
CA THR A 172 -9.65 -1.87 -7.32
C THR A 172 -9.32 -0.66 -8.17
N THR A 173 -9.68 0.52 -7.67
CA THR A 173 -9.24 1.78 -8.24
C THR A 173 -7.74 1.93 -7.94
N ILE A 174 -7.03 2.70 -8.78
CA ILE A 174 -5.57 2.77 -8.70
C ILE A 174 -5.04 3.12 -7.31
N ASN A 175 -5.69 4.09 -6.65
CA ASN A 175 -5.35 4.47 -5.27
C ASN A 175 -5.92 3.51 -4.20
N HIS A 176 -6.57 2.44 -4.65
CA HIS A 176 -7.20 1.42 -3.79
C HIS A 176 -8.35 1.97 -2.94
N SER A 177 -8.92 3.10 -3.35
CA SER A 177 -10.00 3.75 -2.59
C SER A 177 -11.31 2.97 -2.66
N ALA A 178 -11.49 2.20 -3.73
CA ALA A 178 -12.71 1.45 -3.96
C ALA A 178 -12.50 0.27 -4.90
N ASP A 179 -13.44 -0.67 -4.86
CA ASP A 179 -13.45 -1.79 -5.79
C ASP A 179 -13.86 -1.31 -7.18
N ALA A 180 -13.34 -1.95 -8.21
CA ALA A 180 -13.67 -1.57 -9.59
C ALA A 180 -13.42 -2.71 -10.56
N VAL A 181 -14.44 -3.03 -11.36
CA VAL A 181 -14.31 -4.05 -12.40
C VAL A 181 -13.60 -3.43 -13.60
N TRP A 182 -12.43 -3.98 -13.93
CA TRP A 182 -11.61 -3.45 -15.01
C TRP A 182 -11.99 -4.06 -16.36
N ILE A 183 -11.86 -3.26 -17.41
CA ILE A 183 -11.98 -3.73 -18.79
C ILE A 183 -10.72 -3.29 -19.52
N ILE A 184 -9.85 -4.24 -19.83
CA ILE A 184 -8.55 -3.92 -20.43
C ILE A 184 -8.53 -4.30 -21.90
N PHE A 185 -8.37 -3.30 -22.76
CA PHE A 185 -8.18 -3.52 -24.19
C PHE A 185 -6.70 -3.80 -24.47
N PRO A 186 -6.37 -5.00 -25.00
CA PRO A 186 -4.99 -5.28 -25.38
C PRO A 186 -4.44 -4.42 -26.52
N THR A 187 -5.30 -4.07 -27.48
CA THR A 187 -4.87 -3.25 -28.62
C THR A 187 -4.67 -1.80 -28.17
N PRO A 188 -3.46 -1.24 -28.38
CA PRO A 188 -3.20 0.13 -27.98
C PRO A 188 -3.45 1.11 -29.12
N ILE A 189 -3.36 2.41 -28.82
CA ILE A 189 -3.41 3.46 -29.84
C ILE A 189 -2.03 4.10 -29.98
N ASN A 190 -1.76 4.64 -31.17
CA ASN A 190 -0.43 5.16 -31.51
C ASN A 190 -0.30 6.66 -31.20
N ILE A 191 0.85 7.04 -30.64
CA ILE A 191 1.15 8.45 -30.36
C ILE A 191 2.62 8.74 -30.64
N HIS A 192 2.99 10.02 -30.61
CA HIS A 192 4.38 10.45 -30.81
C HIS A 192 5.04 10.72 -29.47
N SER A 193 6.37 10.72 -29.47
CA SER A 193 7.15 10.93 -28.23
C SER A 193 7.04 12.38 -27.75
N ASP A 194 7.01 13.31 -28.68
CA ASP A 194 6.91 14.74 -28.37
C ASP A 194 5.58 15.08 -27.68
N GLN A 195 4.54 14.32 -28.00
CA GLN A 195 3.23 14.50 -27.39
C GLN A 195 3.28 14.12 -25.92
N LEU A 196 3.89 12.97 -25.62
CA LEU A 196 4.04 12.52 -24.24
C LEU A 196 5.08 13.34 -23.48
N SER A 197 6.03 13.93 -24.21
CA SER A 197 7.09 14.74 -23.61
C SER A 197 6.55 15.93 -22.81
N LYS A 198 5.46 16.54 -23.29
CA LYS A 198 4.85 17.69 -22.62
C LYS A 198 4.26 17.33 -21.26
N PHE A 199 3.78 16.08 -21.11
CA PHE A 199 3.23 15.62 -19.83
C PHE A 199 4.28 15.58 -18.71
N ARG A 200 5.54 15.40 -19.09
CA ARG A 200 6.63 15.39 -18.12
C ARG A 200 7.03 16.81 -17.67
N THR A 201 6.55 17.83 -18.37
CA THR A 201 6.79 19.22 -18.00
C THR A 201 5.70 19.79 -17.09
N LEU A 202 4.93 18.91 -16.44
CA LEU A 202 3.99 19.31 -15.40
C LEU A 202 4.65 19.13 -14.03
N LEU A 203 4.15 19.89 -13.05
CA LEU A 203 4.73 19.91 -11.70
C LEU A 203 3.85 19.17 -10.69
N SER A 204 4.33 19.02 -9.46
CA SER A 204 3.63 18.28 -8.42
C SER A 204 3.90 18.77 -7.01
N LEU A 205 3.14 18.22 -6.06
CA LEU A 205 3.32 18.47 -4.63
C LEU A 205 4.76 18.33 -4.15
N LYS A 211 8.65 19.47 -1.28
CA LYS A 211 9.29 20.30 -2.29
C LYS A 211 8.72 20.01 -3.68
N PRO A 212 8.95 20.93 -4.66
CA PRO A 212 8.44 20.76 -6.00
C PRO A 212 9.36 19.94 -6.89
N HIS A 213 8.76 19.27 -7.88
CA HIS A 213 9.49 18.47 -8.86
C HIS A 213 8.55 18.09 -9.99
N TYR A 214 9.09 17.94 -11.20
CA TYR A 214 8.28 17.58 -12.35
C TYR A 214 7.74 16.15 -12.22
N ILE A 215 6.58 15.89 -12.80
CA ILE A 215 6.00 14.55 -12.81
C ILE A 215 6.60 13.76 -13.97
N THR A 216 7.76 13.15 -13.73
CA THR A 216 8.43 12.33 -14.73
C THR A 216 7.72 10.99 -14.90
N GLU A 217 7.16 10.47 -13.81
CA GLU A 217 6.39 9.23 -13.84
C GLU A 217 5.31 9.23 -12.74
N ASN A 218 4.21 8.55 -13.01
CA ASN A 218 3.10 8.45 -12.04
C ASN A 218 2.40 7.09 -11.98
N TYR A 219 2.92 6.10 -12.70
CA TYR A 219 2.31 4.76 -12.73
C TYR A 219 2.51 4.03 -11.41
N ARG A 220 1.77 2.93 -11.23
CA ARG A 220 1.89 2.09 -10.04
C ARG A 220 2.40 0.71 -10.44
N ASN A 221 3.17 0.08 -9.55
CA ASN A 221 3.75 -1.23 -9.82
C ASN A 221 2.72 -2.36 -9.63
N PRO A 222 2.82 -3.42 -10.45
CA PRO A 222 1.83 -4.51 -10.45
C PRO A 222 1.70 -5.26 -9.13
N TYR A 223 0.63 -6.03 -8.99
CA TYR A 223 0.36 -6.83 -7.79
C TYR A 223 0.17 -8.30 -8.13
N LYS A 224 0.23 -9.14 -7.09
CA LYS A 224 0.05 -10.58 -7.23
C LYS A 224 -1.44 -10.89 -7.41
N LEU A 225 -1.76 -11.73 -8.40
CA LEU A 225 -3.13 -12.16 -8.62
C LEU A 225 -3.53 -13.14 -7.52
N ASN A 226 -4.63 -12.86 -6.83
CA ASN A 226 -5.11 -13.71 -5.74
C ASN A 226 -5.53 -15.11 -6.22
N ASP A 227 -5.66 -16.02 -5.26
CA ASP A 227 -6.09 -17.39 -5.55
C ASP A 227 -7.52 -17.43 -6.11
N ASP A 228 -8.35 -16.49 -5.66
CA ASP A 228 -9.76 -16.44 -6.04
C ASP A 228 -10.08 -15.31 -7.04
N THR A 229 -9.09 -14.91 -7.83
CA THR A 229 -9.26 -13.91 -8.88
C THR A 229 -8.83 -14.49 -10.22
N GLU A 230 -9.79 -14.61 -11.14
CA GLU A 230 -9.51 -15.08 -12.50
C GLU A 230 -9.73 -13.95 -13.51
N VAL A 231 -8.92 -13.93 -14.55
CA VAL A 231 -9.04 -12.96 -15.63
C VAL A 231 -9.81 -13.59 -16.80
N TYR A 232 -10.88 -12.93 -17.24
CA TYR A 232 -11.69 -13.44 -18.34
C TYR A 232 -11.31 -12.77 -19.66
N TYR A 233 -11.71 -13.37 -20.77
CA TYR A 233 -11.44 -12.84 -22.11
C TYR A 233 -12.69 -12.93 -22.98
N SER A 234 -12.89 -11.94 -23.84
CA SER A 234 -14.13 -11.79 -24.63
C SER A 234 -14.66 -13.09 -25.22
N GLN B 3 39.82 -24.90 -27.85
CA GLN B 3 40.59 -24.56 -29.09
C GLN B 3 41.19 -25.81 -29.72
N GLN B 4 42.02 -26.52 -28.95
CA GLN B 4 42.59 -27.80 -29.35
C GLN B 4 41.84 -28.90 -28.62
N LEU B 5 41.22 -29.81 -29.36
CA LEU B 5 40.41 -30.87 -28.77
C LEU B 5 41.26 -32.07 -28.37
N SER B 6 40.93 -32.66 -27.23
CA SER B 6 41.60 -33.85 -26.72
C SER B 6 40.67 -35.06 -26.84
N PRO B 7 41.23 -36.27 -26.89
CA PRO B 7 42.65 -36.62 -26.90
C PRO B 7 43.27 -36.48 -28.29
N ILE B 8 44.58 -36.72 -28.36
CA ILE B 8 45.30 -36.71 -29.63
C ILE B 8 46.23 -37.92 -29.72
N ASN B 9 46.92 -38.05 -30.85
CA ASN B 9 48.03 -38.97 -30.97
C ASN B 9 49.31 -38.18 -30.86
N ILE B 10 50.16 -38.55 -29.91
CA ILE B 10 51.46 -37.91 -29.75
C ILE B 10 52.44 -38.55 -30.73
N GLU B 11 52.98 -37.73 -31.62
CA GLU B 11 54.03 -38.17 -32.53
C GLU B 11 55.39 -37.78 -31.93
N THR B 12 56.16 -38.78 -31.53
CA THR B 12 57.43 -38.56 -30.84
C THR B 12 58.45 -37.80 -31.70
N LYS B 13 58.49 -38.13 -32.99
CA LYS B 13 59.39 -37.46 -33.93
C LYS B 13 59.08 -35.97 -34.09
N LYS B 14 57.78 -35.62 -34.05
CA LYS B 14 57.35 -34.22 -34.16
C LYS B 14 57.43 -33.48 -32.82
N ALA B 15 57.23 -34.20 -31.72
CA ALA B 15 57.24 -33.59 -30.38
C ALA B 15 58.62 -33.08 -30.01
N ILE B 16 58.74 -31.77 -29.78
CA ILE B 16 60.04 -31.13 -29.57
C ILE B 16 60.57 -31.34 -28.14
N SER B 17 61.82 -30.92 -27.93
CA SER B 17 62.50 -31.08 -26.64
C SER B 17 62.74 -29.73 -25.96
N ASN B 18 61.82 -29.34 -25.08
CA ASN B 18 61.89 -28.06 -24.37
C ASN B 18 62.59 -28.18 -23.01
N ALA B 19 63.40 -27.19 -22.67
CA ALA B 19 64.15 -27.17 -21.42
C ALA B 19 63.32 -26.67 -20.23
N ARG B 20 62.26 -25.92 -20.51
CA ARG B 20 61.35 -25.46 -19.46
C ARG B 20 60.57 -26.60 -18.81
N LEU B 21 60.50 -27.74 -19.48
CA LEU B 21 59.94 -28.96 -18.89
C LEU B 21 60.95 -29.61 -17.95
N LYS B 22 61.07 -29.03 -16.76
CA LYS B 22 62.05 -29.50 -15.78
C LYS B 22 61.45 -30.68 -15.03
N PRO B 23 62.21 -31.26 -14.07
CA PRO B 23 61.62 -32.36 -13.30
C PRO B 23 60.33 -31.95 -12.58
N LEU B 24 59.33 -32.82 -12.67
CA LEU B 24 58.01 -32.55 -12.11
C LEU B 24 57.97 -32.96 -10.64
N ASP B 25 57.56 -32.04 -9.77
CA ASP B 25 57.47 -32.30 -8.34
C ASP B 25 56.06 -32.78 -7.96
N ILE B 26 55.87 -34.09 -7.92
CA ILE B 26 54.57 -34.69 -7.57
C ILE B 26 54.55 -35.02 -6.09
N HIS B 27 53.49 -34.60 -5.40
CA HIS B 27 53.38 -34.81 -3.96
C HIS B 27 51.99 -35.29 -3.53
N TYR B 28 51.73 -36.57 -3.73
CA TYR B 28 50.50 -37.22 -3.26
C TYR B 28 50.73 -37.91 -1.92
N ASN B 29 51.42 -37.23 -1.01
CA ASN B 29 51.63 -37.72 0.35
C ASN B 29 50.35 -37.51 1.15
N GLU B 30 49.84 -36.29 1.12
CA GLU B 30 48.58 -35.94 1.77
C GLU B 30 47.36 -36.57 1.09
N SER B 31 47.49 -36.91 -0.19
CA SER B 31 46.38 -37.45 -0.97
C SER B 31 45.72 -38.65 -0.31
N LYS B 32 44.42 -38.51 0.00
CA LYS B 32 43.62 -39.61 0.51
C LYS B 32 42.25 -39.56 -0.17
N PRO B 33 41.79 -40.70 -0.73
CA PRO B 33 40.52 -40.71 -1.45
C PRO B 33 39.32 -40.52 -0.54
N THR B 34 38.39 -39.67 -0.94
CA THR B 34 37.18 -39.41 -0.16
C THR B 34 36.09 -40.40 -0.56
N THR B 35 35.70 -40.37 -1.83
CA THR B 35 34.59 -41.18 -2.33
C THR B 35 34.94 -41.80 -3.70
N ILE B 36 34.11 -42.74 -4.12
CA ILE B 36 34.22 -43.36 -5.45
C ILE B 36 32.84 -43.30 -6.11
N GLN B 37 32.80 -43.20 -7.43
CA GLN B 37 31.55 -42.94 -8.14
C GLN B 37 31.40 -43.74 -9.44
N ASN B 38 30.14 -43.92 -9.84
CA ASN B 38 29.77 -44.32 -11.19
C ASN B 38 29.08 -43.14 -11.82
N THR B 39 29.76 -42.46 -12.75
CA THR B 39 29.23 -41.23 -13.36
C THR B 39 28.10 -41.52 -14.36
N GLY B 40 28.06 -42.75 -14.85
CA GLY B 40 27.23 -43.12 -16.00
C GLY B 40 28.12 -43.37 -17.20
N LYS B 41 29.27 -42.70 -17.23
CA LYS B 41 30.27 -42.84 -18.28
C LYS B 41 31.50 -43.63 -17.79
N LEU B 42 31.99 -43.28 -16.59
CA LEU B 42 33.25 -43.85 -16.08
C LEU B 42 33.33 -43.91 -14.55
N VAL B 43 34.34 -44.62 -14.06
CA VAL B 43 34.63 -44.69 -12.63
C VAL B 43 35.44 -43.46 -12.22
N ARG B 44 34.99 -42.79 -11.15
CA ARG B 44 35.63 -41.56 -10.66
C ARG B 44 35.86 -41.63 -9.16
N ILE B 45 37.11 -41.43 -8.74
CA ILE B 45 37.45 -41.33 -7.32
C ILE B 45 37.82 -39.88 -7.02
N ASN B 46 37.23 -39.33 -5.96
CA ASN B 46 37.56 -37.99 -5.50
C ASN B 46 38.56 -38.06 -4.34
N PHE B 47 39.38 -37.02 -4.21
CA PHE B 47 40.46 -36.99 -3.23
C PHE B 47 40.47 -35.69 -2.41
N LYS B 48 40.99 -35.79 -1.19
CA LYS B 48 41.40 -34.61 -0.42
C LYS B 48 42.91 -34.62 -0.29
N GLY B 49 43.53 -33.47 -0.56
CA GLY B 49 44.96 -33.30 -0.38
C GLY B 49 45.78 -33.75 -1.58
N GLY B 50 47.06 -33.40 -1.55
CA GLY B 50 47.99 -33.72 -2.63
C GLY B 50 48.14 -32.56 -3.59
N TYR B 51 49.33 -32.44 -4.18
CA TYR B 51 49.61 -31.39 -5.13
C TYR B 51 50.76 -31.76 -6.06
N ILE B 52 50.81 -31.11 -7.21
CA ILE B 52 51.97 -31.21 -8.11
C ILE B 52 52.57 -29.83 -8.26
N SER B 53 53.87 -29.78 -8.55
CA SER B 53 54.59 -28.52 -8.65
C SER B 53 55.84 -28.66 -9.52
N GLY B 54 56.59 -27.56 -9.64
CA GLY B 54 57.82 -27.56 -10.41
C GLY B 54 57.55 -27.73 -11.88
N GLY B 55 58.36 -28.57 -12.53
CA GLY B 55 58.24 -28.81 -13.96
C GLY B 55 58.24 -27.52 -14.77
N PHE B 56 57.09 -27.21 -15.37
CA PHE B 56 56.90 -25.99 -16.14
C PHE B 56 55.84 -25.08 -15.51
N LEU B 57 55.37 -25.46 -14.33
CA LEU B 57 54.23 -24.78 -13.70
C LEU B 57 54.70 -23.48 -13.04
N PRO B 58 53.86 -22.44 -13.10
CA PRO B 58 54.22 -21.18 -12.43
C PRO B 58 54.17 -21.33 -10.91
N ASN B 59 53.27 -22.18 -10.42
CA ASN B 59 53.14 -22.48 -9.01
C ASN B 59 52.48 -23.84 -8.82
N GLU B 60 52.31 -24.27 -7.57
CA GLU B 60 51.70 -25.56 -7.27
C GLU B 60 50.24 -25.65 -7.72
N TYR B 61 49.81 -26.85 -8.07
CA TYR B 61 48.43 -27.16 -8.43
C TYR B 61 47.91 -28.26 -7.52
N VAL B 62 46.70 -28.09 -6.99
CA VAL B 62 46.12 -29.08 -6.07
C VAL B 62 45.31 -30.16 -6.78
N LEU B 63 45.43 -31.40 -6.33
CA LEU B 63 44.71 -32.54 -6.90
C LEU B 63 43.22 -32.46 -6.56
N SER B 64 42.39 -33.08 -7.39
CA SER B 64 40.94 -33.08 -7.19
C SER B 64 40.32 -34.46 -7.39
N SER B 65 40.37 -34.97 -8.63
CA SER B 65 39.65 -36.19 -8.98
C SER B 65 40.45 -37.14 -9.89
N LEU B 66 40.16 -38.43 -9.75
CA LEU B 66 40.78 -39.49 -10.55
C LEU B 66 39.72 -40.12 -11.44
N HIS B 67 39.94 -40.12 -12.75
CA HIS B 67 39.01 -40.68 -13.72
C HIS B 67 39.64 -41.85 -14.45
N ILE B 68 38.86 -42.89 -14.73
CA ILE B 68 39.37 -44.11 -15.34
C ILE B 68 38.65 -44.40 -16.65
N TYR B 69 39.43 -44.53 -17.73
CA TYR B 69 38.90 -44.83 -19.06
C TYR B 69 39.39 -46.20 -19.53
N TRP B 70 38.52 -46.95 -20.19
CA TRP B 70 38.87 -48.27 -20.72
C TRP B 70 38.10 -48.59 -22.00
N GLY B 71 38.46 -49.72 -22.63
CA GLY B 71 37.81 -50.17 -23.86
C GLY B 71 37.33 -51.61 -23.77
N LYS B 72 36.59 -52.05 -24.79
CA LYS B 72 35.99 -53.38 -24.82
C LYS B 72 37.05 -54.48 -24.91
N GLU B 73 38.11 -54.22 -25.66
CA GLU B 73 39.23 -55.15 -25.82
C GLU B 73 40.38 -54.70 -24.92
N ASP B 74 41.14 -55.66 -24.39
CA ASP B 74 42.27 -55.36 -23.51
C ASP B 74 43.43 -54.67 -24.23
N ASP B 75 43.52 -54.84 -25.56
CA ASP B 75 44.58 -54.22 -26.35
C ASP B 75 44.18 -52.85 -26.93
N TYR B 76 43.09 -52.28 -26.43
CA TYR B 76 42.55 -51.05 -27.00
C TYR B 76 41.60 -50.34 -26.02
N GLY B 77 42.10 -49.30 -25.35
CA GLY B 77 41.27 -48.58 -24.37
C GLY B 77 41.76 -47.25 -23.81
N SER B 78 42.89 -46.74 -24.30
CA SER B 78 43.37 -45.42 -23.88
C SER B 78 42.60 -44.32 -24.60
N ASN B 79 42.75 -43.08 -24.14
CA ASN B 79 42.23 -41.93 -24.87
C ASN B 79 43.31 -41.38 -25.78
N HIS B 80 44.46 -41.06 -25.19
CA HIS B 80 45.62 -40.57 -25.93
C HIS B 80 46.46 -41.75 -26.44
N LEU B 81 47.05 -41.56 -27.61
CA LEU B 81 47.96 -42.55 -28.19
C LEU B 81 49.35 -41.95 -28.34
N ILE B 82 50.36 -42.80 -28.45
CA ILE B 82 51.74 -42.37 -28.68
C ILE B 82 52.29 -43.14 -29.88
N ASP B 83 52.54 -42.42 -30.97
CA ASP B 83 52.91 -43.04 -32.25
C ASP B 83 51.88 -44.12 -32.59
N VAL B 84 50.62 -43.69 -32.64
CA VAL B 84 49.43 -44.55 -32.82
C VAL B 84 49.50 -45.93 -32.15
N TYR B 85 50.00 -45.97 -30.92
CA TYR B 85 49.89 -47.16 -30.08
C TYR B 85 48.90 -46.86 -28.95
N LYS B 86 47.82 -47.63 -28.92
CA LYS B 86 46.77 -47.44 -27.92
C LYS B 86 46.95 -48.44 -26.77
N TYR B 87 46.96 -47.93 -25.55
CA TYR B 87 47.19 -48.75 -24.36
C TYR B 87 45.90 -49.47 -23.97
N SER B 88 45.95 -50.28 -22.92
CA SER B 88 44.77 -51.02 -22.44
C SER B 88 43.73 -50.11 -21.78
N GLY B 89 44.19 -49.02 -21.17
CA GLY B 89 43.30 -48.06 -20.51
C GLY B 89 44.03 -46.78 -20.14
N GLU B 90 43.29 -45.81 -19.64
CA GLU B 90 43.88 -44.53 -19.26
C GLU B 90 43.26 -43.97 -18.00
N ILE B 91 44.13 -43.61 -17.05
CA ILE B 91 43.70 -42.93 -15.83
C ILE B 91 44.02 -41.44 -15.96
N ASN B 92 43.04 -40.59 -15.69
CA ASN B 92 43.24 -39.15 -15.68
C ASN B 92 43.20 -38.60 -14.25
N LEU B 93 44.16 -37.73 -13.92
CA LEU B 93 44.21 -37.05 -12.62
C LEU B 93 44.10 -35.54 -12.85
N VAL B 94 42.98 -34.95 -12.46
CA VAL B 94 42.74 -33.53 -12.68
C VAL B 94 43.20 -32.70 -11.48
N HIS B 95 44.01 -31.67 -11.76
CA HIS B 95 44.43 -30.70 -10.74
C HIS B 95 43.89 -29.33 -11.14
N TRP B 96 43.76 -28.42 -10.18
CA TRP B 96 43.31 -27.05 -10.49
C TRP B 96 44.12 -25.97 -9.77
N ASN B 97 44.15 -24.79 -10.37
CA ASN B 97 44.96 -23.67 -9.87
C ASN B 97 44.27 -22.99 -8.67
N LYS B 98 44.50 -23.58 -7.50
CA LYS B 98 43.91 -23.12 -6.24
C LYS B 98 44.50 -21.78 -5.79
N LYS B 99 45.78 -21.59 -6.08
CA LYS B 99 46.49 -20.37 -5.70
C LYS B 99 45.90 -19.12 -6.35
N LYS B 100 45.47 -19.23 -7.61
CA LYS B 100 44.99 -18.09 -8.37
C LYS B 100 43.50 -17.86 -8.21
N TYR B 101 42.72 -18.92 -8.39
CA TYR B 101 41.26 -18.81 -8.43
C TYR B 101 40.63 -19.27 -7.12
N SER B 102 39.42 -18.76 -6.86
CA SER B 102 38.70 -19.06 -5.62
C SER B 102 38.20 -20.50 -5.54
N SER B 103 37.76 -21.05 -6.67
CA SER B 103 37.12 -22.37 -6.70
C SER B 103 37.53 -23.20 -7.91
N TYR B 104 37.21 -24.48 -7.87
CA TYR B 104 37.42 -25.38 -9.01
C TYR B 104 36.53 -24.98 -10.18
N GLU B 105 35.32 -24.53 -9.88
CA GLU B 105 34.38 -24.12 -10.92
C GLU B 105 34.88 -22.88 -11.65
N GLU B 106 35.57 -21.99 -10.92
CA GLU B 106 36.21 -20.82 -11.52
C GLU B 106 37.40 -21.22 -12.40
N ALA B 107 38.19 -22.19 -11.94
CA ALA B 107 39.37 -22.66 -12.67
C ALA B 107 39.03 -23.18 -14.07
N LYS B 108 37.91 -23.88 -14.19
CA LYS B 108 37.44 -24.38 -15.49
C LYS B 108 37.30 -23.26 -16.54
N LYS B 109 36.94 -22.06 -16.09
CA LYS B 109 36.66 -20.94 -16.98
C LYS B 109 37.88 -20.32 -17.66
N HIS B 110 39.09 -20.70 -17.23
CA HIS B 110 40.32 -20.08 -17.75
C HIS B 110 41.32 -21.10 -18.31
N ASP B 111 42.18 -20.62 -19.20
CA ASP B 111 43.17 -21.48 -19.88
C ASP B 111 44.23 -22.07 -18.94
N ASP B 112 44.55 -21.34 -17.88
CA ASP B 112 45.55 -21.78 -16.90
C ASP B 112 44.94 -22.56 -15.73
N GLY B 113 43.64 -22.81 -15.79
CA GLY B 113 42.91 -23.42 -14.67
C GLY B 113 43.33 -24.85 -14.39
N LEU B 114 43.22 -25.71 -15.39
CA LEU B 114 43.39 -27.15 -15.19
C LEU B 114 44.71 -27.69 -15.74
N ILE B 115 45.29 -28.63 -14.99
CA ILE B 115 46.37 -29.47 -15.47
C ILE B 115 45.97 -30.92 -15.17
N ILE B 116 45.98 -31.75 -16.21
CA ILE B 116 45.56 -33.15 -16.08
C ILE B 116 46.76 -34.06 -16.33
N ILE B 117 46.89 -35.11 -15.52
CA ILE B 117 47.92 -36.13 -15.71
C ILE B 117 47.28 -37.40 -16.24
N SER B 118 47.88 -37.98 -17.28
CA SER B 118 47.47 -39.27 -17.81
C SER B 118 48.43 -40.37 -17.38
N ILE B 119 47.89 -41.41 -16.74
CA ILE B 119 48.66 -42.61 -16.39
C ILE B 119 48.07 -43.77 -17.17
N PHE B 120 48.85 -44.37 -18.06
CA PHE B 120 48.36 -45.44 -18.92
C PHE B 120 48.21 -46.76 -18.19
N LEU B 121 47.25 -47.57 -18.64
CA LEU B 121 47.04 -48.92 -18.12
C LEU B 121 47.36 -49.94 -19.22
N GLN B 122 48.08 -51.00 -18.84
CA GLN B 122 48.45 -52.04 -19.80
C GLN B 122 48.26 -53.42 -19.18
N VAL B 123 47.35 -54.21 -19.74
CA VAL B 123 47.08 -55.55 -19.24
C VAL B 123 48.23 -56.47 -19.64
N LEU B 124 49.16 -56.66 -18.70
CA LEU B 124 50.41 -57.40 -18.97
C LEU B 124 50.48 -58.72 -18.21
N ASP B 125 49.34 -59.22 -17.74
CA ASP B 125 49.28 -60.43 -16.92
C ASP B 125 50.12 -60.29 -15.62
N HIS B 126 49.95 -59.15 -14.95
CA HIS B 126 50.53 -58.91 -13.62
C HIS B 126 49.44 -58.33 -12.73
N LYS B 127 49.17 -59.01 -11.62
CA LYS B 127 48.14 -58.56 -10.69
C LYS B 127 48.67 -57.43 -9.80
N ASN B 128 48.25 -56.21 -10.12
CA ASN B 128 48.68 -55.01 -9.42
C ASN B 128 47.99 -54.89 -8.07
N VAL B 129 48.77 -54.98 -6.99
CA VAL B 129 48.24 -54.95 -5.62
C VAL B 129 47.60 -53.61 -5.26
N TYR B 130 48.09 -52.52 -5.86
CA TYR B 130 47.57 -51.18 -5.58
C TYR B 130 46.30 -50.91 -6.37
N PHE B 131 46.32 -51.23 -7.65
CA PHE B 131 45.14 -51.09 -8.52
C PHE B 131 43.98 -51.92 -7.98
N GLN B 132 44.30 -53.07 -7.36
CA GLN B 132 43.30 -53.92 -6.74
C GLN B 132 42.47 -53.18 -5.69
N LYS B 133 43.12 -52.27 -4.95
CA LYS B 133 42.44 -51.50 -3.91
C LYS B 133 41.27 -50.67 -4.45
N ILE B 134 41.32 -50.34 -5.74
CA ILE B 134 40.22 -49.68 -6.43
C ILE B 134 39.17 -50.70 -6.86
N VAL B 135 39.65 -51.84 -7.36
CA VAL B 135 38.77 -52.93 -7.84
C VAL B 135 37.79 -53.38 -6.76
N ASN B 136 38.25 -53.37 -5.51
CA ASN B 136 37.42 -53.78 -4.37
C ASN B 136 36.23 -52.82 -4.14
N GLN B 137 36.36 -51.58 -4.60
CA GLN B 137 35.34 -50.56 -4.38
C GLN B 137 34.24 -50.55 -5.46
N LEU B 138 34.34 -51.46 -6.42
CA LEU B 138 33.45 -51.46 -7.57
C LEU B 138 32.07 -52.08 -7.29
N ASP B 139 31.92 -52.74 -6.15
CA ASP B 139 30.62 -53.30 -5.75
C ASP B 139 29.64 -52.20 -5.38
N SER B 140 30.12 -51.19 -4.66
CA SER B 140 29.27 -50.10 -4.16
C SER B 140 28.77 -49.17 -5.26
N ILE B 141 29.33 -49.30 -6.46
CA ILE B 141 29.01 -48.39 -7.57
C ILE B 141 28.53 -49.14 -8.81
N ARG B 142 28.03 -50.37 -8.63
CA ARG B 142 27.56 -51.18 -9.77
C ARG B 142 26.40 -50.50 -10.49
N SER B 143 25.49 -49.89 -9.74
CA SER B 143 24.37 -49.17 -10.30
C SER B 143 24.83 -47.84 -10.91
N ALA B 144 24.15 -47.42 -11.98
CA ALA B 144 24.51 -46.19 -12.69
C ALA B 144 24.15 -44.96 -11.87
N ASN B 145 25.01 -43.93 -11.94
CA ASN B 145 24.84 -42.67 -11.21
C ASN B 145 24.72 -42.86 -9.69
N THR B 146 25.68 -43.61 -9.14
CA THR B 146 25.74 -43.86 -7.69
C THR B 146 27.14 -43.61 -7.15
N SER B 147 27.25 -43.46 -5.84
CA SER B 147 28.52 -43.15 -5.19
C SER B 147 28.58 -43.69 -3.75
N ALA B 148 29.76 -44.13 -3.35
CA ALA B 148 30.00 -44.60 -1.98
C ALA B 148 31.31 -44.05 -1.44
N PRO B 149 31.52 -44.14 -0.11
CA PRO B 149 32.81 -43.72 0.45
C PRO B 149 33.94 -44.70 0.13
N PHE B 150 35.13 -44.18 -0.09
CA PHE B 150 36.32 -45.02 -0.32
C PHE B 150 36.89 -45.44 1.03
N ASP B 151 36.56 -46.67 1.43
CA ASP B 151 36.95 -47.18 2.75
C ASP B 151 38.08 -48.22 2.65
N SER B 152 39.27 -47.71 2.36
CA SER B 152 40.48 -48.51 2.33
C SER B 152 41.70 -47.61 2.38
N VAL B 153 42.75 -48.07 3.04
CA VAL B 153 44.00 -47.32 3.11
C VAL B 153 44.67 -47.38 1.73
N PHE B 154 44.62 -46.26 1.01
CA PHE B 154 45.09 -46.18 -0.37
C PHE B 154 46.05 -45.02 -0.56
N TYR B 155 47.26 -45.33 -1.04
CA TYR B 155 48.25 -44.31 -1.38
C TYR B 155 48.31 -44.16 -2.89
N LEU B 156 47.94 -42.97 -3.37
CA LEU B 156 47.83 -42.70 -4.81
C LEU B 156 49.14 -42.87 -5.56
N ASP B 157 50.22 -42.32 -5.02
CA ASP B 157 51.50 -42.28 -5.74
C ASP B 157 52.07 -43.67 -6.07
N ASN B 158 51.48 -44.72 -5.50
CA ASN B 158 51.81 -46.09 -5.89
C ASN B 158 51.35 -46.44 -7.30
N LEU B 159 50.40 -45.66 -7.85
CA LEU B 159 49.96 -45.84 -9.23
C LEU B 159 50.84 -45.12 -10.27
N LEU B 160 51.77 -44.29 -9.81
CA LEU B 160 52.67 -43.57 -10.71
C LEU B 160 53.59 -44.54 -11.46
N PRO B 161 54.05 -44.16 -12.66
CA PRO B 161 54.93 -45.04 -13.44
C PRO B 161 56.35 -45.11 -12.89
N SER B 162 57.16 -46.00 -13.47
CA SER B 162 58.56 -46.14 -13.09
C SER B 162 59.35 -44.87 -13.47
N LYS B 163 59.36 -44.55 -14.75
CA LYS B 163 60.06 -43.36 -15.25
C LYS B 163 59.05 -42.23 -15.49
N LEU B 164 59.36 -41.05 -14.97
CA LEU B 164 58.45 -39.91 -14.99
C LEU B 164 58.72 -38.91 -16.12
N ASP B 165 59.46 -39.34 -17.15
CA ASP B 165 59.59 -38.54 -18.37
C ASP B 165 58.21 -38.44 -19.00
N TYR B 166 57.87 -37.28 -19.56
CA TYR B 166 56.50 -37.01 -20.01
C TYR B 166 56.41 -36.13 -21.25
N PHE B 167 55.22 -36.13 -21.84
CA PHE B 167 54.85 -35.16 -22.88
C PHE B 167 53.86 -34.17 -22.30
N THR B 168 53.65 -33.06 -23.00
CA THR B 168 52.69 -32.05 -22.55
C THR B 168 52.20 -31.19 -23.71
N TYR B 169 50.91 -30.86 -23.70
CA TYR B 169 50.31 -30.00 -24.72
C TYR B 169 49.04 -29.33 -24.19
N LEU B 170 48.71 -28.16 -24.73
CA LEU B 170 47.46 -27.50 -24.38
C LEU B 170 46.33 -28.12 -25.18
N GLY B 171 45.52 -28.94 -24.50
CA GLY B 171 44.30 -29.47 -25.07
C GLY B 171 43.10 -29.03 -24.25
N THR B 172 42.07 -29.87 -24.23
CA THR B 172 40.86 -29.61 -23.44
C THR B 172 40.59 -30.80 -22.53
N THR B 173 39.59 -30.67 -21.67
CA THR B 173 39.09 -31.82 -20.91
C THR B 173 38.37 -32.77 -21.87
N ILE B 174 38.38 -34.07 -21.55
CA ILE B 174 37.85 -35.10 -22.44
C ILE B 174 36.41 -34.79 -22.90
N ASN B 175 35.63 -34.16 -22.03
CA ASN B 175 34.26 -33.75 -22.36
C ASN B 175 34.15 -32.39 -23.07
N HIS B 176 35.29 -31.74 -23.32
CA HIS B 176 35.35 -30.43 -23.99
C HIS B 176 34.63 -29.30 -23.24
N SER B 177 34.51 -29.43 -21.93
CA SER B 177 33.86 -28.40 -21.11
C SER B 177 34.82 -27.27 -20.76
N ALA B 178 36.13 -27.55 -20.81
CA ALA B 178 37.14 -26.57 -20.42
C ALA B 178 38.52 -26.86 -21.05
N ASP B 179 39.41 -25.90 -20.90
CA ASP B 179 40.81 -26.05 -21.32
C ASP B 179 41.60 -26.79 -20.26
N ALA B 180 42.69 -27.44 -20.67
CA ALA B 180 43.53 -28.21 -19.77
C ALA B 180 44.89 -28.53 -20.38
N VAL B 181 45.96 -28.13 -19.70
CA VAL B 181 47.31 -28.47 -20.13
C VAL B 181 47.60 -29.90 -19.66
N TRP B 182 47.72 -30.81 -20.60
CA TRP B 182 47.95 -32.22 -20.30
C TRP B 182 49.40 -32.52 -19.97
N ILE B 183 49.60 -33.56 -19.15
CA ILE B 183 50.92 -34.14 -18.91
C ILE B 183 50.78 -35.65 -19.08
N ILE B 184 51.37 -36.19 -20.14
CA ILE B 184 51.22 -37.61 -20.47
C ILE B 184 52.50 -38.38 -20.17
N PHE B 185 52.39 -39.39 -19.30
CA PHE B 185 53.49 -40.31 -19.04
C PHE B 185 53.44 -41.45 -20.05
N PRO B 186 54.43 -41.53 -20.96
CA PRO B 186 54.46 -42.65 -21.91
C PRO B 186 54.66 -44.01 -21.23
N THR B 187 55.36 -44.03 -20.10
CA THR B 187 55.57 -45.27 -19.34
C THR B 187 54.27 -45.64 -18.61
N PRO B 188 53.69 -46.82 -18.93
CA PRO B 188 52.43 -47.24 -18.32
C PRO B 188 52.63 -48.02 -17.03
N ILE B 189 51.54 -48.47 -16.43
CA ILE B 189 51.59 -49.38 -15.28
C ILE B 189 50.91 -50.70 -15.64
N ASN B 190 51.39 -51.78 -15.03
CA ASN B 190 50.93 -53.12 -15.36
C ASN B 190 49.72 -53.55 -14.53
N ILE B 191 48.75 -54.20 -15.17
CA ILE B 191 47.57 -54.75 -14.51
C ILE B 191 47.20 -56.10 -15.13
N HIS B 192 46.27 -56.81 -14.49
CA HIS B 192 45.79 -58.10 -14.99
C HIS B 192 44.42 -57.91 -15.64
N SER B 193 44.05 -58.84 -16.52
CA SER B 193 42.77 -58.76 -17.25
C SER B 193 41.57 -58.91 -16.31
N ASP B 194 41.72 -59.76 -15.28
CA ASP B 194 40.68 -59.99 -14.28
C ASP B 194 40.42 -58.73 -13.43
N GLN B 195 41.42 -57.87 -13.29
CA GLN B 195 41.26 -56.59 -12.60
C GLN B 195 40.43 -55.63 -13.44
N LEU B 196 40.81 -55.48 -14.71
CA LEU B 196 40.11 -54.60 -15.65
C LEU B 196 38.72 -55.14 -16.01
N SER B 197 38.54 -56.45 -15.90
CA SER B 197 37.28 -57.10 -16.24
C SER B 197 36.08 -56.51 -15.49
N LYS B 198 36.26 -56.26 -14.20
CA LYS B 198 35.17 -55.81 -13.32
C LYS B 198 34.60 -54.44 -13.69
N PHE B 199 35.41 -53.60 -14.36
CA PHE B 199 34.96 -52.30 -14.83
C PHE B 199 33.89 -52.42 -15.91
N ARG B 200 33.96 -53.50 -16.68
CA ARG B 200 32.99 -53.75 -17.76
C ARG B 200 31.64 -54.26 -17.25
N THR B 201 31.56 -54.63 -15.98
CA THR B 201 30.31 -55.11 -15.37
C THR B 201 29.47 -53.96 -14.77
N LEU B 202 30.00 -52.74 -14.83
CA LEU B 202 29.31 -51.57 -14.28
C LEU B 202 28.28 -51.04 -15.28
N LEU B 203 27.17 -50.52 -14.76
CA LEU B 203 26.02 -50.15 -15.59
C LEU B 203 25.95 -48.64 -15.84
N SER B 204 25.19 -48.26 -16.88
CA SER B 204 25.14 -46.88 -17.37
C SER B 204 23.72 -46.37 -17.60
N LEU B 205 23.63 -45.08 -17.94
CA LEU B 205 22.37 -44.43 -18.31
C LEU B 205 21.69 -45.09 -19.50
N PRO B 212 19.28 -49.14 -20.45
CA PRO B 212 20.15 -49.70 -19.43
C PRO B 212 21.09 -50.76 -19.98
N HIS B 213 22.40 -50.60 -19.71
CA HIS B 213 23.42 -51.49 -20.27
C HIS B 213 24.76 -51.30 -19.54
N TYR B 214 25.67 -52.26 -19.73
CA TYR B 214 26.99 -52.20 -19.09
C TYR B 214 27.91 -51.16 -19.76
N ILE B 215 28.96 -50.78 -19.04
CA ILE B 215 29.98 -49.87 -19.56
C ILE B 215 31.18 -50.68 -20.05
N THR B 216 31.09 -51.16 -21.29
CA THR B 216 32.17 -51.96 -21.88
C THR B 216 33.33 -51.08 -22.34
N GLU B 217 33.01 -49.86 -22.78
CA GLU B 217 34.02 -48.90 -23.22
C GLU B 217 33.53 -47.46 -23.07
N ASN B 218 34.45 -46.56 -22.75
CA ASN B 218 34.11 -45.15 -22.54
C ASN B 218 35.14 -44.16 -23.11
N TYR B 219 36.03 -44.64 -23.97
CA TYR B 219 37.09 -43.80 -24.54
C TYR B 219 36.58 -42.99 -25.73
N ARG B 220 37.21 -41.82 -25.94
CA ARG B 220 36.89 -40.96 -27.08
C ARG B 220 37.98 -41.08 -28.14
N ASN B 221 37.59 -41.04 -29.41
CA ASN B 221 38.53 -41.12 -30.52
C ASN B 221 39.39 -39.85 -30.62
N PRO B 222 40.66 -40.00 -31.04
CA PRO B 222 41.60 -38.88 -31.05
C PRO B 222 41.29 -37.82 -32.11
N TYR B 223 41.79 -36.61 -31.89
CA TYR B 223 41.57 -35.48 -32.79
C TYR B 223 42.83 -35.08 -33.54
N LYS B 224 42.65 -34.48 -34.70
CA LYS B 224 43.77 -33.99 -35.51
C LYS B 224 44.48 -32.87 -34.75
N LEU B 225 45.80 -32.79 -34.93
CA LEU B 225 46.61 -31.79 -34.26
C LEU B 225 46.57 -30.48 -35.04
N ASN B 226 46.36 -29.36 -34.33
CA ASN B 226 46.26 -28.05 -34.98
C ASN B 226 47.62 -27.54 -35.47
N ASP B 227 47.59 -26.45 -36.22
CA ASP B 227 48.81 -25.84 -36.76
C ASP B 227 49.63 -25.16 -35.66
N ASP B 228 48.94 -24.45 -34.76
CA ASP B 228 49.58 -23.74 -33.66
C ASP B 228 49.52 -24.51 -32.34
N THR B 229 49.76 -25.82 -32.42
CA THR B 229 49.75 -26.70 -31.25
C THR B 229 50.96 -27.63 -31.33
N GLU B 230 51.92 -27.40 -30.43
CA GLU B 230 53.19 -28.15 -30.42
C GLU B 230 53.32 -29.01 -29.17
N VAL B 231 53.75 -30.26 -29.36
CA VAL B 231 53.97 -31.19 -28.26
C VAL B 231 55.40 -31.04 -27.75
N TYR B 232 55.56 -30.96 -26.44
CA TYR B 232 56.87 -30.79 -25.81
C TYR B 232 57.25 -32.07 -25.06
N TYR B 233 58.55 -32.27 -24.86
CA TYR B 233 59.08 -33.45 -24.18
C TYR B 233 60.18 -33.08 -23.20
N SER B 234 60.17 -33.68 -22.02
CA SER B 234 61.12 -33.34 -20.96
C SER B 234 62.52 -33.84 -21.28
N GLU C 1 -15.70 18.34 9.30
CA GLU C 1 -16.85 18.88 8.53
C GLU C 1 -16.51 20.23 7.89
N VAL C 2 -17.28 20.60 6.88
CA VAL C 2 -17.08 21.88 6.18
C VAL C 2 -17.79 23.03 6.89
N GLN C 3 -17.07 24.14 7.03
CA GLN C 3 -17.65 25.40 7.49
C GLN C 3 -16.99 26.55 6.73
N LEU C 4 -17.82 27.49 6.27
CA LEU C 4 -17.36 28.67 5.55
C LEU C 4 -17.77 29.90 6.34
N VAL C 5 -16.94 30.25 7.33
CA VAL C 5 -17.24 31.36 8.23
C VAL C 5 -16.94 32.68 7.53
N GLU C 6 -17.99 33.28 6.95
CA GLU C 6 -17.88 34.51 6.18
C GLU C 6 -17.89 35.74 7.07
N SER C 7 -16.70 36.17 7.48
CA SER C 7 -16.54 37.44 8.19
C SER C 7 -16.57 38.57 7.16
N GLY C 8 -16.23 39.78 7.58
CA GLY C 8 -16.03 40.88 6.64
C GLY C 8 -16.61 42.20 7.07
N GLY C 9 -17.43 42.79 6.20
CA GLY C 9 -17.80 44.19 6.29
C GLY C 9 -19.13 44.48 6.96
N GLY C 10 -19.76 45.59 6.57
CA GLY C 10 -21.00 46.06 7.17
C GLY C 10 -21.49 47.31 6.46
N LEU C 11 -21.72 48.38 7.22
CA LEU C 11 -22.17 49.66 6.65
C LEU C 11 -21.01 50.44 6.05
N VAL C 12 -21.24 51.03 4.87
CA VAL C 12 -20.25 51.88 4.21
C VAL C 12 -20.93 52.96 3.36
N GLN C 13 -20.27 54.11 3.23
CA GLN C 13 -20.81 55.25 2.49
C GLN C 13 -20.81 54.98 0.99
N PRO C 14 -21.72 55.61 0.22
CA PRO C 14 -21.74 55.36 -1.22
C PRO C 14 -20.47 55.87 -1.92
N GLY C 15 -19.89 55.03 -2.77
CA GLY C 15 -18.62 55.34 -3.43
C GLY C 15 -17.40 54.98 -2.58
N GLY C 16 -17.65 54.42 -1.39
CA GLY C 16 -16.57 54.07 -0.47
C GLY C 16 -15.87 52.77 -0.82
N SER C 17 -15.22 52.17 0.17
CA SER C 17 -14.43 50.96 -0.04
C SER C 17 -14.57 49.97 1.13
N LEU C 18 -14.43 48.69 0.81
CA LEU C 18 -14.46 47.62 1.80
C LEU C 18 -13.65 46.41 1.34
N ARG C 19 -13.31 45.55 2.28
CA ARG C 19 -12.64 44.28 1.98
C ARG C 19 -13.24 43.16 2.81
N LEU C 20 -14.04 42.32 2.15
CA LEU C 20 -14.61 41.15 2.80
C LEU C 20 -13.58 40.05 2.89
N SER C 21 -13.87 39.04 3.70
CA SER C 21 -13.00 37.87 3.80
C SER C 21 -13.82 36.64 4.11
N CYS C 22 -13.27 35.48 3.76
CA CYS C 22 -13.92 34.20 4.03
C CYS C 22 -12.88 33.15 4.40
N VAL C 23 -12.85 32.80 5.68
CA VAL C 23 -11.98 31.72 6.17
C VAL C 23 -12.73 30.41 5.96
N VAL C 24 -11.98 29.36 5.65
CA VAL C 24 -12.56 28.06 5.29
C VAL C 24 -11.94 26.95 6.12
N SER C 25 -12.72 25.91 6.39
CA SER C 25 -12.24 24.73 7.09
C SER C 25 -13.07 23.51 6.71
N GLY C 26 -12.43 22.35 6.64
CA GLY C 26 -13.11 21.09 6.36
C GLY C 26 -12.73 20.43 5.04
N PHE C 27 -12.06 21.17 4.17
CA PHE C 27 -11.67 20.63 2.87
C PHE C 27 -10.51 21.40 2.25
N THR C 28 -9.82 20.76 1.31
CA THR C 28 -8.60 21.31 0.74
C THR C 28 -8.88 22.54 -0.13
N PHE C 29 -9.01 23.67 0.55
CA PHE C 29 -9.26 24.99 -0.07
C PHE C 29 -8.33 25.25 -1.27
N SER C 30 -7.07 24.82 -1.15
CA SER C 30 -6.08 25.00 -2.20
C SER C 30 -6.48 24.40 -3.55
N ASN C 31 -7.25 23.31 -3.52
CA ASN C 31 -7.63 22.58 -4.73
C ASN C 31 -8.83 23.15 -5.49
N TYR C 32 -9.67 23.92 -4.80
CA TYR C 32 -10.92 24.41 -5.38
C TYR C 32 -10.79 25.81 -5.98
N TRP C 33 -11.53 26.04 -7.07
CA TRP C 33 -11.86 27.40 -7.50
C TRP C 33 -12.88 27.92 -6.50
N MET C 34 -12.76 29.20 -6.16
CA MET C 34 -13.66 29.82 -5.19
C MET C 34 -14.40 30.99 -5.83
N SER C 35 -15.60 31.27 -5.32
CA SER C 35 -16.46 32.28 -5.93
C SER C 35 -17.29 33.06 -4.92
N TRP C 36 -17.54 34.33 -5.25
CA TRP C 36 -18.39 35.20 -4.44
C TRP C 36 -19.77 35.31 -5.08
N VAL C 37 -20.80 35.15 -4.26
CA VAL C 37 -22.18 35.28 -4.69
C VAL C 37 -22.87 36.29 -3.78
N ARG C 38 -23.65 37.21 -4.35
CA ARG C 38 -24.41 38.17 -3.54
C ARG C 38 -25.91 37.99 -3.73
N GLN C 39 -26.67 38.47 -2.75
CA GLN C 39 -28.13 38.33 -2.75
C GLN C 39 -28.77 39.51 -2.03
N ALA C 40 -29.40 40.41 -2.80
CA ALA C 40 -30.05 41.60 -2.24
C ALA C 40 -31.33 41.22 -1.50
N PRO C 41 -31.77 42.07 -0.55
CA PRO C 41 -32.99 41.80 0.22
C PRO C 41 -34.22 41.56 -0.68
N GLY C 42 -34.82 40.38 -0.54
CA GLY C 42 -35.98 40.00 -1.34
C GLY C 42 -35.69 39.83 -2.83
N LYS C 43 -34.43 39.53 -3.15
CA LYS C 43 -33.98 39.36 -4.53
C LYS C 43 -33.29 38.02 -4.73
N GLY C 44 -32.99 37.69 -5.98
CA GLY C 44 -32.37 36.40 -6.34
C GLY C 44 -30.87 36.34 -6.08
N LEU C 45 -30.28 35.20 -6.41
CA LEU C 45 -28.84 34.99 -6.24
C LEU C 45 -28.08 35.48 -7.48
N GLU C 46 -27.02 36.25 -7.25
CA GLU C 46 -26.18 36.77 -8.33
C GLU C 46 -24.72 36.39 -8.10
N TRP C 47 -24.13 35.68 -9.06
CA TRP C 47 -22.71 35.38 -9.02
C TRP C 47 -21.91 36.65 -9.30
N VAL C 48 -20.93 36.92 -8.45
CA VAL C 48 -20.12 38.14 -8.56
C VAL C 48 -18.81 37.85 -9.30
N ALA C 49 -18.03 36.90 -8.80
CA ALA C 49 -16.73 36.61 -9.38
C ALA C 49 -16.14 35.29 -8.88
N ASN C 50 -15.14 34.78 -9.62
CA ASN C 50 -14.43 33.55 -9.24
C ASN C 50 -12.92 33.66 -9.44
N ILE C 51 -12.17 32.69 -8.91
CA ILE C 51 -10.72 32.69 -9.01
C ILE C 51 -10.12 31.28 -9.13
N LYS C 52 -9.06 31.15 -9.93
CA LYS C 52 -8.33 29.90 -10.11
C LYS C 52 -7.46 29.61 -8.88
N GLN C 53 -7.14 28.33 -8.67
CA GLN C 53 -6.44 27.90 -7.45
C GLN C 53 -5.19 28.72 -7.16
N ASP C 54 -4.28 28.78 -8.12
CA ASP C 54 -3.05 29.57 -8.00
C ASP C 54 -3.32 31.08 -7.96
N GLY C 55 -4.39 31.49 -8.63
CA GLY C 55 -4.77 32.91 -8.73
C GLY C 55 -4.31 33.56 -10.02
N SER C 56 -4.02 32.74 -11.04
CA SER C 56 -3.56 33.23 -12.34
C SER C 56 -4.73 33.62 -13.25
N LYS C 57 -5.94 33.21 -12.88
CA LYS C 57 -7.15 33.57 -13.62
C LYS C 57 -8.26 34.03 -12.68
N LYS C 58 -8.78 35.22 -12.92
CA LYS C 58 -9.92 35.76 -12.17
C LYS C 58 -10.96 36.29 -13.17
N TYR C 59 -12.22 35.93 -12.95
CA TYR C 59 -13.32 36.39 -13.81
C TYR C 59 -14.45 36.97 -12.97
N TYR C 60 -15.06 38.03 -13.48
CA TYR C 60 -16.09 38.79 -12.77
C TYR C 60 -17.38 38.82 -13.59
N VAL C 61 -18.39 39.54 -13.12
CA VAL C 61 -19.60 39.75 -13.90
C VAL C 61 -19.23 40.64 -15.07
N ASP C 62 -20.04 40.67 -16.12
CA ASP C 62 -19.82 41.62 -17.23
C ASP C 62 -20.26 43.06 -16.86
N SER C 63 -20.58 43.27 -15.57
CA SER C 63 -20.56 44.59 -14.95
C SER C 63 -19.60 44.51 -13.77
N VAL C 64 -19.45 45.59 -13.02
CA VAL C 64 -18.68 45.56 -11.76
C VAL C 64 -17.17 45.26 -11.94
N THR C 65 -16.71 45.17 -13.19
CA THR C 65 -15.38 44.64 -13.50
C THR C 65 -14.23 45.49 -12.95
N GLY C 66 -14.28 46.79 -13.25
CA GLY C 66 -13.16 47.70 -12.97
C GLY C 66 -12.98 48.13 -11.53
N ARG C 67 -13.89 47.72 -10.65
CA ARG C 67 -13.87 48.15 -9.25
C ARG C 67 -13.78 47.00 -8.23
N PHE C 68 -14.30 45.83 -8.58
CA PHE C 68 -14.17 44.64 -7.74
C PHE C 68 -12.93 43.84 -8.13
N THR C 69 -12.34 43.16 -7.15
CA THR C 69 -11.18 42.30 -7.37
C THR C 69 -11.10 41.21 -6.31
N ILE C 70 -10.92 39.96 -6.72
CA ILE C 70 -10.75 38.84 -5.78
C ILE C 70 -9.27 38.61 -5.48
N SER C 71 -9.00 38.07 -4.30
CA SER C 71 -7.71 37.49 -3.98
C SER C 71 -7.90 36.30 -3.04
N ARG C 72 -6.84 35.56 -2.79
CA ARG C 72 -6.89 34.42 -1.88
C ARG C 72 -5.51 34.09 -1.33
N ASP C 73 -5.47 33.57 -0.10
CA ASP C 73 -4.25 33.07 0.51
C ASP C 73 -4.47 31.63 0.97
N ASN C 74 -3.84 30.68 0.29
CA ASN C 74 -4.05 29.25 0.54
C ASN C 74 -3.38 28.75 1.83
N ALA C 75 -2.32 29.44 2.26
CA ALA C 75 -1.66 29.11 3.53
C ALA C 75 -2.54 29.48 4.71
N LYS C 76 -3.06 30.71 4.69
CA LYS C 76 -4.00 31.18 5.71
C LYS C 76 -5.41 30.61 5.49
N ASN C 77 -5.63 30.04 4.30
CA ASN C 77 -6.81 29.21 4.02
C ASN C 77 -8.09 30.05 3.93
N SER C 78 -8.05 31.12 3.11
CA SER C 78 -9.15 32.07 3.05
C SER C 78 -9.28 32.81 1.70
N LEU C 79 -10.51 33.29 1.45
CA LEU C 79 -10.86 34.04 0.24
C LEU C 79 -11.13 35.49 0.61
N TYR C 80 -10.83 36.41 -0.31
CA TYR C 80 -10.98 37.85 -0.06
C TYR C 80 -11.68 38.56 -1.22
N LEU C 81 -12.16 39.77 -0.95
CA LEU C 81 -12.83 40.59 -1.97
C LEU C 81 -12.72 42.08 -1.66
N GLN C 82 -11.78 42.76 -2.33
CA GLN C 82 -11.76 44.21 -2.33
C GLN C 82 -12.89 44.70 -3.24
N MET C 83 -13.56 45.76 -2.82
CA MET C 83 -14.61 46.37 -3.62
C MET C 83 -14.63 47.88 -3.36
N ASN C 84 -14.36 48.65 -4.40
CA ASN C 84 -14.37 50.11 -4.36
C ASN C 84 -15.52 50.65 -5.20
N SER C 85 -15.73 51.97 -5.15
CA SER C 85 -16.78 52.64 -5.93
C SER C 85 -18.15 52.01 -5.72
N LEU C 86 -18.48 51.74 -4.46
CA LEU C 86 -19.71 51.00 -4.14
C LEU C 86 -20.97 51.76 -4.52
N ARG C 87 -22.00 51.00 -4.89
CA ARG C 87 -23.28 51.57 -5.33
C ARG C 87 -24.36 51.22 -4.31
N ALA C 88 -25.58 51.68 -4.57
CA ALA C 88 -26.75 51.23 -3.83
C ALA C 88 -27.19 49.85 -4.31
N GLU C 89 -26.93 49.54 -5.58
CA GLU C 89 -27.26 48.23 -6.16
C GLU C 89 -26.29 47.12 -5.75
N ASP C 90 -25.20 47.49 -5.07
CA ASP C 90 -24.30 46.52 -4.45
C ASP C 90 -24.70 46.20 -3.01
N THR C 91 -25.83 46.74 -2.57
CA THR C 91 -26.37 46.45 -1.24
C THR C 91 -26.92 45.02 -1.24
N ALA C 92 -26.20 44.12 -0.58
CA ALA C 92 -26.56 42.70 -0.60
C ALA C 92 -25.82 41.90 0.48
N VAL C 93 -26.25 40.66 0.66
CA VAL C 93 -25.57 39.68 1.49
C VAL C 93 -24.57 38.92 0.62
N TYR C 94 -23.29 39.01 0.95
CA TYR C 94 -22.23 38.42 0.13
C TYR C 94 -21.81 37.05 0.64
N TYR C 95 -21.89 36.05 -0.25
CA TYR C 95 -21.66 34.64 0.08
C TYR C 95 -20.39 34.10 -0.57
N CYS C 96 -19.58 33.46 0.25
CA CYS C 96 -18.36 32.79 -0.18
C CYS C 96 -18.66 31.31 -0.36
N ALA C 97 -18.35 30.77 -1.54
CA ALA C 97 -18.71 29.38 -1.84
C ALA C 97 -17.95 28.81 -3.05
N THR C 98 -17.74 27.50 -3.01
CA THR C 98 -17.35 26.72 -4.19
C THR C 98 -18.63 26.37 -4.94
N LEU C 99 -18.63 26.60 -6.25
CA LEU C 99 -19.80 26.28 -7.08
C LEU C 99 -19.52 25.09 -7.98
N ASN C 100 -18.35 25.07 -8.60
CA ASN C 100 -18.01 24.08 -9.62
C ASN C 100 -17.14 22.94 -9.06
N LEU C 101 -17.66 21.72 -9.12
CA LEU C 101 -16.91 20.53 -8.71
C LEU C 101 -16.05 19.96 -9.85
N GLU C 102 -16.35 20.35 -11.08
CA GLU C 102 -15.52 19.97 -12.22
C GLU C 102 -14.20 20.75 -12.20
N LEU C 103 -14.27 21.99 -11.71
CA LEU C 103 -13.07 22.80 -11.49
C LEU C 103 -12.59 22.66 -10.05
N ALA C 104 -12.11 21.47 -9.70
CA ALA C 104 -11.56 21.20 -8.37
C ALA C 104 -10.80 19.89 -8.38
N VAL C 105 -9.64 19.87 -7.73
CA VAL C 105 -8.83 18.66 -7.62
C VAL C 105 -9.31 17.84 -6.43
N ASP C 106 -9.40 16.53 -6.62
CA ASP C 106 -9.92 15.63 -5.59
C ASP C 106 -11.25 16.19 -5.07
N ALA C 107 -12.18 16.41 -5.99
CA ALA C 107 -13.47 17.04 -5.68
C ALA C 107 -14.27 16.20 -4.68
N ILE C 108 -14.83 16.86 -3.68
CA ILE C 108 -15.72 16.20 -2.71
C ILE C 108 -17.09 16.88 -2.65
N SER C 109 -18.12 16.09 -2.40
CA SER C 109 -19.50 16.58 -2.33
C SER C 109 -19.73 17.47 -1.11
N GLU C 110 -18.97 17.21 -0.04
CA GLU C 110 -19.12 17.95 1.22
C GLU C 110 -18.77 19.43 1.09
N ALA C 111 -17.94 19.77 0.10
CA ALA C 111 -17.44 21.14 -0.06
C ALA C 111 -18.34 22.04 -0.91
N LEU C 112 -19.65 21.76 -0.90
CA LEU C 112 -20.62 22.60 -1.60
C LEU C 112 -21.51 23.34 -0.62
N LYS C 113 -21.10 23.36 0.66
CA LYS C 113 -21.86 24.08 1.69
C LYS C 113 -21.71 25.58 1.45
N TRP C 114 -22.66 26.35 1.99
CA TRP C 114 -22.60 27.80 1.95
C TRP C 114 -22.59 28.34 3.37
N GLY C 115 -21.91 29.46 3.58
CA GLY C 115 -21.86 30.10 4.89
C GLY C 115 -23.08 30.96 5.17
N GLN C 116 -23.02 31.74 6.25
CA GLN C 116 -24.13 32.61 6.62
C GLN C 116 -24.16 33.93 5.86
N GLY C 117 -22.99 34.40 5.43
CA GLY C 117 -22.89 35.62 4.65
C GLY C 117 -22.62 36.83 5.51
N THR C 118 -22.20 37.92 4.86
CA THR C 118 -22.01 39.20 5.53
C THR C 118 -22.83 40.27 4.79
N LEU C 119 -23.69 40.96 5.54
CA LEU C 119 -24.53 42.01 4.95
C LEU C 119 -23.68 43.23 4.65
N VAL C 120 -23.79 43.75 3.43
CA VAL C 120 -23.08 44.95 3.01
C VAL C 120 -24.10 46.02 2.64
N THR C 121 -24.40 46.90 3.58
CA THR C 121 -25.35 47.98 3.37
C THR C 121 -24.60 49.21 2.88
N VAL C 122 -25.00 49.75 1.73
CA VAL C 122 -24.42 50.98 1.20
C VAL C 122 -25.47 52.10 1.29
N SER C 123 -25.19 53.11 2.11
CA SER C 123 -26.14 54.18 2.37
C SER C 123 -25.44 55.46 2.84
N SER C 124 -25.96 56.60 2.41
CA SER C 124 -25.47 57.91 2.86
C SER C 124 -25.79 58.16 4.33
N ALA C 125 -26.80 57.46 4.85
CA ALA C 125 -27.25 57.62 6.24
C ALA C 125 -26.21 57.16 7.25
N SER C 126 -26.34 57.67 8.48
CA SER C 126 -25.38 57.41 9.54
C SER C 126 -25.82 56.25 10.44
N THR C 127 -24.86 55.71 11.18
CA THR C 127 -25.10 54.59 12.08
C THR C 127 -25.85 55.04 13.34
N LYS C 128 -26.78 54.21 13.81
CA LYS C 128 -27.56 54.49 15.01
C LYS C 128 -27.81 53.21 15.83
N GLY C 129 -27.46 53.24 17.11
CA GLY C 129 -27.67 52.10 18.00
C GLY C 129 -29.07 52.08 18.59
N PRO C 130 -29.58 50.88 18.93
CA PRO C 130 -30.95 50.77 19.42
C PRO C 130 -31.08 51.08 20.91
N SER C 131 -32.30 51.43 21.32
CA SER C 131 -32.67 51.46 22.73
C SER C 131 -33.46 50.20 23.02
N VAL C 132 -32.93 49.36 23.89
CA VAL C 132 -33.55 48.07 24.21
C VAL C 132 -34.41 48.18 25.47
N PHE C 133 -35.71 47.93 25.32
CA PHE C 133 -36.65 47.99 26.44
C PHE C 133 -37.19 46.59 26.77
N PRO C 134 -37.49 46.33 28.06
CA PRO C 134 -38.03 45.03 28.46
C PRO C 134 -39.56 44.97 28.35
N LEU C 135 -40.07 43.90 27.74
CA LEU C 135 -41.51 43.67 27.64
C LEU C 135 -41.95 42.68 28.71
N ALA C 136 -42.63 43.18 29.73
CA ALA C 136 -42.96 42.39 30.92
C ALA C 136 -44.23 41.56 30.72
N PRO C 137 -44.25 40.33 31.26
CA PRO C 137 -45.44 39.47 31.24
C PRO C 137 -46.42 39.81 32.36
N SER C 138 -47.53 39.07 32.43
CA SER C 138 -48.53 39.26 33.48
C SER C 138 -49.29 37.96 33.77
N GLY C 144 -53.22 29.62 29.50
CA GLY C 144 -53.62 28.33 30.05
C GLY C 144 -52.43 27.45 30.37
N GLY C 145 -51.53 27.96 31.21
CA GLY C 145 -50.31 27.23 31.61
C GLY C 145 -49.03 27.75 30.97
N THR C 146 -49.13 28.83 30.19
CA THR C 146 -47.97 29.47 29.58
C THR C 146 -48.04 30.99 29.75
N ALA C 147 -46.95 31.66 29.37
CA ALA C 147 -46.87 33.12 29.42
C ALA C 147 -45.98 33.63 28.29
N ALA C 148 -45.88 34.94 28.14
CA ALA C 148 -45.10 35.55 27.06
C ALA C 148 -44.38 36.81 27.51
N LEU C 149 -43.08 36.88 27.20
CA LEU C 149 -42.26 38.06 27.50
C LEU C 149 -41.25 38.30 26.38
N GLY C 150 -40.71 39.52 26.32
CA GLY C 150 -39.80 39.87 25.22
C GLY C 150 -39.00 41.15 25.43
N CYS C 151 -38.24 41.51 24.39
CA CYS C 151 -37.41 42.71 24.40
C CYS C 151 -37.73 43.55 23.16
N LEU C 152 -37.67 44.87 23.32
CA LEU C 152 -38.01 45.80 22.23
C LEU C 152 -36.80 46.58 21.76
N VAL C 153 -36.26 46.19 20.61
CA VAL C 153 -35.10 46.86 20.00
C VAL C 153 -35.59 48.01 19.12
N LYS C 154 -35.58 49.22 19.68
CA LYS C 154 -36.14 50.39 18.98
C LYS C 154 -35.09 51.33 18.38
N ASP C 155 -35.33 51.73 17.13
CA ASP C 155 -34.56 52.77 16.45
C ASP C 155 -33.09 52.44 16.27
N TYR C 156 -32.79 51.66 15.25
CA TYR C 156 -31.41 51.37 14.86
C TYR C 156 -31.27 51.38 13.34
N PHE C 157 -30.04 51.57 12.87
CA PHE C 157 -29.72 51.49 11.45
C PHE C 157 -28.23 51.29 11.26
N PRO C 158 -27.83 50.42 10.32
CA PRO C 158 -28.65 49.58 9.44
C PRO C 158 -28.88 48.20 10.03
N GLU C 159 -29.37 47.27 9.21
CA GLU C 159 -29.48 45.87 9.60
C GLU C 159 -28.08 45.24 9.63
N PRO C 160 -27.93 44.08 10.30
CA PRO C 160 -28.90 43.33 11.08
C PRO C 160 -28.69 43.48 12.58
N VAL C 161 -29.58 42.88 13.36
CA VAL C 161 -29.36 42.70 14.79
C VAL C 161 -29.74 41.27 15.19
N THR C 162 -28.93 40.67 16.06
CA THR C 162 -29.12 39.30 16.48
C THR C 162 -29.55 39.26 17.94
N VAL C 163 -30.78 38.79 18.19
CA VAL C 163 -31.26 38.59 19.55
C VAL C 163 -31.25 37.10 19.86
N SER C 164 -30.46 36.72 20.87
CA SER C 164 -30.54 35.40 21.45
C SER C 164 -31.04 35.54 22.87
N TRP C 165 -31.41 34.44 23.50
CA TRP C 165 -31.87 34.44 24.89
C TRP C 165 -31.00 33.54 25.74
N ASN C 166 -30.39 34.13 26.78
CA ASN C 166 -29.46 33.42 27.66
C ASN C 166 -28.31 32.77 26.89
N SER C 167 -27.60 33.61 26.12
CA SER C 167 -26.37 33.22 25.40
C SER C 167 -26.57 32.12 24.35
N GLY C 168 -27.77 32.03 23.79
CA GLY C 168 -28.09 31.01 22.79
C GLY C 168 -28.50 29.66 23.36
N ALA C 169 -28.82 29.63 24.65
CA ALA C 169 -29.29 28.41 25.32
C ALA C 169 -30.77 28.20 25.05
N LEU C 170 -31.58 29.22 25.34
CA LEU C 170 -33.02 29.17 25.10
C LEU C 170 -33.32 29.34 23.62
N THR C 171 -33.90 28.32 23.02
CA THR C 171 -34.24 28.33 21.58
C THR C 171 -35.74 28.15 21.33
N SER C 172 -36.34 27.15 21.99
CA SER C 172 -37.76 26.86 21.80
C SER C 172 -38.64 27.95 22.40
N GLY C 173 -39.66 28.37 21.64
CA GLY C 173 -40.57 29.43 22.06
C GLY C 173 -40.15 30.83 21.63
N VAL C 174 -38.87 31.00 21.30
CA VAL C 174 -38.33 32.31 20.93
C VAL C 174 -38.74 32.69 19.52
N HIS C 175 -39.33 33.88 19.39
CA HIS C 175 -39.67 34.45 18.09
C HIS C 175 -39.05 35.84 17.98
N THR C 176 -38.11 36.00 17.05
CA THR C 176 -37.54 37.29 16.73
C THR C 176 -38.14 37.77 15.42
N PHE C 177 -39.08 38.71 15.51
CA PHE C 177 -39.80 39.20 14.34
C PHE C 177 -38.92 40.07 13.45
N PRO C 178 -39.13 40.01 12.12
CA PRO C 178 -38.52 40.97 11.20
C PRO C 178 -38.88 42.42 11.54
N ALA C 179 -37.95 43.34 11.29
CA ALA C 179 -38.10 44.72 11.71
C ALA C 179 -39.03 45.52 10.80
N VAL C 180 -39.79 46.44 11.40
CA VAL C 180 -40.43 47.51 10.66
C VAL C 180 -39.35 48.46 10.16
N LEU C 181 -39.54 49.01 8.96
CA LEU C 181 -38.71 50.11 8.49
C LEU C 181 -39.53 51.38 8.58
N GLN C 182 -39.42 52.06 9.72
CA GLN C 182 -40.22 53.24 10.02
C GLN C 182 -39.94 54.38 9.05
N SER C 183 -40.93 55.27 8.90
CA SER C 183 -40.81 56.43 8.02
C SER C 183 -39.57 57.28 8.34
N SER C 184 -39.19 57.30 9.61
CA SER C 184 -37.97 57.99 10.06
C SER C 184 -36.70 57.47 9.37
N GLY C 185 -36.72 56.21 8.95
CA GLY C 185 -35.58 55.58 8.27
C GLY C 185 -34.78 54.67 9.19
N LEU C 186 -35.18 54.59 10.46
CA LEU C 186 -34.53 53.73 11.45
C LEU C 186 -35.31 52.43 11.62
N TYR C 187 -34.60 51.30 11.59
CA TYR C 187 -35.22 50.01 11.82
C TYR C 187 -35.61 49.84 13.28
N SER C 188 -36.53 48.91 13.53
CA SER C 188 -37.01 48.63 14.88
C SER C 188 -37.71 47.28 14.92
N LEU C 189 -37.30 46.41 15.85
CA LEU C 189 -37.92 45.10 16.00
C LEU C 189 -38.07 44.72 17.47
N SER C 190 -38.63 43.54 17.71
CA SER C 190 -38.75 43.01 19.06
C SER C 190 -38.71 41.48 19.03
N SER C 191 -38.08 40.90 20.05
CA SER C 191 -37.97 39.45 20.17
C SER C 191 -38.80 38.98 21.35
N VAL C 192 -39.64 37.97 21.12
CA VAL C 192 -40.55 37.44 22.14
C VAL C 192 -40.20 35.98 22.43
N VAL C 193 -40.49 35.54 23.64
CA VAL C 193 -40.38 34.12 23.99
C VAL C 193 -41.52 33.70 24.92
N THR C 194 -42.21 32.63 24.54
CA THR C 194 -43.27 32.06 25.38
C THR C 194 -42.65 31.03 26.33
N VAL C 195 -43.13 31.01 27.57
CA VAL C 195 -42.53 30.17 28.62
C VAL C 195 -43.59 29.56 29.54
N PRO C 196 -43.22 28.49 30.28
CA PRO C 196 -44.10 27.93 31.30
C PRO C 196 -44.47 28.95 32.38
N SER C 197 -45.74 28.93 32.78
CA SER C 197 -46.26 29.88 33.78
C SER C 197 -45.76 29.54 35.19
N THR C 204 -34.35 33.15 35.37
CA THR C 204 -34.02 34.45 34.83
C THR C 204 -33.94 34.40 33.30
N TYR C 205 -34.51 35.41 32.65
CA TYR C 205 -34.53 35.50 31.20
C TYR C 205 -33.85 36.78 30.75
N ILE C 206 -32.78 36.64 29.98
CA ILE C 206 -31.98 37.76 29.51
C ILE C 206 -31.83 37.68 28.00
N CYS C 207 -32.26 38.74 27.30
CA CYS C 207 -32.11 38.82 25.85
C CYS C 207 -30.77 39.47 25.51
N ASN C 208 -30.07 38.88 24.53
CA ASN C 208 -28.74 39.36 24.13
C ASN C 208 -28.80 40.09 22.79
N VAL C 209 -28.93 41.41 22.83
CA VAL C 209 -29.02 42.23 21.62
C VAL C 209 -27.62 42.63 21.15
N ASN C 210 -27.39 42.54 19.85
CA ASN C 210 -26.10 42.90 19.25
C ASN C 210 -26.25 43.55 17.88
N HIS C 211 -26.00 44.85 17.83
CA HIS C 211 -26.00 45.61 16.59
C HIS C 211 -24.54 45.89 16.21
N LYS C 212 -24.06 45.20 15.18
CA LYS C 212 -22.63 45.21 14.82
C LYS C 212 -22.14 46.53 14.20
N PRO C 213 -22.87 47.07 13.20
CA PRO C 213 -22.45 48.36 12.63
C PRO C 213 -22.35 49.47 13.69
N SER C 214 -23.35 49.56 14.56
CA SER C 214 -23.31 50.47 15.70
C SER C 214 -22.36 49.96 16.77
N ASN C 215 -22.07 48.66 16.73
CA ASN C 215 -21.08 48.02 17.61
C ASN C 215 -21.59 47.97 19.05
N THR C 216 -22.92 47.82 19.19
CA THR C 216 -23.58 47.81 20.49
C THR C 216 -23.74 46.38 21.00
N LYS C 217 -23.76 46.22 22.31
CA LYS C 217 -23.99 44.91 22.94
C LYS C 217 -24.76 45.09 24.25
N VAL C 218 -26.08 44.96 24.19
CA VAL C 218 -26.94 45.08 25.37
C VAL C 218 -27.51 43.71 25.74
N ASP C 219 -27.41 43.36 27.02
CA ASP C 219 -27.95 42.12 27.54
C ASP C 219 -29.01 42.46 28.59
N LYS C 220 -30.25 42.62 28.15
CA LYS C 220 -31.32 43.13 28.99
C LYS C 220 -32.04 42.03 29.76
N LYS C 221 -32.16 42.23 31.07
CA LYS C 221 -32.87 41.29 31.95
C LYS C 221 -34.34 41.68 32.03
N VAL C 222 -35.22 40.74 31.69
CA VAL C 222 -36.67 40.96 31.74
C VAL C 222 -37.24 40.45 33.06
N GLU C 223 -37.98 41.30 33.76
CA GLU C 223 -38.59 40.95 35.04
C GLU C 223 -40.06 41.42 35.09
N PRO C 224 -40.89 40.73 35.89
CA PRO C 224 -42.30 41.10 35.98
C PRO C 224 -42.54 42.31 36.85
N TYR D 2 -24.98 35.50 -21.15
CA TYR D 2 -25.43 34.10 -20.88
C TYR D 2 -26.23 34.03 -19.59
N GLU D 3 -27.45 33.51 -19.67
CA GLU D 3 -28.33 33.36 -18.50
C GLU D 3 -29.08 32.05 -18.53
N LEU D 4 -29.47 31.57 -17.35
CA LEU D 4 -30.22 30.33 -17.20
C LEU D 4 -31.68 30.63 -16.91
N THR D 5 -32.58 30.12 -17.75
CA THR D 5 -34.01 30.45 -17.63
C THR D 5 -34.80 29.38 -16.89
N GLN D 6 -35.42 29.77 -15.77
CA GLN D 6 -36.36 28.91 -15.05
C GLN D 6 -37.60 29.71 -14.70
N PRO D 7 -38.76 29.04 -14.63
CA PRO D 7 -40.01 29.75 -14.37
C PRO D 7 -40.01 30.38 -12.98
N PRO D 8 -40.42 31.66 -12.87
CA PRO D 8 -40.38 32.34 -11.57
C PRO D 8 -41.31 31.73 -10.52
N SER D 9 -42.37 31.05 -10.96
CA SER D 9 -43.35 30.45 -10.05
C SER D 9 -43.83 29.08 -10.54
N VAL D 10 -44.01 28.16 -9.59
CA VAL D 10 -44.64 26.86 -9.84
C VAL D 10 -45.46 26.47 -8.61
N SER D 11 -46.70 26.03 -8.85
CA SER D 11 -47.62 25.66 -7.77
C SER D 11 -47.93 24.17 -7.81
N VAL D 12 -47.90 23.52 -6.64
CA VAL D 12 -48.15 22.08 -6.52
C VAL D 12 -48.90 21.80 -5.22
N SER D 13 -49.56 20.65 -5.15
CA SER D 13 -50.21 20.19 -3.91
C SER D 13 -49.43 19.05 -3.26
N PRO D 14 -49.58 18.87 -1.94
CA PRO D 14 -48.92 17.78 -1.22
C PRO D 14 -49.12 16.41 -1.86
N GLY D 15 -48.05 15.62 -1.92
CA GLY D 15 -48.11 14.26 -2.46
C GLY D 15 -47.97 14.16 -3.97
N GLN D 16 -47.85 15.30 -4.65
CA GLN D 16 -47.74 15.32 -6.11
C GLN D 16 -46.30 15.51 -6.56
N THR D 17 -46.03 15.12 -7.81
CA THR D 17 -44.68 15.18 -8.37
C THR D 17 -44.42 16.53 -9.02
N ALA D 18 -43.55 17.32 -8.39
CA ALA D 18 -43.18 18.64 -8.92
C ALA D 18 -42.05 18.50 -9.92
N ARG D 19 -41.98 19.44 -10.87
CA ARG D 19 -40.89 19.51 -11.83
C ARG D 19 -40.49 20.95 -12.09
N ILE D 20 -39.22 21.28 -11.82
CA ILE D 20 -38.67 22.60 -12.10
C ILE D 20 -37.53 22.44 -13.09
N THR D 21 -37.61 23.16 -14.22
CA THR D 21 -36.66 23.00 -15.32
C THR D 21 -35.85 24.27 -15.61
N CYS D 22 -34.58 24.08 -15.95
CA CYS D 22 -33.72 25.18 -16.38
C CYS D 22 -33.30 24.98 -17.83
N SER D 23 -32.99 26.09 -18.49
CA SER D 23 -32.59 26.10 -19.89
C SER D 23 -31.31 26.91 -20.06
N GLY D 24 -30.48 26.50 -21.01
CA GLY D 24 -29.24 27.20 -21.29
C GLY D 24 -28.50 26.57 -22.45
N ASP D 25 -27.75 27.38 -23.18
CA ASP D 25 -27.04 26.91 -24.37
C ASP D 25 -25.85 26.00 -24.02
N ALA D 26 -25.28 26.18 -22.83
CA ALA D 26 -24.07 25.45 -22.43
C ALA D 26 -24.36 24.19 -21.61
N LEU D 27 -25.62 23.80 -21.48
CA LEU D 27 -25.99 22.62 -20.69
C LEU D 27 -25.50 21.30 -21.29
N PRO D 28 -25.45 21.19 -22.63
CA PRO D 28 -24.79 20.03 -23.23
C PRO D 28 -23.35 19.85 -22.76
N LYS D 29 -22.61 20.95 -22.65
CA LYS D 29 -21.23 20.92 -22.14
C LYS D 29 -21.18 20.75 -20.61
N GLN D 30 -21.88 21.64 -19.90
CA GLN D 30 -21.64 21.86 -18.48
C GLN D 30 -22.71 21.24 -17.58
N PHE D 31 -22.29 20.87 -16.38
CA PHE D 31 -23.20 20.32 -15.36
C PHE D 31 -23.94 21.44 -14.64
N ALA D 32 -25.11 21.09 -14.09
CA ALA D 32 -25.92 22.04 -13.33
C ALA D 32 -25.92 21.66 -11.86
N TYR D 33 -26.46 22.56 -11.04
CA TYR D 33 -26.63 22.33 -9.61
C TYR D 33 -27.96 22.95 -9.18
N TRP D 34 -28.56 22.44 -8.09
CA TRP D 34 -29.85 22.95 -7.61
C TRP D 34 -29.79 23.30 -6.14
N TYR D 35 -30.16 24.53 -5.80
CA TYR D 35 -30.13 25.01 -4.42
C TYR D 35 -31.53 25.35 -3.92
N GLN D 36 -31.93 24.74 -2.81
CA GLN D 36 -33.14 25.12 -2.09
C GLN D 36 -32.79 26.28 -1.14
N GLN D 37 -33.68 27.27 -1.06
CA GLN D 37 -33.52 28.37 -0.09
C GLN D 37 -34.82 28.66 0.64
N LYS D 38 -34.77 28.57 1.97
CA LYS D 38 -35.90 28.91 2.82
C LYS D 38 -35.72 30.32 3.40
N PRO D 39 -36.83 30.95 3.85
CA PRO D 39 -36.81 32.28 4.45
C PRO D 39 -35.74 32.48 5.53
N GLY D 40 -34.95 33.54 5.39
CA GLY D 40 -33.93 33.89 6.38
C GLY D 40 -32.82 32.86 6.55
N GLN D 41 -32.55 32.11 5.49
CA GLN D 41 -31.53 31.05 5.52
C GLN D 41 -30.70 31.05 4.24
N ALA D 42 -29.50 30.48 4.34
CA ALA D 42 -28.59 30.39 3.21
C ALA D 42 -29.04 29.27 2.27
N PRO D 43 -28.61 29.33 0.98
CA PRO D 43 -28.91 28.25 0.05
C PRO D 43 -28.28 26.92 0.45
N VAL D 44 -29.00 25.83 0.19
CA VAL D 44 -28.53 24.47 0.46
C VAL D 44 -28.75 23.61 -0.77
N VAL D 45 -27.74 22.84 -1.16
CA VAL D 45 -27.82 22.00 -2.37
C VAL D 45 -28.80 20.85 -2.15
N MET D 46 -29.70 20.66 -3.12
CA MET D 46 -30.58 19.49 -3.13
C MET D 46 -30.01 18.42 -4.06
N ILE D 47 -29.57 18.85 -5.24
CA ILE D 47 -28.92 17.96 -6.21
C ILE D 47 -27.70 18.65 -6.80
N TYR D 48 -26.67 17.88 -7.10
CA TYR D 48 -25.47 18.40 -7.77
C TYR D 48 -25.11 17.52 -8.96
N LYS D 49 -24.27 18.06 -9.84
CA LYS D 49 -23.90 17.42 -11.10
C LYS D 49 -25.12 16.72 -11.71
N ASP D 50 -26.13 17.52 -12.05
CA ASP D 50 -27.37 17.03 -12.67
C ASP D 50 -28.19 16.07 -11.80
N SER D 51 -27.62 14.92 -11.46
CA SER D 51 -28.38 13.81 -10.90
C SER D 51 -27.82 13.21 -9.61
N GLU D 52 -26.87 13.88 -8.97
CA GLU D 52 -26.24 13.34 -7.76
C GLU D 52 -26.78 13.99 -6.48
N ARG D 53 -27.36 13.17 -5.61
CA ARG D 53 -27.96 13.65 -4.36
C ARG D 53 -26.94 13.56 -3.21
N PRO D 54 -26.88 14.61 -2.36
CA PRO D 54 -26.04 14.49 -1.16
C PRO D 54 -26.69 13.66 -0.07
N SER D 55 -25.88 13.12 0.83
CA SER D 55 -26.39 12.42 2.00
C SER D 55 -27.07 13.44 2.90
N GLY D 56 -28.28 13.12 3.36
CA GLY D 56 -29.08 14.04 4.17
C GLY D 56 -30.32 14.53 3.43
N ILE D 57 -30.20 14.67 2.11
CA ILE D 57 -31.33 15.10 1.28
C ILE D 57 -32.28 13.93 1.06
N PRO D 58 -33.60 14.16 1.19
CA PRO D 58 -34.57 13.08 0.98
C PRO D 58 -34.55 12.48 -0.43
N GLU D 59 -34.98 11.21 -0.53
CA GLU D 59 -35.04 10.51 -1.81
C GLU D 59 -36.06 11.14 -2.78
N ARG D 60 -37.00 11.90 -2.22
CA ARG D 60 -37.94 12.71 -3.02
C ARG D 60 -37.23 13.45 -4.14
N PHE D 61 -36.08 14.04 -3.80
CA PHE D 61 -35.33 14.89 -4.70
C PHE D 61 -34.46 14.08 -5.66
N SER D 62 -34.66 14.31 -6.95
CA SER D 62 -33.90 13.65 -8.00
C SER D 62 -33.74 14.61 -9.18
N GLY D 63 -32.66 14.44 -9.93
CA GLY D 63 -32.36 15.33 -11.04
C GLY D 63 -32.07 14.57 -12.31
N SER D 64 -32.60 15.09 -13.43
CA SER D 64 -32.36 14.51 -14.74
C SER D 64 -31.91 15.60 -15.71
N SER D 65 -31.31 15.16 -16.81
CA SER D 65 -30.84 16.07 -17.85
C SER D 65 -31.13 15.51 -19.24
N SER D 66 -31.54 16.39 -20.15
CA SER D 66 -31.70 16.05 -21.56
C SER D 66 -31.41 17.28 -22.40
N GLY D 67 -30.33 17.22 -23.18
CA GLY D 67 -29.94 18.32 -24.06
C GLY D 67 -29.71 19.63 -23.31
N THR D 68 -30.42 20.66 -23.75
CA THR D 68 -30.25 22.00 -23.18
C THR D 68 -31.18 22.26 -21.99
N THR D 69 -31.83 21.22 -21.47
CA THR D 69 -32.67 21.34 -20.28
C THR D 69 -32.19 20.43 -19.14
N VAL D 70 -32.42 20.88 -17.92
CA VAL D 70 -32.10 20.11 -16.72
C VAL D 70 -33.27 20.27 -15.76
N THR D 71 -33.81 19.15 -15.27
CA THR D 71 -35.08 19.17 -14.55
C THR D 71 -34.96 18.56 -13.16
N SER D 72 -35.04 19.41 -12.13
CA SER D 72 -35.12 18.97 -10.75
C SER D 72 -36.53 18.46 -10.46
N THR D 73 -36.63 17.30 -9.81
CA THR D 73 -37.92 16.64 -9.59
C THR D 73 -38.11 16.30 -8.12
N ILE D 74 -39.27 16.68 -7.58
CA ILE D 74 -39.61 16.40 -6.19
C ILE D 74 -40.88 15.54 -6.18
N SER D 75 -40.75 14.30 -5.72
CA SER D 75 -41.87 13.36 -5.68
C SER D 75 -42.53 13.37 -4.31
N GLY D 76 -43.84 13.15 -4.28
CA GLY D 76 -44.60 13.17 -3.03
C GLY D 76 -44.32 14.41 -2.21
N VAL D 77 -44.39 15.57 -2.87
CA VAL D 77 -43.97 16.85 -2.27
C VAL D 77 -44.62 17.07 -0.91
N GLN D 78 -43.83 17.61 0.02
CA GLN D 78 -44.29 17.90 1.36
C GLN D 78 -44.29 19.41 1.57
N ALA D 79 -45.06 19.88 2.55
CA ALA D 79 -45.10 21.30 2.89
C ALA D 79 -43.71 21.82 3.27
N GLU D 80 -42.90 20.93 3.85
CA GLU D 80 -41.48 21.20 4.14
C GLU D 80 -40.75 21.82 2.96
N ASP D 81 -41.09 21.36 1.75
CA ASP D 81 -40.37 21.72 0.53
C ASP D 81 -40.76 23.08 -0.08
N GLU D 82 -41.72 23.78 0.54
CA GLU D 82 -42.12 25.10 0.07
C GLU D 82 -40.94 26.05 0.24
N ALA D 83 -40.34 26.46 -0.87
CA ALA D 83 -39.12 27.25 -0.86
C ALA D 83 -38.73 27.65 -2.28
N ASP D 84 -37.74 28.53 -2.39
CA ASP D 84 -37.21 28.91 -3.70
C ASP D 84 -36.14 27.90 -4.12
N TYR D 85 -36.11 27.57 -5.41
CA TYR D 85 -35.12 26.65 -5.97
C TYR D 85 -34.39 27.33 -7.13
N TYR D 86 -33.09 27.53 -6.98
CA TYR D 86 -32.26 28.14 -8.03
C TYR D 86 -31.37 27.08 -8.66
N CYS D 87 -31.20 27.16 -9.98
CA CYS D 87 -30.25 26.29 -10.66
C CYS D 87 -28.96 27.06 -10.96
N GLN D 88 -27.84 26.34 -10.92
CA GLN D 88 -26.51 26.95 -11.04
C GLN D 88 -25.69 26.21 -12.10
N SER D 89 -24.96 26.97 -12.91
CA SER D 89 -24.12 26.39 -13.95
C SER D 89 -23.13 27.44 -14.48
N VAL D 90 -22.13 26.98 -15.24
CA VAL D 90 -21.20 27.87 -15.95
C VAL D 90 -21.63 28.04 -17.40
N ASP D 91 -21.08 29.07 -18.05
CA ASP D 91 -21.23 29.24 -19.49
C ASP D 91 -20.33 28.23 -20.20
N ASN D 92 -20.42 28.18 -21.53
CA ASN D 92 -19.71 27.15 -22.30
C ASN D 92 -18.18 27.32 -22.33
N SER D 93 -17.69 28.51 -22.00
CA SER D 93 -16.26 28.72 -21.81
C SER D 93 -15.80 28.06 -20.50
N GLY D 94 -16.67 28.07 -19.50
CA GLY D 94 -16.42 27.44 -18.21
C GLY D 94 -15.86 28.39 -17.16
N THR D 95 -15.91 29.69 -17.44
CA THR D 95 -15.32 30.70 -16.56
C THR D 95 -16.36 31.59 -15.87
N TYR D 96 -17.43 31.95 -16.58
CA TYR D 96 -18.47 32.82 -16.03
C TYR D 96 -19.63 32.02 -15.44
N GLU D 97 -19.68 31.96 -14.11
CA GLU D 97 -20.72 31.24 -13.39
C GLU D 97 -22.03 32.02 -13.40
N VAL D 98 -23.15 31.29 -13.40
CA VAL D 98 -24.48 31.92 -13.49
C VAL D 98 -25.52 31.21 -12.63
N PHE D 99 -26.41 31.98 -12.01
CA PHE D 99 -27.60 31.46 -11.35
C PHE D 99 -28.83 31.77 -12.19
N GLY D 100 -29.87 30.95 -12.05
CA GLY D 100 -31.13 31.19 -12.73
C GLY D 100 -31.96 32.23 -12.01
N GLY D 101 -33.10 32.60 -12.59
CA GLY D 101 -33.97 33.62 -12.01
C GLY D 101 -34.51 33.26 -10.63
N GLY D 102 -34.63 31.97 -10.37
CA GLY D 102 -35.18 31.47 -9.11
C GLY D 102 -36.64 31.11 -9.29
N THR D 103 -37.03 29.94 -8.78
CA THR D 103 -38.40 29.44 -8.90
C THR D 103 -39.05 29.35 -7.52
N GLN D 104 -40.10 30.15 -7.32
CA GLN D 104 -40.88 30.12 -6.09
C GLN D 104 -41.84 28.94 -6.13
N LEU D 105 -41.51 27.87 -5.40
CA LEU D 105 -42.37 26.70 -5.33
C LEU D 105 -43.38 26.87 -4.19
N THR D 106 -44.64 27.13 -4.56
CA THR D 106 -45.70 27.29 -3.56
C THR D 106 -46.50 26.01 -3.43
N VAL D 107 -46.67 25.53 -2.20
CA VAL D 107 -47.48 24.34 -1.95
C VAL D 107 -48.90 24.72 -1.56
N LEU D 108 -49.88 24.10 -2.22
CA LEU D 108 -51.29 24.45 -2.05
C LEU D 108 -51.97 23.60 -0.98
N GLY D 109 -53.21 23.95 -0.66
CA GLY D 109 -54.01 23.19 0.30
C GLY D 109 -53.58 23.36 1.74
N GLN D 110 -52.80 24.40 2.02
CA GLN D 110 -52.36 24.70 3.38
C GLN D 110 -53.60 25.16 4.16
N PRO D 111 -53.88 24.53 5.33
CA PRO D 111 -55.11 24.86 6.05
C PRO D 111 -55.12 26.24 6.69
N LYS D 112 -56.31 26.83 6.77
CA LYS D 112 -56.53 28.17 7.32
C LYS D 112 -56.08 28.26 8.78
N ALA D 113 -55.00 29.00 9.01
CA ALA D 113 -54.43 29.14 10.37
C ALA D 113 -54.77 30.52 10.95
N ALA D 114 -55.31 30.53 12.15
CA ALA D 114 -55.68 31.77 12.85
C ALA D 114 -54.45 32.38 13.51
N PRO D 115 -54.36 33.73 13.51
CA PRO D 115 -53.18 34.41 14.05
C PRO D 115 -53.16 34.47 15.58
N SER D 116 -52.03 34.12 16.17
CA SER D 116 -51.82 34.28 17.60
C SER D 116 -51.35 35.71 17.89
N VAL D 117 -51.94 36.33 18.91
CA VAL D 117 -51.70 37.75 19.21
C VAL D 117 -51.27 37.95 20.65
N THR D 118 -50.14 38.65 20.84
CA THR D 118 -49.70 39.08 22.17
C THR D 118 -49.40 40.57 22.14
N LEU D 119 -50.13 41.33 22.96
CA LEU D 119 -49.99 42.79 23.01
C LEU D 119 -49.17 43.19 24.23
N PHE D 120 -48.04 43.86 24.00
CA PHE D 120 -47.20 44.36 25.09
C PHE D 120 -47.38 45.86 25.26
N PRO D 121 -47.58 46.33 26.51
CA PRO D 121 -47.69 47.76 26.76
C PRO D 121 -46.31 48.44 26.81
N PRO D 122 -46.28 49.78 26.88
CA PRO D 122 -45.02 50.50 27.03
C PRO D 122 -44.33 50.12 28.33
N SER D 123 -43.03 49.83 28.24
CA SER D 123 -42.24 49.43 29.41
C SER D 123 -42.13 50.57 30.42
N SER D 124 -41.82 50.20 31.66
CA SER D 124 -41.59 51.19 32.72
C SER D 124 -40.40 52.09 32.36
N GLU D 125 -39.41 51.51 31.67
CA GLU D 125 -38.21 52.23 31.25
C GLU D 125 -38.47 53.25 30.14
N GLU D 126 -39.30 52.86 29.15
CA GLU D 126 -39.58 53.71 28.01
C GLU D 126 -40.36 54.97 28.39
N LEU D 127 -41.19 54.87 29.42
CA LEU D 127 -41.94 56.03 29.94
C LEU D 127 -41.02 57.06 30.60
N GLN D 128 -39.88 56.61 31.12
CA GLN D 128 -38.87 57.51 31.69
C GLN D 128 -38.10 58.27 30.61
N ALA D 129 -38.12 57.76 29.39
CA ALA D 129 -37.51 58.44 28.23
C ALA D 129 -38.51 59.36 27.52
N ASN D 130 -39.72 59.47 28.05
CA ASN D 130 -40.77 60.34 27.52
C ASN D 130 -41.40 59.83 26.21
N LYS D 131 -41.24 58.53 25.94
CA LYS D 131 -41.91 57.87 24.81
C LYS D 131 -42.80 56.75 25.34
N ALA D 132 -43.58 56.16 24.45
CA ALA D 132 -44.44 55.02 24.79
C ALA D 132 -44.82 54.26 23.53
N THR D 133 -44.35 53.02 23.43
CA THR D 133 -44.59 52.19 22.24
C THR D 133 -45.33 50.93 22.64
N LEU D 134 -46.53 50.76 22.07
CA LEU D 134 -47.32 49.54 22.26
C LEU D 134 -46.93 48.54 21.18
N VAL D 135 -46.57 47.33 21.61
CA VAL D 135 -46.05 46.31 20.69
C VAL D 135 -47.07 45.19 20.49
N CYS D 136 -47.56 45.06 19.26
CA CYS D 136 -48.50 44.00 18.89
C CYS D 136 -47.79 42.97 18.02
N LEU D 137 -47.64 41.75 18.54
CA LEU D 137 -46.97 40.67 17.82
C LEU D 137 -47.97 39.65 17.31
N ILE D 138 -47.95 39.42 15.99
CA ILE D 138 -48.94 38.58 15.32
C ILE D 138 -48.22 37.43 14.62
N SER D 139 -48.51 36.20 15.04
CA SER D 139 -47.77 35.02 14.57
C SER D 139 -48.66 33.85 14.15
N ASP D 140 -48.14 33.04 13.24
CA ASP D 140 -48.77 31.78 12.81
C ASP D 140 -50.13 31.95 12.15
N PHE D 141 -50.16 32.57 10.99
CA PHE D 141 -51.39 32.69 10.20
C PHE D 141 -51.13 32.39 8.72
N TYR D 142 -52.08 31.69 8.10
CA TYR D 142 -52.03 31.38 6.67
C TYR D 142 -53.44 31.53 6.09
N PRO D 143 -53.57 32.17 4.92
CA PRO D 143 -52.52 32.75 4.07
C PRO D 143 -51.87 33.99 4.66
N GLY D 144 -50.81 34.47 4.01
CA GLY D 144 -49.98 35.56 4.54
C GLY D 144 -50.50 36.95 4.23
N ALA D 145 -51.55 37.36 4.94
CA ALA D 145 -52.13 38.70 4.77
C ALA D 145 -53.14 39.01 5.87
N VAL D 146 -52.99 40.17 6.51
CA VAL D 146 -53.92 40.63 7.55
C VAL D 146 -54.14 42.13 7.44
N THR D 147 -55.05 42.65 8.25
CA THR D 147 -55.22 44.09 8.42
C THR D 147 -55.29 44.40 9.92
N VAL D 148 -54.72 45.53 10.31
CA VAL D 148 -54.54 45.87 11.73
C VAL D 148 -55.23 47.19 12.05
N ALA D 149 -56.10 47.16 13.06
CA ALA D 149 -56.84 48.34 13.49
C ALA D 149 -56.52 48.66 14.96
N TRP D 150 -55.85 49.78 15.19
CA TRP D 150 -55.55 50.23 16.54
C TRP D 150 -56.70 51.07 17.07
N LYS D 151 -57.24 50.68 18.23
CA LYS D 151 -58.40 51.33 18.82
C LYS D 151 -58.07 51.94 20.18
N ALA D 152 -57.96 53.27 20.21
CA ALA D 152 -57.72 53.98 21.47
C ALA D 152 -59.03 54.17 22.21
N ASP D 153 -59.43 53.14 22.94
CA ASP D 153 -60.63 53.18 23.77
C ASP D 153 -61.89 53.32 22.88
N SER D 154 -61.99 52.39 21.93
CA SER D 154 -63.07 52.37 20.91
C SER D 154 -62.81 53.30 19.71
N SER D 155 -62.01 54.35 19.90
CA SER D 155 -61.69 55.29 18.82
C SER D 155 -60.57 54.72 17.94
N PRO D 156 -60.76 54.73 16.61
CA PRO D 156 -59.70 54.23 15.74
C PRO D 156 -58.52 55.20 15.67
N VAL D 157 -57.31 54.66 15.74
CA VAL D 157 -56.08 55.46 15.69
C VAL D 157 -55.42 55.30 14.33
N LYS D 158 -54.73 56.35 13.90
CA LYS D 158 -54.02 56.35 12.62
C LYS D 158 -52.56 56.80 12.73
N ALA D 159 -52.31 57.85 13.53
CA ALA D 159 -50.95 58.39 13.70
C ALA D 159 -50.06 57.48 14.53
N GLY D 160 -48.77 57.47 14.20
CA GLY D 160 -47.78 56.69 14.93
C GLY D 160 -47.85 55.19 14.72
N VAL D 161 -48.59 54.74 13.72
CA VAL D 161 -48.76 53.31 13.44
C VAL D 161 -47.73 52.86 12.42
N GLU D 162 -46.99 51.81 12.78
CA GLU D 162 -46.02 51.18 11.89
C GLU D 162 -46.28 49.68 11.90
N THR D 163 -46.76 49.15 10.77
CA THR D 163 -47.09 47.73 10.65
C THR D 163 -46.20 47.07 9.61
N THR D 164 -45.65 45.91 9.96
CA THR D 164 -44.78 45.16 9.04
C THR D 164 -45.55 44.56 7.89
N THR D 165 -44.85 44.29 6.80
CA THR D 165 -45.37 43.44 5.74
C THR D 165 -45.29 41.98 6.25
N PRO D 166 -46.22 41.11 5.80
CA PRO D 166 -46.18 39.72 6.30
C PRO D 166 -44.92 38.97 5.87
N SER D 167 -44.41 38.12 6.74
CA SER D 167 -43.14 37.43 6.50
C SER D 167 -43.27 35.90 6.67
N LYS D 168 -42.80 35.18 5.66
CA LYS D 168 -42.84 33.72 5.65
C LYS D 168 -41.90 33.11 6.70
N GLN D 169 -42.44 32.21 7.53
CA GLN D 169 -41.68 31.59 8.61
C GLN D 169 -41.15 30.21 8.22
N SER D 170 -40.54 29.51 9.18
CA SER D 170 -40.07 28.14 8.98
C SER D 170 -41.24 27.15 8.85
N ASN D 171 -42.20 27.26 9.76
CA ASN D 171 -43.38 26.37 9.78
C ASN D 171 -44.38 26.65 8.64
N ASN D 172 -44.05 27.61 7.78
CA ASN D 172 -44.83 27.93 6.56
C ASN D 172 -46.09 28.77 6.78
N SER D 173 -46.40 29.11 8.03
CA SER D 173 -47.38 30.15 8.31
C SER D 173 -46.65 31.49 8.34
N TYR D 174 -47.37 32.59 8.50
CA TYR D 174 -46.75 33.92 8.42
C TYR D 174 -46.73 34.64 9.77
N ALA D 175 -45.97 35.74 9.82
CA ALA D 175 -45.84 36.54 11.03
C ALA D 175 -45.73 38.03 10.70
N ALA D 176 -46.19 38.86 11.64
CA ALA D 176 -46.13 40.31 11.49
C ALA D 176 -46.08 40.98 12.87
N SER D 177 -45.86 42.29 12.86
CA SER D 177 -45.82 43.06 14.09
C SER D 177 -46.19 44.53 13.83
N SER D 178 -47.01 45.10 14.71
CA SER D 178 -47.45 46.49 14.58
C SER D 178 -47.01 47.30 15.80
N TYR D 179 -46.47 48.49 15.55
CA TYR D 179 -45.95 49.36 16.61
C TYR D 179 -46.70 50.69 16.64
N LEU D 180 -47.54 50.88 17.66
CA LEU D 180 -48.26 52.14 17.87
C LEU D 180 -47.41 53.08 18.73
N SER D 181 -47.15 54.28 18.22
CA SER D 181 -46.36 55.28 18.94
C SER D 181 -47.26 56.29 19.66
N LEU D 182 -47.05 56.40 20.98
CA LEU D 182 -47.78 57.37 21.80
C LEU D 182 -46.81 58.17 22.66
N THR D 183 -47.29 59.29 23.19
CA THR D 183 -46.61 59.97 24.28
C THR D 183 -47.13 59.38 25.59
N PRO D 184 -46.39 59.57 26.69
CA PRO D 184 -46.85 59.10 28.00
C PRO D 184 -48.28 59.51 28.34
N GLU D 185 -48.60 60.79 28.14
CA GLU D 185 -49.96 61.30 28.42
C GLU D 185 -51.01 60.69 27.50
N GLN D 186 -50.72 60.58 26.21
CA GLN D 186 -51.65 59.94 25.26
C GLN D 186 -51.98 58.54 25.74
N TRP D 187 -50.94 57.77 26.01
CA TRP D 187 -51.07 56.44 26.60
C TRP D 187 -51.89 56.55 27.89
N LYS D 188 -51.48 57.42 28.82
CA LYS D 188 -52.11 57.49 30.16
C LYS D 188 -53.51 58.12 30.26
N SER D 189 -53.95 58.78 29.19
CA SER D 189 -55.26 59.45 29.20
C SER D 189 -56.42 58.56 28.75
N HIS D 190 -56.16 57.26 28.59
CA HIS D 190 -57.20 56.29 28.22
C HIS D 190 -57.23 55.10 29.16
N ARG D 191 -58.42 54.53 29.35
CA ARG D 191 -58.58 53.37 30.22
C ARG D 191 -58.12 52.09 29.52
N SER D 192 -57.91 52.17 28.21
CA SER D 192 -57.54 51.00 27.41
C SER D 192 -57.19 51.36 25.96
N TYR D 193 -56.20 50.66 25.42
CA TYR D 193 -55.96 50.62 23.97
C TYR D 193 -56.16 49.19 23.50
N SER D 194 -56.23 48.98 22.19
CA SER D 194 -56.46 47.65 21.64
C SER D 194 -55.80 47.45 20.28
N CYS D 195 -55.25 46.26 20.06
CA CYS D 195 -54.75 45.84 18.77
C CYS D 195 -55.74 44.83 18.19
N GLN D 196 -56.38 45.19 17.08
CA GLN D 196 -57.36 44.34 16.43
C GLN D 196 -56.86 43.87 15.07
N VAL D 197 -56.43 42.61 15.01
CA VAL D 197 -55.92 42.03 13.78
C VAL D 197 -57.06 41.25 13.10
N THR D 198 -57.26 41.51 11.82
CA THR D 198 -58.30 40.82 11.05
C THR D 198 -57.66 39.87 10.04
N HIS D 199 -58.17 38.64 10.00
CA HIS D 199 -57.64 37.60 9.11
C HIS D 199 -58.77 36.73 8.58
N GLU D 200 -59.02 36.83 7.27
CA GLU D 200 -60.07 36.04 6.61
C GLU D 200 -61.42 36.21 7.31
N GLY D 201 -61.88 37.45 7.39
CA GLY D 201 -63.17 37.78 8.00
C GLY D 201 -63.32 37.38 9.45
N SER D 202 -62.21 37.41 10.19
CA SER D 202 -62.19 37.08 11.61
C SER D 202 -61.29 38.07 12.35
N THR D 203 -61.88 38.85 13.25
CA THR D 203 -61.14 39.85 14.01
C THR D 203 -60.89 39.38 15.45
N VAL D 204 -59.65 39.04 15.75
CA VAL D 204 -59.24 38.71 17.12
C VAL D 204 -58.45 39.88 17.71
N GLU D 205 -58.74 40.22 18.96
CA GLU D 205 -58.19 41.42 19.59
C GLU D 205 -57.58 41.14 20.96
N LYS D 206 -56.63 41.99 21.35
CA LYS D 206 -56.04 41.98 22.69
C LYS D 206 -56.04 43.39 23.26
N THR D 207 -56.15 43.47 24.59
CA THR D 207 -56.40 44.73 25.28
C THR D 207 -55.60 44.84 26.58
N MET D 208 -55.13 46.04 26.88
CA MET D 208 -54.49 46.33 28.16
C MET D 208 -54.66 47.79 28.59
N ALA D 209 -54.59 48.01 29.90
CA ALA D 209 -54.77 49.33 30.49
C ALA D 209 -53.44 49.80 31.09
N HIS D 210 -53.52 50.64 32.13
CA HIS D 210 -52.35 51.11 32.85
C HIS D 210 -52.25 50.50 34.22
N ALA D 211 -53.32 50.66 34.99
CA ALA D 211 -53.37 50.19 36.37
C ALA D 211 -53.35 48.66 36.43
N GLU E 1 16.79 -20.13 -10.63
CA GLU E 1 16.93 -20.53 -9.20
C GLU E 1 17.10 -22.04 -9.00
N VAL E 2 17.63 -22.39 -7.84
CA VAL E 2 17.59 -23.75 -7.31
C VAL E 2 16.79 -23.67 -6.02
N GLN E 3 15.82 -24.55 -5.83
CA GLN E 3 14.78 -24.33 -4.81
C GLN E 3 14.85 -25.21 -3.56
N LEU E 4 14.48 -26.48 -3.67
CA LEU E 4 14.27 -27.36 -2.51
C LEU E 4 13.13 -26.86 -1.61
N VAL E 5 11.91 -26.84 -2.14
CA VAL E 5 10.74 -26.45 -1.37
C VAL E 5 10.33 -27.61 -0.47
N GLU E 6 10.46 -27.41 0.84
CA GLU E 6 10.30 -28.49 1.81
C GLU E 6 8.84 -28.61 2.27
N SER E 7 8.10 -29.47 1.57
CA SER E 7 6.66 -29.65 1.78
C SER E 7 6.34 -30.41 3.07
N GLY E 8 5.05 -30.58 3.34
CA GLY E 8 4.58 -31.39 4.47
C GLY E 8 4.83 -30.74 5.82
N VAL E 12 1.71 -32.13 16.00
CA VAL E 12 1.44 -33.55 16.25
C VAL E 12 1.62 -33.88 17.72
N GLN E 13 0.72 -34.71 18.26
CA GLN E 13 0.75 -35.09 19.67
C GLN E 13 1.90 -36.06 19.95
N PRO E 14 2.43 -36.06 21.18
CA PRO E 14 3.61 -36.89 21.51
C PRO E 14 3.41 -38.38 21.25
N GLY E 15 4.48 -39.05 20.83
CA GLY E 15 4.41 -40.45 20.43
C GLY E 15 3.62 -40.64 19.14
N GLY E 16 3.55 -39.59 18.32
CA GLY E 16 2.75 -39.61 17.10
C GLY E 16 3.53 -40.08 15.90
N SER E 17 3.16 -39.58 14.73
CA SER E 17 3.83 -39.96 13.48
C SER E 17 3.60 -38.93 12.37
N LEU E 18 4.65 -38.69 11.58
CA LEU E 18 4.58 -37.75 10.45
C LEU E 18 5.51 -38.20 9.32
N ARG E 19 5.23 -37.71 8.11
CA ARG E 19 6.10 -37.95 6.96
C ARG E 19 6.38 -36.63 6.21
N LEU E 20 7.55 -36.05 6.48
CA LEU E 20 7.94 -34.79 5.86
C LEU E 20 8.47 -35.06 4.46
N SER E 21 7.91 -34.39 3.46
CA SER E 21 8.38 -34.52 2.08
C SER E 21 9.29 -33.35 1.71
N CYS E 22 9.89 -33.43 0.53
CA CYS E 22 10.79 -32.38 0.04
C CYS E 22 10.88 -32.44 -1.48
N VAL E 23 10.26 -31.49 -2.17
CA VAL E 23 10.34 -31.41 -3.63
C VAL E 23 11.47 -30.47 -4.04
N VAL E 24 12.21 -30.87 -5.08
CA VAL E 24 13.41 -30.16 -5.52
C VAL E 24 13.23 -29.63 -6.94
N SER E 25 14.02 -28.61 -7.29
CA SER E 25 14.12 -28.14 -8.66
C SER E 25 15.44 -27.39 -8.87
N GLY E 26 15.94 -27.40 -10.10
CA GLY E 26 17.14 -26.66 -10.46
C GLY E 26 18.41 -27.49 -10.59
N PHE E 27 18.35 -28.78 -10.24
CA PHE E 27 19.50 -29.67 -10.41
C PHE E 27 19.12 -31.15 -10.45
N THR E 28 20.08 -31.98 -10.87
CA THR E 28 19.87 -33.42 -11.05
C THR E 28 19.78 -34.14 -9.71
N PHE E 29 18.59 -34.12 -9.11
CA PHE E 29 18.33 -34.77 -7.82
C PHE E 29 18.81 -36.22 -7.78
N SER E 30 18.64 -36.93 -8.89
CA SER E 30 18.99 -38.36 -8.98
C SER E 30 20.44 -38.65 -8.58
N ASN E 31 21.34 -37.74 -8.92
CA ASN E 31 22.78 -37.96 -8.76
C ASN E 31 23.33 -37.73 -7.36
N TYR E 32 22.65 -36.93 -6.56
CA TYR E 32 23.15 -36.58 -5.22
C TYR E 32 22.65 -37.53 -4.15
N TRP E 33 23.49 -37.74 -3.12
CA TRP E 33 23.00 -38.23 -1.84
C TRP E 33 22.17 -37.11 -1.23
N MET E 34 21.27 -37.46 -0.32
CA MET E 34 20.40 -36.48 0.32
C MET E 34 20.30 -36.72 1.81
N SER E 35 20.15 -35.64 2.56
CA SER E 35 20.12 -35.69 4.02
C SER E 35 18.97 -34.89 4.60
N TRP E 36 18.56 -35.26 5.81
CA TRP E 36 17.67 -34.45 6.61
C TRP E 36 18.48 -33.84 7.75
N VAL E 37 18.20 -32.57 8.05
CA VAL E 37 18.87 -31.85 9.14
C VAL E 37 17.77 -31.14 9.94
N ARG E 38 18.01 -30.96 11.23
CA ARG E 38 17.04 -30.25 12.08
C ARG E 38 17.68 -29.16 12.90
N GLN E 39 16.85 -28.25 13.41
CA GLN E 39 17.31 -27.16 14.27
C GLN E 39 16.18 -26.71 15.19
N ALA E 40 16.33 -26.98 16.49
CA ALA E 40 15.36 -26.54 17.49
C ALA E 40 15.52 -25.03 17.71
N PRO E 41 14.41 -24.34 18.08
CA PRO E 41 14.50 -22.89 18.26
C PRO E 41 15.58 -22.47 19.24
N GLY E 42 16.57 -21.72 18.75
CA GLY E 42 17.71 -21.29 19.56
C GLY E 42 18.90 -22.22 19.45
N LYS E 43 18.64 -23.53 19.39
CA LYS E 43 19.68 -24.54 19.32
C LYS E 43 20.33 -24.60 17.93
N GLY E 44 21.44 -25.35 17.84
CA GLY E 44 22.22 -25.46 16.61
C GLY E 44 21.70 -26.50 15.64
N LEU E 45 22.48 -26.76 14.60
CA LEU E 45 22.12 -27.71 13.56
C LEU E 45 22.47 -29.14 13.96
N GLU E 46 21.50 -30.05 13.86
CA GLU E 46 21.73 -31.47 14.08
C GLU E 46 21.32 -32.26 12.84
N TRP E 47 22.27 -32.98 12.26
CA TRP E 47 22.01 -33.84 11.12
C TRP E 47 21.10 -34.99 11.55
N VAL E 48 20.14 -35.35 10.70
CA VAL E 48 19.14 -36.37 11.03
C VAL E 48 19.43 -37.71 10.35
N ALA E 49 19.60 -37.67 9.02
CA ALA E 49 19.77 -38.88 8.25
C ALA E 49 20.38 -38.58 6.88
N ASN E 50 20.69 -39.65 6.14
CA ASN E 50 21.09 -39.52 4.74
C ASN E 50 20.78 -40.79 3.95
N ILE E 51 20.81 -40.67 2.62
CA ILE E 51 20.41 -41.78 1.74
C ILE E 51 21.18 -41.74 0.41
N LYS E 52 21.40 -42.91 -0.17
CA LYS E 52 22.14 -43.05 -1.43
C LYS E 52 21.24 -42.64 -2.61
N GLN E 53 21.80 -42.64 -3.82
CA GLN E 53 21.05 -42.27 -5.02
C GLN E 53 19.94 -43.29 -5.33
N ASP E 54 20.30 -44.57 -5.27
CA ASP E 54 19.35 -45.66 -5.52
C ASP E 54 18.56 -46.04 -4.26
N GLY E 55 18.96 -45.49 -3.11
CA GLY E 55 18.29 -45.78 -1.84
C GLY E 55 18.71 -47.08 -1.21
N SER E 56 19.81 -47.65 -1.70
CA SER E 56 20.31 -48.95 -1.24
C SER E 56 20.99 -48.88 0.13
N LYS E 57 21.43 -47.69 0.53
CA LYS E 57 22.05 -47.48 1.84
C LYS E 57 21.61 -46.16 2.48
N LYS E 58 21.13 -46.25 3.72
CA LYS E 58 20.68 -45.09 4.49
C LYS E 58 21.24 -45.16 5.91
N TYR E 59 21.62 -44.00 6.45
CA TYR E 59 22.18 -43.93 7.82
C TYR E 59 21.48 -42.83 8.63
N TYR E 60 21.47 -43.02 9.95
CA TYR E 60 20.73 -42.14 10.87
C TYR E 60 21.63 -41.72 12.03
N VAL E 61 21.10 -40.90 12.94
CA VAL E 61 21.87 -40.39 14.08
C VAL E 61 22.04 -41.50 15.12
N ASP E 62 22.92 -41.28 16.09
CA ASP E 62 23.04 -42.15 17.26
C ASP E 62 21.67 -42.34 17.94
N SER E 63 20.91 -41.26 18.03
CA SER E 63 19.52 -41.30 18.49
C SER E 63 18.58 -41.43 17.29
N VAL E 64 17.28 -41.42 17.54
CA VAL E 64 16.25 -41.49 16.50
C VAL E 64 16.56 -42.53 15.43
N GLY E 66 15.48 -46.19 15.71
CA GLY E 66 14.52 -47.18 15.23
C GLY E 66 13.11 -46.63 15.15
N ARG E 67 12.99 -45.41 14.60
CA ARG E 67 11.68 -44.77 14.43
C ARG E 67 11.64 -43.81 13.23
N PHE E 68 12.74 -43.11 12.97
CA PHE E 68 12.90 -42.30 11.77
C PHE E 68 13.31 -43.18 10.59
N THR E 69 12.76 -42.90 9.42
CA THR E 69 13.10 -43.64 8.19
C THR E 69 13.11 -42.70 6.97
N ILE E 70 14.15 -42.83 6.15
CA ILE E 70 14.34 -41.96 4.98
C ILE E 70 14.10 -42.71 3.67
N SER E 71 13.42 -42.06 2.73
CA SER E 71 13.16 -42.63 1.40
C SER E 71 13.07 -41.52 0.35
N ARG E 72 13.08 -41.90 -0.91
CA ARG E 72 13.05 -40.93 -2.01
C ARG E 72 12.43 -41.50 -3.29
N ASP E 73 11.87 -40.60 -4.11
CA ASP E 73 11.37 -40.96 -5.44
C ASP E 73 12.03 -40.03 -6.46
N ASN E 74 13.11 -40.52 -7.08
CA ASN E 74 13.90 -39.72 -8.00
C ASN E 74 13.14 -39.25 -9.24
N ALA E 75 12.14 -40.02 -9.64
CA ALA E 75 11.23 -39.63 -10.73
C ALA E 75 10.33 -38.48 -10.29
N LYS E 76 9.81 -38.58 -9.06
CA LYS E 76 9.03 -37.49 -8.45
C LYS E 76 9.94 -36.32 -8.06
N ASN E 77 11.25 -36.57 -8.01
CA ASN E 77 12.26 -35.56 -7.75
C ASN E 77 12.16 -35.05 -6.31
N SER E 78 11.88 -35.96 -5.38
CA SER E 78 11.57 -35.61 -4.01
C SER E 78 12.18 -36.56 -2.97
N LEU E 79 12.36 -36.04 -1.76
CA LEU E 79 12.88 -36.78 -0.62
C LEU E 79 11.80 -36.85 0.46
N TYR E 80 11.83 -37.91 1.26
CA TYR E 80 10.82 -38.13 2.30
C TYR E 80 11.45 -38.51 3.64
N LEU E 81 10.70 -38.31 4.72
CA LEU E 81 11.14 -38.68 6.07
C LEU E 81 9.97 -39.14 6.93
N GLN E 82 9.64 -40.43 6.84
CA GLN E 82 8.66 -41.04 7.71
C GLN E 82 9.29 -41.19 9.09
N MET E 83 8.73 -40.48 10.08
CA MET E 83 9.24 -40.54 11.45
C MET E 83 8.11 -40.84 12.44
N ASN E 84 8.38 -41.78 13.35
CA ASN E 84 7.40 -42.24 14.33
C ASN E 84 7.88 -41.99 15.76
N SER E 85 7.03 -42.32 16.73
CA SER E 85 7.38 -42.31 18.16
C SER E 85 8.08 -41.02 18.57
N LEU E 86 7.47 -39.88 18.24
CA LEU E 86 8.06 -38.57 18.44
C LEU E 86 8.12 -38.17 19.91
N ARG E 87 9.03 -37.26 20.24
CA ARG E 87 9.19 -36.74 21.60
C ARG E 87 9.27 -35.21 21.58
N ALA E 88 9.49 -34.63 22.77
CA ALA E 88 9.63 -33.17 22.90
C ALA E 88 11.00 -32.68 22.41
N GLU E 89 11.99 -33.57 22.38
CA GLU E 89 13.32 -33.23 21.85
C GLU E 89 13.37 -33.32 20.33
N ASP E 90 12.35 -33.94 19.72
CA ASP E 90 12.20 -33.97 18.27
C ASP E 90 11.59 -32.67 17.72
N THR E 91 11.29 -31.71 18.60
CA THR E 91 10.72 -30.43 18.16
C THR E 91 11.78 -29.54 17.53
N ALA E 92 11.61 -29.25 16.25
CA ALA E 92 12.58 -28.44 15.51
C ALA E 92 12.10 -28.08 14.11
N VAL E 93 12.83 -27.18 13.45
CA VAL E 93 12.59 -26.88 12.04
C VAL E 93 13.46 -27.84 11.23
N TYR E 94 12.81 -28.76 10.53
CA TYR E 94 13.50 -29.80 9.79
C TYR E 94 13.89 -29.33 8.37
N TYR E 95 15.11 -29.67 7.98
CA TYR E 95 15.70 -29.19 6.73
C TYR E 95 16.07 -30.30 5.77
N CYS E 96 16.00 -29.97 4.49
CA CYS E 96 16.23 -30.89 3.39
C CYS E 96 17.39 -30.32 2.58
N ALA E 97 18.48 -31.07 2.48
CA ALA E 97 19.68 -30.54 1.82
C ALA E 97 20.67 -31.62 1.38
N THR E 98 21.49 -31.25 0.39
CA THR E 98 22.69 -32.00 0.04
C THR E 98 23.82 -31.44 0.87
N LEU E 99 24.73 -32.30 1.31
CA LEU E 99 25.87 -31.88 2.12
C LEU E 99 27.17 -32.21 1.41
N ASN E 100 27.37 -33.50 1.13
CA ASN E 100 28.61 -33.97 0.53
C ASN E 100 28.55 -33.90 -0.99
N LEU E 101 29.34 -32.98 -1.57
CA LEU E 101 29.50 -32.93 -3.02
C LEU E 101 30.38 -34.07 -3.50
N GLU E 102 31.18 -34.65 -2.58
CA GLU E 102 32.04 -35.78 -2.91
C GLU E 102 31.24 -37.04 -3.24
N LEU E 103 30.04 -37.16 -2.67
CA LEU E 103 29.13 -38.26 -3.03
C LEU E 103 28.07 -37.81 -4.04
N ALA E 104 28.37 -36.77 -4.82
CA ALA E 104 27.48 -36.32 -5.88
C ALA E 104 28.06 -36.74 -7.23
N VAL E 105 27.26 -36.62 -8.28
CA VAL E 105 27.70 -36.94 -9.64
C VAL E 105 27.35 -35.78 -10.55
N ASP E 106 28.37 -35.26 -11.25
CA ASP E 106 28.24 -34.03 -12.03
C ASP E 106 27.78 -32.90 -11.11
N ALA E 107 28.51 -32.75 -10.02
CA ALA E 107 28.13 -31.83 -8.93
C ALA E 107 28.26 -30.38 -9.33
N ILE E 108 27.49 -29.52 -8.65
CA ILE E 108 27.56 -28.07 -8.83
C ILE E 108 27.61 -27.38 -7.46
N SER E 109 28.10 -26.15 -7.44
CA SER E 109 28.26 -25.39 -6.19
C SER E 109 26.99 -24.66 -5.77
N GLU E 110 25.92 -24.77 -6.55
CA GLU E 110 24.66 -24.11 -6.25
C GLU E 110 23.54 -25.09 -5.88
N ALA E 111 23.91 -26.36 -5.67
CA ALA E 111 22.99 -27.36 -5.12
C ALA E 111 23.10 -27.44 -3.60
N LEU E 112 23.92 -26.55 -3.02
CA LEU E 112 24.11 -26.49 -1.57
C LEU E 112 23.15 -25.50 -0.90
N LYS E 113 22.21 -24.95 -1.66
CA LYS E 113 21.18 -24.08 -1.09
C LYS E 113 20.27 -24.90 -0.17
N TRP E 114 19.65 -24.23 0.79
CA TRP E 114 18.73 -24.87 1.72
C TRP E 114 17.32 -24.33 1.50
N GLY E 115 16.32 -25.14 1.84
CA GLY E 115 14.93 -24.70 1.81
C GLY E 115 14.65 -23.80 3.00
N GLN E 116 13.40 -23.36 3.13
CA GLN E 116 13.01 -22.48 4.23
C GLN E 116 12.85 -23.24 5.55
N GLY E 117 12.45 -24.51 5.45
CA GLY E 117 12.28 -25.36 6.63
C GLY E 117 10.83 -25.70 6.87
N THR E 118 10.60 -26.72 7.70
CA THR E 118 9.26 -27.10 8.13
C THR E 118 9.29 -27.37 9.63
N LEU E 119 8.54 -26.58 10.39
CA LEU E 119 8.52 -26.71 11.85
C LEU E 119 7.72 -27.93 12.29
N VAL E 120 8.32 -28.71 13.19
CA VAL E 120 7.66 -29.87 13.79
C VAL E 120 7.58 -29.62 15.29
N THR E 121 6.37 -29.38 15.79
CA THR E 121 6.13 -29.12 17.21
C THR E 121 5.45 -30.34 17.84
N VAL E 122 5.85 -30.64 19.07
CA VAL E 122 5.39 -31.83 19.79
C VAL E 122 4.99 -31.42 21.20
N SER E 123 3.68 -31.40 21.44
CA SER E 123 3.13 -30.99 22.73
C SER E 123 1.74 -31.60 22.91
N SER E 124 1.35 -31.82 24.16
CA SER E 124 0.03 -32.39 24.48
C SER E 124 -1.12 -31.42 24.19
N ALA E 125 -0.82 -30.13 24.09
CA ALA E 125 -1.82 -29.10 23.80
C ALA E 125 -2.46 -29.23 22.43
N SER E 126 -3.55 -28.50 22.22
CA SER E 126 -4.34 -28.57 21.00
C SER E 126 -4.23 -27.28 20.17
N THR E 127 -4.76 -27.33 18.95
CA THR E 127 -4.66 -26.22 18.01
C THR E 127 -5.62 -25.08 18.38
N LYS E 128 -5.25 -23.86 17.99
CA LYS E 128 -6.06 -22.67 18.23
C LYS E 128 -5.76 -21.58 17.19
N GLY E 129 -6.74 -21.26 16.36
CA GLY E 129 -6.60 -20.19 15.36
C GLY E 129 -6.79 -18.82 15.99
N PRO E 130 -5.91 -17.86 15.65
CA PRO E 130 -5.98 -16.55 16.30
C PRO E 130 -7.07 -15.65 15.75
N SER E 131 -7.46 -14.66 16.56
CA SER E 131 -8.26 -13.55 16.06
C SER E 131 -7.29 -12.53 15.48
N VAL E 132 -7.73 -11.81 14.46
CA VAL E 132 -6.91 -10.79 13.82
C VAL E 132 -7.62 -9.45 13.88
N PHE E 133 -6.97 -8.46 14.49
CA PHE E 133 -7.56 -7.13 14.69
C PHE E 133 -6.70 -6.04 14.06
N PRO E 134 -7.34 -4.96 13.58
CA PRO E 134 -6.61 -3.87 12.94
C PRO E 134 -6.02 -2.87 13.94
N LEU E 135 -4.75 -2.51 13.74
CA LEU E 135 -4.10 -1.48 14.55
C LEU E 135 -4.00 -0.19 13.72
N ALA E 136 -4.82 0.79 14.07
CA ALA E 136 -4.96 2.00 13.27
C ALA E 136 -3.93 3.07 13.63
N PRO E 137 -3.45 3.84 12.63
CA PRO E 137 -2.57 4.99 12.86
C PRO E 137 -3.35 6.25 13.25
N SER E 138 -2.62 7.34 13.48
CA SER E 138 -3.24 8.63 13.83
C SER E 138 -2.46 9.80 13.22
N GLY E 145 7.58 13.41 8.78
CA GLY E 145 6.21 13.09 8.37
C GLY E 145 6.05 11.64 7.98
N THR E 146 5.85 10.77 8.96
CA THR E 146 5.60 9.34 8.72
C THR E 146 4.55 8.80 9.70
N ALA E 147 3.86 7.74 9.28
CA ALA E 147 2.83 7.10 10.10
C ALA E 147 3.15 5.63 10.32
N ALA E 148 2.63 5.08 11.41
CA ALA E 148 2.87 3.69 11.78
C ALA E 148 1.55 2.95 12.02
N LEU E 149 1.38 1.82 11.36
CA LEU E 149 0.17 1.00 11.48
C LEU E 149 0.53 -0.49 11.45
N GLY E 150 -0.44 -1.34 11.81
CA GLY E 150 -0.18 -2.77 11.89
C GLY E 150 -1.39 -3.65 12.12
N CYS E 151 -1.12 -4.94 12.36
CA CYS E 151 -2.15 -5.94 12.65
C CYS E 151 -1.81 -6.70 13.92
N LEU E 152 -2.84 -7.09 14.68
CA LEU E 152 -2.66 -7.85 15.91
C LEU E 152 -3.17 -9.28 15.73
N VAL E 153 -2.30 -10.26 15.95
CA VAL E 153 -2.66 -11.67 15.86
C VAL E 153 -2.66 -12.26 17.27
N LYS E 154 -3.83 -12.28 17.91
CA LYS E 154 -3.93 -12.65 19.32
C LYS E 154 -4.30 -14.11 19.56
N ASP E 155 -3.52 -14.76 20.43
CA ASP E 155 -3.80 -16.11 20.94
C ASP E 155 -3.92 -17.19 19.86
N TYR E 156 -2.78 -17.76 19.48
CA TYR E 156 -2.74 -18.93 18.59
C TYR E 156 -1.78 -19.97 19.15
N PHE E 157 -1.89 -21.20 18.66
CA PHE E 157 -0.97 -22.28 19.02
C PHE E 157 -1.06 -23.42 18.01
N PRO E 158 0.11 -23.96 17.60
CA PRO E 158 1.48 -23.59 17.91
C PRO E 158 2.06 -22.61 16.88
N GLU E 159 3.37 -22.37 16.95
CA GLU E 159 4.07 -21.63 15.91
C GLU E 159 4.09 -22.44 14.61
N PRO E 160 4.28 -21.77 13.45
CA PRO E 160 4.40 -20.34 13.23
C PRO E 160 3.19 -19.74 12.51
N VAL E 161 3.18 -18.41 12.38
CA VAL E 161 2.27 -17.73 11.45
C VAL E 161 3.11 -16.86 10.51
N THR E 162 2.61 -16.65 9.30
CA THR E 162 3.27 -15.81 8.32
C THR E 162 2.41 -14.58 8.04
N VAL E 163 2.98 -13.40 8.27
CA VAL E 163 2.30 -12.14 8.02
C VAL E 163 3.06 -11.36 6.96
N SER E 164 2.44 -11.17 5.80
CA SER E 164 2.96 -10.28 4.77
C SER E 164 1.96 -9.15 4.56
N TRP E 165 2.26 -8.22 3.66
CA TRP E 165 1.38 -7.09 3.38
C TRP E 165 1.14 -6.94 1.88
N ASN E 166 -0.13 -6.79 1.51
CA ASN E 166 -0.54 -6.68 0.11
C ASN E 166 0.02 -7.81 -0.75
N SER E 167 -0.14 -9.04 -0.26
CA SER E 167 0.38 -10.26 -0.91
C SER E 167 1.90 -10.19 -1.19
N GLY E 168 2.65 -9.68 -0.23
CA GLY E 168 4.10 -9.57 -0.36
C GLY E 168 4.58 -8.48 -1.29
N ALA E 169 3.68 -7.58 -1.68
CA ALA E 169 4.03 -6.47 -2.58
C ALA E 169 4.79 -5.38 -1.83
N LEU E 170 4.35 -5.10 -0.60
CA LEU E 170 4.97 -4.09 0.25
C LEU E 170 5.86 -4.75 1.31
N THR E 171 7.17 -4.56 1.17
CA THR E 171 8.16 -5.03 2.15
C THR E 171 8.97 -3.89 2.77
N SER E 172 9.00 -2.73 2.13
CA SER E 172 9.75 -1.58 2.61
C SER E 172 9.14 -0.99 3.88
N GLY E 173 9.80 -1.23 5.02
CA GLY E 173 9.38 -0.70 6.31
C GLY E 173 8.54 -1.66 7.14
N VAL E 174 8.49 -2.92 6.73
CA VAL E 174 7.70 -3.94 7.43
C VAL E 174 8.52 -4.54 8.58
N HIS E 175 7.89 -4.70 9.73
CA HIS E 175 8.51 -5.32 10.90
C HIS E 175 7.50 -6.24 11.59
N THR E 176 7.70 -7.54 11.41
CA THR E 176 6.88 -8.55 12.09
C THR E 176 7.61 -9.00 13.35
N PHE E 177 7.13 -8.56 14.50
CA PHE E 177 7.77 -8.86 15.79
C PHE E 177 7.59 -10.33 16.19
N PRO E 178 8.61 -10.91 16.85
CA PRO E 178 8.43 -12.26 17.41
C PRO E 178 7.33 -12.31 18.45
N ALA E 179 6.73 -13.47 18.62
CA ALA E 179 5.51 -13.61 19.43
C ALA E 179 5.79 -13.67 20.93
N VAL E 180 4.81 -13.24 21.72
CA VAL E 180 4.81 -13.48 23.16
C VAL E 180 4.24 -14.87 23.43
N LEU E 181 4.92 -15.63 24.27
CA LEU E 181 4.33 -16.85 24.82
C LEU E 181 3.70 -16.45 26.15
N GLN E 182 2.38 -16.28 26.14
CA GLN E 182 1.66 -15.82 27.33
C GLN E 182 1.55 -16.93 28.37
N SER E 183 1.19 -16.55 29.59
CA SER E 183 0.97 -17.52 30.67
C SER E 183 -0.30 -18.36 30.43
N SER E 184 -1.08 -18.00 29.42
CA SER E 184 -2.21 -18.82 28.98
C SER E 184 -1.76 -19.98 28.07
N GLY E 185 -0.45 -20.07 27.80
CA GLY E 185 0.09 -21.11 26.93
C GLY E 185 -0.25 -20.88 25.48
N LEU E 186 -0.37 -19.61 25.10
CA LEU E 186 -0.80 -19.22 23.76
C LEU E 186 0.10 -18.13 23.20
N TYR E 187 0.44 -18.25 21.91
CA TYR E 187 1.30 -17.28 21.23
C TYR E 187 0.48 -16.09 20.72
N SER E 188 1.14 -14.93 20.63
CA SER E 188 0.51 -13.72 20.11
C SER E 188 1.56 -12.76 19.57
N LEU E 189 1.31 -12.22 18.37
CA LEU E 189 2.23 -11.26 17.76
C LEU E 189 1.50 -10.14 17.03
N SER E 190 2.27 -9.16 16.56
CA SER E 190 1.74 -8.08 15.75
C SER E 190 2.85 -7.52 14.86
N SER E 191 2.48 -7.18 13.62
CA SER E 191 3.45 -6.67 12.65
C SER E 191 3.17 -5.20 12.35
N VAL E 192 4.19 -4.38 12.44
CA VAL E 192 4.08 -2.94 12.19
C VAL E 192 4.76 -2.59 10.88
N VAL E 193 4.17 -1.65 10.15
CA VAL E 193 4.78 -1.11 8.92
C VAL E 193 4.71 0.41 8.93
N THR E 194 5.88 1.05 9.01
CA THR E 194 5.97 2.50 9.00
C THR E 194 5.93 3.00 7.57
N VAL E 195 5.08 4.00 7.32
CA VAL E 195 4.79 4.46 5.96
C VAL E 195 4.89 5.98 5.84
N PRO E 196 4.90 6.50 4.59
CA PRO E 196 4.71 7.93 4.37
C PRO E 196 3.39 8.44 4.96
N SER E 197 3.43 9.64 5.55
CA SER E 197 2.25 10.21 6.21
C SER E 197 1.11 10.54 5.25
N SER E 198 1.44 10.74 3.97
CA SER E 198 0.44 11.01 2.94
C SER E 198 -0.49 9.83 2.70
N SER E 199 0.10 8.64 2.57
CA SER E 199 -0.66 7.42 2.30
C SER E 199 -1.57 7.05 3.48
N GLN E 203 -3.68 4.78 -0.38
CA GLN E 203 -3.38 3.37 -0.57
C GLN E 203 -3.97 2.51 0.56
N THR E 204 -4.30 1.27 0.22
CA THR E 204 -4.83 0.29 1.17
C THR E 204 -3.68 -0.59 1.68
N TYR E 205 -3.79 -1.00 2.94
CA TYR E 205 -2.83 -1.93 3.56
C TYR E 205 -3.57 -3.12 4.15
N ILE E 206 -3.34 -4.29 3.55
CA ILE E 206 -4.02 -5.52 3.95
C ILE E 206 -3.00 -6.57 4.39
N CYS E 207 -2.93 -6.83 5.69
CA CYS E 207 -2.01 -7.83 6.22
C CYS E 207 -2.54 -9.23 5.94
N ASN E 208 -1.66 -10.08 5.41
CA ASN E 208 -2.03 -11.45 5.06
C ASN E 208 -1.56 -12.42 6.14
N VAL E 209 -2.44 -12.71 7.09
CA VAL E 209 -2.12 -13.62 8.19
C VAL E 209 -2.50 -15.04 7.80
N ASN E 210 -1.57 -15.97 8.00
CA ASN E 210 -1.79 -17.39 7.72
C ASN E 210 -1.27 -18.26 8.86
N HIS E 211 -2.18 -19.05 9.45
CA HIS E 211 -1.82 -20.01 10.50
C HIS E 211 -2.04 -21.41 9.94
N LYS E 212 -0.94 -22.13 9.72
CA LYS E 212 -0.97 -23.42 9.02
C LYS E 212 -1.62 -24.56 9.82
N PRO E 213 -1.24 -24.73 11.09
CA PRO E 213 -1.84 -25.78 11.93
C PRO E 213 -3.36 -25.69 12.04
N SER E 214 -3.88 -24.49 12.32
CA SER E 214 -5.32 -24.27 12.44
C SER E 214 -5.99 -23.97 11.08
N ASN E 215 -5.17 -23.81 10.04
CA ASN E 215 -5.65 -23.55 8.68
C ASN E 215 -6.45 -22.25 8.56
N THR E 216 -6.02 -21.24 9.32
CA THR E 216 -6.63 -19.92 9.28
C THR E 216 -5.98 -19.10 8.17
N LYS E 217 -6.78 -18.30 7.47
CA LYS E 217 -6.28 -17.34 6.48
C LYS E 217 -7.11 -16.07 6.51
N VAL E 218 -6.67 -15.11 7.32
CA VAL E 218 -7.33 -13.81 7.43
C VAL E 218 -6.56 -12.76 6.63
N ASP E 219 -7.29 -11.94 5.89
CA ASP E 219 -6.73 -10.82 5.16
C ASP E 219 -7.40 -9.54 5.64
N LYS E 220 -6.75 -8.87 6.60
CA LYS E 220 -7.36 -7.75 7.30
C LYS E 220 -6.94 -6.40 6.71
N LYS E 221 -7.90 -5.66 6.17
CA LYS E 221 -7.67 -4.31 5.70
C LYS E 221 -7.56 -3.38 6.91
N VAL E 222 -6.51 -2.58 6.95
CA VAL E 222 -6.29 -1.64 8.05
C VAL E 222 -6.58 -0.21 7.58
N GLU E 223 -7.67 0.36 8.09
CA GLU E 223 -8.08 1.72 7.73
C GLU E 223 -7.83 2.69 8.89
N PRO E 224 -7.59 3.97 8.58
CA PRO E 224 -7.44 4.99 9.63
C PRO E 224 -8.80 5.47 10.15
N TYR F 2 31.08 -39.57 16.49
CA TYR F 2 31.96 -38.53 15.86
C TYR F 2 31.35 -37.14 16.00
N GLU F 3 32.13 -36.20 16.52
CA GLU F 3 31.69 -34.81 16.66
C GLU F 3 32.82 -33.82 16.35
N LEU F 4 32.42 -32.65 15.85
CA LEU F 4 33.35 -31.58 15.48
C LEU F 4 33.23 -30.42 16.45
N THR F 5 34.34 -30.02 17.05
CA THR F 5 34.32 -28.97 18.07
C THR F 5 34.73 -27.61 17.51
N GLN F 6 33.84 -26.63 17.66
CA GLN F 6 34.15 -25.23 17.39
C GLN F 6 33.71 -24.39 18.58
N PRO F 7 34.41 -23.25 18.83
CA PRO F 7 34.07 -22.45 20.00
C PRO F 7 32.65 -21.87 19.92
N PRO F 8 31.96 -21.76 21.08
CA PRO F 8 30.58 -21.30 21.08
C PRO F 8 30.42 -19.80 20.89
N SER F 9 31.46 -19.03 21.21
CA SER F 9 31.39 -17.56 21.14
C SER F 9 32.73 -16.93 20.74
N VAL F 10 32.69 -16.11 19.69
CA VAL F 10 33.85 -15.32 19.27
C VAL F 10 33.41 -13.87 19.05
N SER F 11 34.23 -12.93 19.49
CA SER F 11 33.91 -11.50 19.39
C SER F 11 35.05 -10.75 18.72
N VAL F 12 34.71 -9.88 17.78
CA VAL F 12 35.69 -9.10 17.02
C VAL F 12 35.19 -7.68 16.80
N SER F 13 36.07 -6.82 16.31
CA SER F 13 35.74 -5.42 16.04
C SER F 13 35.64 -5.18 14.54
N PRO F 14 34.86 -4.16 14.13
CA PRO F 14 34.77 -3.78 12.72
C PRO F 14 36.14 -3.56 12.06
N GLY F 15 36.29 -4.03 10.83
CA GLY F 15 37.53 -3.88 10.09
C GLY F 15 38.66 -4.79 10.56
N GLN F 16 38.33 -5.78 11.39
CA GLN F 16 39.31 -6.67 12.00
C GLN F 16 39.14 -8.09 11.48
N THR F 17 40.21 -8.88 11.55
CA THR F 17 40.20 -10.24 11.02
C THR F 17 39.73 -11.25 12.07
N ALA F 18 38.66 -11.98 11.77
CA ALA F 18 38.13 -13.02 12.65
C ALA F 18 38.57 -14.40 12.17
N ARG F 19 38.71 -15.34 13.10
CA ARG F 19 39.09 -16.72 12.77
C ARG F 19 38.31 -17.72 13.60
N ILE F 20 37.41 -18.45 12.95
CA ILE F 20 36.64 -19.52 13.60
C ILE F 20 37.18 -20.86 13.12
N THR F 21 37.41 -21.77 14.06
CA THR F 21 38.08 -23.04 13.78
C THR F 21 37.23 -24.26 14.14
N CYS F 22 37.38 -25.33 13.36
CA CYS F 22 36.78 -26.63 13.68
C CYS F 22 37.85 -27.72 13.73
N SER F 23 37.62 -28.70 14.59
CA SER F 23 38.54 -29.81 14.80
C SER F 23 37.82 -31.14 14.60
N GLY F 24 38.56 -32.15 14.17
CA GLY F 24 37.97 -33.49 13.96
C GLY F 24 38.98 -34.54 13.54
N ASP F 25 38.75 -35.77 13.99
CA ASP F 25 39.63 -36.90 13.65
C ASP F 25 39.59 -37.26 12.16
N ALA F 26 38.45 -37.01 11.50
CA ALA F 26 38.25 -37.38 10.10
C ALA F 26 38.47 -36.22 9.12
N LEU F 27 38.78 -35.03 9.63
CA LEU F 27 39.05 -33.86 8.78
C LEU F 27 40.23 -34.04 7.82
N PRO F 28 41.30 -34.75 8.24
CA PRO F 28 42.38 -35.07 7.30
C PRO F 28 41.92 -35.92 6.12
N LYS F 29 40.97 -36.83 6.35
CA LYS F 29 40.36 -37.62 5.28
C LYS F 29 39.32 -36.82 4.50
N GLN F 30 38.50 -36.06 5.22
CA GLN F 30 37.24 -35.54 4.70
C GLN F 30 37.19 -34.03 4.61
N PHE F 31 36.44 -33.54 3.62
CA PHE F 31 36.25 -32.10 3.43
C PHE F 31 35.22 -31.54 4.40
N ALA F 32 35.20 -30.21 4.52
CA ALA F 32 34.27 -29.51 5.40
C ALA F 32 33.46 -28.46 4.64
N TYR F 33 32.45 -27.91 5.30
CA TYR F 33 31.58 -26.87 4.74
C TYR F 33 31.24 -25.86 5.82
N TRP F 34 31.30 -24.57 5.49
CA TRP F 34 30.99 -23.50 6.45
C TRP F 34 29.67 -22.81 6.09
N TYR F 35 28.70 -22.89 7.01
CA TYR F 35 27.39 -22.27 6.82
C TYR F 35 27.19 -21.05 7.74
N GLN F 36 26.82 -19.92 7.15
CA GLN F 36 26.37 -18.75 7.91
C GLN F 36 24.90 -18.92 8.24
N GLN F 37 24.48 -18.31 9.36
CA GLN F 37 23.05 -18.23 9.69
C GLN F 37 22.74 -16.93 10.43
N LYS F 38 21.76 -16.19 9.91
CA LYS F 38 21.31 -14.94 10.52
C LYS F 38 19.93 -15.14 11.15
N PRO F 39 19.52 -14.20 12.03
CA PRO F 39 18.22 -14.27 12.71
C PRO F 39 17.03 -14.56 11.77
N GLY F 40 16.33 -15.66 12.04
CA GLY F 40 15.12 -16.01 11.31
C GLY F 40 15.31 -16.20 9.82
N GLN F 41 16.41 -16.88 9.45
CA GLN F 41 16.70 -17.22 8.06
C GLN F 41 17.37 -18.58 7.97
N ALA F 42 17.26 -19.21 6.80
CA ALA F 42 17.86 -20.52 6.58
C ALA F 42 19.37 -20.38 6.41
N PRO F 43 20.14 -21.43 6.77
CA PRO F 43 21.60 -21.34 6.65
C PRO F 43 22.07 -21.15 5.21
N VAL F 44 23.13 -20.35 5.05
CA VAL F 44 23.70 -20.05 3.73
C VAL F 44 25.17 -20.46 3.72
N VAL F 45 25.66 -20.89 2.56
CA VAL F 45 27.05 -21.34 2.42
C VAL F 45 27.98 -20.14 2.24
N MET F 46 29.13 -20.19 2.90
CA MET F 46 30.17 -19.16 2.73
C MET F 46 31.43 -19.76 2.12
N ILE F 47 31.80 -20.96 2.57
CA ILE F 47 32.89 -21.73 1.97
C ILE F 47 32.45 -23.19 1.83
N TYR F 48 32.95 -23.88 0.81
CA TYR F 48 32.72 -25.32 0.68
C TYR F 48 34.00 -26.05 0.29
N LYS F 49 34.05 -27.35 0.62
CA LYS F 49 35.26 -28.17 0.45
C LYS F 49 36.50 -27.48 1.00
N ASP F 50 36.40 -27.00 2.24
CA ASP F 50 37.51 -26.36 2.98
C ASP F 50 37.89 -24.95 2.52
N SER F 51 38.00 -24.70 1.22
CA SER F 51 38.51 -23.41 0.73
C SER F 51 37.89 -22.87 -0.58
N GLU F 52 36.77 -23.45 -1.02
CA GLU F 52 36.11 -22.97 -2.24
C GLU F 52 34.94 -22.04 -1.89
N ARG F 53 34.98 -20.83 -2.46
CA ARG F 53 33.96 -19.80 -2.18
C ARG F 53 32.92 -19.77 -3.31
N PRO F 54 31.63 -19.77 -2.96
CA PRO F 54 30.57 -19.58 -3.98
C PRO F 54 30.51 -18.16 -4.52
N SER F 55 29.77 -17.99 -5.62
CA SER F 55 29.57 -16.67 -6.23
C SER F 55 28.67 -15.82 -5.33
N GLY F 56 28.89 -14.51 -5.36
CA GLY F 56 28.10 -13.58 -4.54
C GLY F 56 28.62 -13.40 -3.13
N ILE F 57 29.45 -14.34 -2.68
CA ILE F 57 30.06 -14.28 -1.35
C ILE F 57 31.26 -13.32 -1.39
N PRO F 58 31.30 -12.35 -0.46
CA PRO F 58 32.45 -11.42 -0.42
C PRO F 58 33.82 -12.12 -0.31
N GLU F 59 34.84 -11.46 -0.85
CA GLU F 59 36.22 -12.00 -0.82
C GLU F 59 36.85 -12.00 0.59
N ARG F 60 36.26 -11.23 1.51
CA ARG F 60 36.64 -11.30 2.93
C ARG F 60 36.68 -12.74 3.40
N PHE F 61 35.62 -13.48 3.04
CA PHE F 61 35.44 -14.86 3.50
C PHE F 61 36.40 -15.81 2.80
N SER F 62 37.00 -16.71 3.58
CA SER F 62 37.92 -17.71 3.05
C SER F 62 38.05 -18.87 4.03
N GLY F 63 38.76 -19.92 3.62
CA GLY F 63 38.96 -21.09 4.47
C GLY F 63 40.29 -21.78 4.20
N SER F 64 40.88 -22.35 5.24
CA SER F 64 42.15 -23.07 5.14
C SER F 64 42.05 -24.44 5.77
N SER F 65 43.07 -25.27 5.55
CA SER F 65 43.13 -26.62 6.10
C SER F 65 44.53 -26.96 6.59
N SER F 66 44.61 -27.67 7.72
CA SER F 66 45.87 -28.10 8.30
C SER F 66 45.63 -29.19 9.33
N GLY F 67 45.98 -30.42 9.00
CA GLY F 67 45.81 -31.56 9.91
C GLY F 67 44.35 -31.77 10.29
N THR F 68 44.08 -31.78 11.60
CA THR F 68 42.72 -31.95 12.10
C THR F 68 41.90 -30.66 12.11
N THR F 69 42.55 -29.53 11.80
CA THR F 69 41.92 -28.22 11.88
C THR F 69 41.43 -27.71 10.52
N VAL F 70 40.20 -27.18 10.51
CA VAL F 70 39.69 -26.41 9.38
C VAL F 70 39.24 -25.06 9.93
N THR F 71 39.68 -23.98 9.29
CA THR F 71 39.56 -22.64 9.84
C THR F 71 38.96 -21.65 8.84
N SER F 72 37.75 -21.17 9.14
CA SER F 72 37.12 -20.10 8.36
C SER F 72 37.70 -18.77 8.80
N THR F 73 37.99 -17.90 7.83
CA THR F 73 38.64 -16.62 8.09
C THR F 73 37.88 -15.46 7.42
N ILE F 74 37.40 -14.53 8.24
CA ILE F 74 36.70 -13.34 7.75
C ILE F 74 37.61 -12.12 7.92
N SER F 75 37.97 -11.49 6.80
CA SER F 75 38.86 -10.33 6.81
C SER F 75 38.07 -9.03 6.90
N GLY F 76 38.54 -8.09 7.72
CA GLY F 76 37.90 -6.79 7.85
C GLY F 76 36.42 -6.94 8.16
N VAL F 77 36.14 -7.58 9.30
CA VAL F 77 34.77 -7.93 9.67
C VAL F 77 33.83 -6.73 9.63
N GLN F 78 32.60 -6.98 9.17
CA GLN F 78 31.57 -5.96 9.02
C GLN F 78 30.38 -6.34 9.88
N ALA F 79 29.57 -5.35 10.27
CA ALA F 79 28.33 -5.60 11.02
C ALA F 79 27.48 -6.66 10.31
N GLU F 80 27.46 -6.61 8.98
CA GLU F 80 26.84 -7.65 8.14
C GLU F 80 27.13 -9.05 8.66
N ASP F 81 28.37 -9.29 9.06
CA ASP F 81 28.84 -10.64 9.42
C ASP F 81 28.32 -11.14 10.76
N GLU F 82 27.76 -10.28 11.59
CA GLU F 82 27.25 -10.68 12.90
C GLU F 82 26.18 -11.76 12.74
N ALA F 83 26.56 -13.01 13.05
CA ALA F 83 25.72 -14.16 12.79
C ALA F 83 26.31 -15.43 13.41
N ASP F 84 25.57 -16.53 13.31
CA ASP F 84 26.05 -17.83 13.78
C ASP F 84 26.70 -18.59 12.64
N TYR F 85 27.79 -19.30 12.94
CA TYR F 85 28.57 -20.03 11.93
C TYR F 85 28.78 -21.48 12.34
N TYR F 86 28.32 -22.40 11.50
CA TYR F 86 28.44 -23.84 11.75
C TYR F 86 29.33 -24.49 10.70
N CYS F 87 30.21 -25.40 11.12
CA CYS F 87 30.97 -26.22 10.19
C CYS F 87 30.32 -27.59 10.02
N GLN F 88 30.54 -28.20 8.85
CA GLN F 88 29.81 -29.40 8.43
C GLN F 88 30.74 -30.40 7.72
N SER F 89 30.67 -31.67 8.11
CA SER F 89 31.53 -32.71 7.54
C SER F 89 31.02 -34.13 7.87
N VAL F 90 31.74 -35.14 7.38
CA VAL F 90 31.42 -36.55 7.66
C VAL F 90 32.46 -37.16 8.60
N ASP F 91 32.14 -38.34 9.12
CA ASP F 91 33.09 -39.13 9.90
C ASP F 91 34.06 -39.86 8.97
N ASN F 92 35.00 -40.62 9.54
CA ASN F 92 36.04 -41.29 8.76
C ASN F 92 35.53 -42.34 7.77
N SER F 93 34.35 -42.90 8.02
CA SER F 93 33.74 -43.87 7.10
C SER F 93 32.89 -43.20 6.02
N GLY F 94 32.68 -41.88 6.12
CA GLY F 94 31.96 -41.11 5.11
C GLY F 94 30.47 -41.39 5.03
N THR F 95 29.91 -41.95 6.09
CA THR F 95 28.49 -42.32 6.12
C THR F 95 27.68 -41.38 7.03
N TYR F 96 28.20 -41.08 8.21
CA TYR F 96 27.49 -40.24 9.19
C TYR F 96 27.91 -38.77 9.08
N GLU F 97 27.01 -37.93 8.60
CA GLU F 97 27.23 -36.48 8.52
C GLU F 97 27.08 -35.86 9.90
N VAL F 98 27.89 -34.85 10.21
CA VAL F 98 27.84 -34.20 11.52
C VAL F 98 28.09 -32.70 11.39
N PHE F 99 27.39 -31.92 12.20
CA PHE F 99 27.62 -30.47 12.30
C PHE F 99 28.42 -30.14 13.57
N GLY F 100 28.91 -28.92 13.63
CA GLY F 100 29.53 -28.39 14.84
C GLY F 100 28.49 -27.73 15.71
N GLY F 101 28.84 -27.45 16.97
CA GLY F 101 27.93 -26.80 17.90
C GLY F 101 27.50 -25.41 17.47
N GLY F 102 28.35 -24.74 16.70
CA GLY F 102 28.08 -23.39 16.20
C GLY F 102 29.04 -22.40 16.83
N THR F 103 29.07 -21.19 16.29
CA THR F 103 29.96 -20.14 16.77
C THR F 103 29.26 -18.79 16.67
N GLN F 104 28.88 -18.24 17.82
CA GLN F 104 28.26 -16.93 17.88
C GLN F 104 29.32 -15.86 17.61
N LEU F 105 29.19 -15.16 16.49
CA LEU F 105 30.10 -14.08 16.11
C LEU F 105 29.46 -12.73 16.45
N THR F 106 29.90 -12.12 17.54
CA THR F 106 29.32 -10.86 18.02
C THR F 106 30.28 -9.69 17.78
N VAL F 107 29.94 -8.83 16.83
CA VAL F 107 30.76 -7.67 16.49
C VAL F 107 30.65 -6.57 17.55
N LEU F 108 31.79 -6.12 18.06
CA LEU F 108 31.84 -5.11 19.11
C LEU F 108 31.85 -3.70 18.52
N GLY F 109 31.94 -2.69 19.38
CA GLY F 109 32.02 -1.31 18.95
C GLY F 109 30.71 -0.77 18.39
N GLN F 110 29.61 -1.43 18.73
CA GLN F 110 28.29 -1.01 18.31
C GLN F 110 27.90 0.23 19.12
N PRO F 111 27.35 1.26 18.44
CA PRO F 111 26.97 2.46 19.18
C PRO F 111 25.75 2.25 20.07
N LYS F 112 25.39 3.30 20.81
CA LYS F 112 24.19 3.28 21.63
C LYS F 112 23.00 3.69 20.77
N ALA F 113 22.03 2.79 20.63
CA ALA F 113 20.83 3.04 19.85
C ALA F 113 19.61 3.12 20.77
N ALA F 114 18.85 4.21 20.66
CA ALA F 114 17.63 4.39 21.44
C ALA F 114 16.50 3.58 20.82
N PRO F 115 15.58 3.04 21.66
CA PRO F 115 14.47 2.25 21.14
C PRO F 115 13.41 3.07 20.42
N SER F 116 12.93 2.55 19.28
CA SER F 116 11.82 3.16 18.54
C SER F 116 10.52 2.58 19.09
N VAL F 117 9.80 3.41 19.85
CA VAL F 117 8.63 2.95 20.61
C VAL F 117 7.33 3.42 19.97
N THR F 118 6.41 2.48 19.76
CA THR F 118 5.06 2.80 19.29
C THR F 118 4.05 2.00 20.12
N LEU F 119 2.96 2.65 20.50
CA LEU F 119 1.97 2.07 21.41
C LEU F 119 0.58 2.16 20.80
N PHE F 120 -0.06 1.00 20.63
CA PHE F 120 -1.37 0.93 19.94
C PHE F 120 -2.53 0.73 20.92
N PRO F 121 -3.60 1.55 20.79
CA PRO F 121 -4.83 1.29 21.55
C PRO F 121 -5.49 -0.05 21.23
N PRO F 122 -6.41 -0.49 22.11
CA PRO F 122 -7.28 -1.60 21.73
C PRO F 122 -8.15 -1.21 20.54
N SER F 123 -8.34 -2.13 19.60
CA SER F 123 -9.10 -1.85 18.39
C SER F 123 -10.60 -1.74 18.68
N SER F 124 -11.33 -1.13 17.76
CA SER F 124 -12.80 -1.10 17.84
C SER F 124 -13.35 -2.52 17.80
N GLU F 125 -12.71 -3.38 17.00
CA GLU F 125 -13.16 -4.75 16.79
C GLU F 125 -12.90 -5.67 18.00
N GLU F 126 -11.84 -5.40 18.75
CA GLU F 126 -11.54 -6.18 19.95
C GLU F 126 -12.47 -5.80 21.11
N LEU F 127 -12.82 -4.51 21.20
CA LEU F 127 -13.69 -4.02 22.27
C LEU F 127 -15.10 -4.58 22.19
N GLN F 128 -15.59 -4.80 20.97
CA GLN F 128 -16.92 -5.36 20.77
C GLN F 128 -17.00 -6.85 21.12
N ALA F 129 -15.83 -7.51 21.22
CA ALA F 129 -15.73 -8.89 21.70
C ALA F 129 -15.47 -8.96 23.22
N ASN F 130 -15.66 -7.84 23.92
CA ASN F 130 -15.47 -7.75 25.36
C ASN F 130 -14.02 -8.00 25.80
N LYS F 131 -13.08 -7.43 25.05
CA LYS F 131 -11.65 -7.51 25.39
C LYS F 131 -10.92 -6.22 25.02
N ALA F 132 -9.75 -6.02 25.63
CA ALA F 132 -8.92 -4.84 25.36
C ALA F 132 -7.44 -5.20 25.48
N THR F 133 -6.70 -5.08 24.39
CA THR F 133 -5.28 -5.40 24.38
C THR F 133 -4.48 -4.20 23.87
N LEU F 134 -3.65 -3.63 24.75
CA LEU F 134 -2.74 -2.56 24.37
C LEU F 134 -1.41 -3.18 23.95
N VAL F 135 -0.93 -2.79 22.78
CA VAL F 135 0.28 -3.37 22.21
C VAL F 135 1.39 -2.30 22.14
N CYS F 136 2.50 -2.57 22.81
CA CYS F 136 3.65 -1.68 22.82
C CYS F 136 4.80 -2.33 22.06
N LEU F 137 5.25 -1.68 20.99
CA LEU F 137 6.31 -2.23 20.14
C LEU F 137 7.61 -1.46 20.30
N ILE F 138 8.70 -2.20 20.52
CA ILE F 138 10.01 -1.62 20.79
C ILE F 138 11.00 -2.19 19.78
N SER F 139 11.85 -1.33 19.22
CA SER F 139 12.76 -1.76 18.15
C SER F 139 13.94 -0.81 17.95
N ASP F 140 14.94 -1.28 17.20
CA ASP F 140 16.13 -0.50 16.83
C ASP F 140 16.93 0.02 18.04
N PHE F 141 17.02 -0.79 19.09
CA PHE F 141 17.80 -0.42 20.28
C PHE F 141 19.01 -1.30 20.50
N TYR F 142 20.03 -0.74 21.14
CA TYR F 142 21.25 -1.48 21.49
C TYR F 142 21.89 -0.88 22.74
N PRO F 143 22.39 -1.73 23.65
CA PRO F 143 22.38 -3.20 23.65
C PRO F 143 20.98 -3.81 23.83
N GLY F 144 20.90 -5.13 23.67
CA GLY F 144 19.62 -5.83 23.67
C GLY F 144 19.04 -6.08 25.04
N ALA F 145 18.59 -5.00 25.70
CA ALA F 145 18.00 -5.10 27.02
C ALA F 145 17.24 -3.83 27.39
N VAL F 146 15.95 -3.98 27.70
CA VAL F 146 15.11 -2.87 28.16
C VAL F 146 14.14 -3.34 29.24
N THR F 147 13.72 -2.42 30.10
CA THR F 147 12.65 -2.70 31.06
C THR F 147 11.39 -1.93 30.66
N VAL F 148 10.24 -2.59 30.79
CA VAL F 148 8.96 -2.01 30.41
C VAL F 148 8.13 -1.75 31.67
N ALA F 149 7.74 -0.49 31.86
CA ALA F 149 6.88 -0.10 32.98
C ALA F 149 5.53 0.38 32.46
N TRP F 150 4.51 -0.44 32.66
CA TRP F 150 3.13 -0.09 32.26
C TRP F 150 2.44 0.72 33.35
N LYS F 151 2.21 2.00 33.07
CA LYS F 151 1.52 2.89 34.00
C LYS F 151 0.12 3.21 33.47
N ALA F 152 -0.89 3.04 34.32
CA ALA F 152 -2.28 3.34 33.94
C ALA F 152 -2.70 4.67 34.54
N ASP F 153 -2.43 5.76 33.83
CA ASP F 153 -2.69 7.11 34.32
C ASP F 153 -1.80 7.38 35.55
N SER F 154 -0.52 7.06 35.41
CA SER F 154 0.47 7.17 36.50
C SER F 154 0.20 6.22 37.67
N SER F 155 -0.54 5.14 37.42
CA SER F 155 -0.81 4.12 38.44
C SER F 155 -0.13 2.81 38.00
N PRO F 156 0.95 2.41 38.69
CA PRO F 156 1.72 1.21 38.34
C PRO F 156 0.87 -0.04 38.10
N VAL F 157 0.97 -0.61 36.91
CA VAL F 157 0.21 -1.81 36.53
C VAL F 157 1.13 -3.03 36.47
N LYS F 158 0.76 -4.09 37.17
CA LYS F 158 1.45 -5.38 37.09
C LYS F 158 0.55 -6.50 36.54
N ALA F 159 -0.75 -6.26 36.48
CA ALA F 159 -1.72 -7.29 36.10
C ALA F 159 -1.82 -7.47 34.59
N GLY F 160 -1.87 -8.73 34.15
CA GLY F 160 -2.08 -9.07 32.74
C GLY F 160 -1.03 -8.54 31.78
N VAL F 161 0.20 -8.41 32.26
CA VAL F 161 1.30 -7.86 31.47
C VAL F 161 2.15 -8.98 30.89
N GLU F 162 2.52 -8.84 29.62
CA GLU F 162 3.44 -9.75 28.93
C GLU F 162 4.51 -8.92 28.23
N THR F 163 5.70 -9.50 28.07
CA THR F 163 6.81 -8.81 27.39
C THR F 163 7.78 -9.84 26.79
N THR F 164 8.06 -9.71 25.50
CA THR F 164 9.00 -10.61 24.82
C THR F 164 10.43 -10.32 25.25
N THR F 165 11.29 -11.33 25.11
CA THR F 165 12.71 -11.17 25.31
C THR F 165 13.28 -10.35 24.15
N PRO F 166 14.28 -9.50 24.42
CA PRO F 166 14.96 -8.77 23.35
C PRO F 166 15.41 -9.69 22.21
N SER F 167 14.95 -9.41 20.99
CA SER F 167 15.22 -10.24 19.83
C SER F 167 16.18 -9.58 18.84
N LYS F 168 17.11 -10.38 18.31
CA LYS F 168 18.05 -9.91 17.30
C LYS F 168 17.35 -9.87 15.95
N GLN F 169 17.49 -8.75 15.24
CA GLN F 169 16.86 -8.58 13.91
C GLN F 169 17.93 -8.34 12.84
N SER F 170 17.49 -7.98 11.63
CA SER F 170 18.38 -7.86 10.48
C SER F 170 19.46 -6.78 10.64
N ASN F 171 19.05 -5.57 11.01
CA ASN F 171 19.98 -4.44 11.17
C ASN F 171 20.89 -4.49 12.42
N ASN F 172 20.87 -5.62 13.13
CA ASN F 172 21.73 -5.89 14.30
C ASN F 172 21.35 -5.19 15.61
N SER F 173 20.41 -4.24 15.55
CA SER F 173 19.80 -3.70 16.76
C SER F 173 18.80 -4.72 17.29
N TYR F 174 18.14 -4.40 18.40
CA TYR F 174 17.25 -5.34 19.07
C TYR F 174 15.79 -4.89 19.08
N ALA F 175 14.89 -5.85 19.23
CA ALA F 175 13.45 -5.59 19.21
C ALA F 175 12.69 -6.46 20.20
N ALA F 176 11.74 -5.84 20.89
CA ALA F 176 10.85 -6.56 21.80
C ALA F 176 9.45 -5.94 21.76
N SER F 177 8.46 -6.69 22.23
CA SER F 177 7.08 -6.22 22.27
C SER F 177 6.43 -6.57 23.61
N SER F 178 5.62 -5.67 24.13
CA SER F 178 4.94 -5.86 25.40
C SER F 178 3.43 -5.68 25.25
N TYR F 179 2.67 -6.59 25.86
CA TYR F 179 1.21 -6.64 25.71
C TYR F 179 0.50 -6.48 27.05
N LEU F 180 -0.29 -5.42 27.18
CA LEU F 180 -1.15 -5.23 28.35
C LEU F 180 -2.59 -5.61 28.00
N SER F 181 -3.08 -6.70 28.58
CA SER F 181 -4.47 -7.11 28.41
C SER F 181 -5.34 -6.45 29.48
N LEU F 182 -6.53 -6.02 29.07
CA LEU F 182 -7.49 -5.36 29.96
C LEU F 182 -8.92 -5.71 29.56
N THR F 183 -9.87 -5.33 30.41
CA THR F 183 -11.29 -5.34 30.04
C THR F 183 -11.66 -3.92 29.59
N PRO F 184 -12.63 -3.81 28.67
CA PRO F 184 -13.04 -2.49 28.17
C PRO F 184 -13.28 -1.43 29.25
N GLU F 185 -13.86 -1.82 30.38
CA GLU F 185 -14.10 -0.88 31.48
C GLU F 185 -12.80 -0.46 32.16
N GLN F 186 -11.92 -1.42 32.46
CA GLN F 186 -10.60 -1.11 32.99
C GLN F 186 -9.87 -0.18 32.03
N TRP F 187 -10.00 -0.47 30.74
CA TRP F 187 -9.56 0.43 29.68
C TRP F 187 -10.28 1.77 29.85
N LYS F 188 -11.61 1.78 29.71
CA LYS F 188 -12.42 3.01 29.70
C LYS F 188 -12.40 3.88 30.98
N SER F 189 -11.98 3.31 32.11
CA SER F 189 -11.99 4.01 33.39
C SER F 189 -10.66 4.69 33.77
N HIS F 190 -9.89 5.11 32.77
CA HIS F 190 -8.68 5.90 32.99
C HIS F 190 -8.56 6.93 31.87
N ARG F 191 -8.04 8.12 32.19
CA ARG F 191 -7.85 9.15 31.17
C ARG F 191 -6.55 8.95 30.36
N SER F 192 -5.75 7.94 30.74
CA SER F 192 -4.56 7.58 29.97
C SER F 192 -3.92 6.27 30.43
N TYR F 193 -3.31 5.57 29.47
CA TYR F 193 -2.39 4.47 29.74
C TYR F 193 -1.07 4.78 29.03
N SER F 194 0.06 4.52 29.67
CA SER F 194 1.36 4.80 29.08
C SER F 194 2.28 3.59 29.13
N CYS F 195 3.13 3.47 28.10
CA CYS F 195 4.13 2.41 28.02
C CYS F 195 5.51 3.06 28.17
N GLN F 196 6.17 2.77 29.30
CA GLN F 196 7.46 3.40 29.63
C GLN F 196 8.61 2.40 29.47
N VAL F 197 9.37 2.54 28.38
CA VAL F 197 10.47 1.64 28.07
C VAL F 197 11.80 2.26 28.47
N THR F 198 12.40 1.74 29.54
CA THR F 198 13.69 2.23 30.03
C THR F 198 14.83 1.52 29.32
N HIS F 199 15.77 2.31 28.79
CA HIS F 199 16.92 1.80 28.06
C HIS F 199 18.20 2.53 28.49
N GLU F 200 19.03 1.83 29.27
CA GLU F 200 20.33 2.35 29.70
C GLU F 200 20.19 3.66 30.50
N GLY F 201 19.33 3.63 31.52
CA GLY F 201 19.07 4.79 32.36
C GLY F 201 18.31 5.91 31.67
N SER F 202 17.55 5.57 30.63
CA SER F 202 16.77 6.54 29.88
C SER F 202 15.40 5.93 29.54
N THR F 203 14.34 6.52 30.10
CA THR F 203 12.99 6.01 29.94
C THR F 203 12.14 6.91 29.06
N VAL F 204 12.03 6.54 27.78
CA VAL F 204 11.12 7.22 26.86
C VAL F 204 9.75 6.53 26.92
N GLU F 205 8.68 7.32 26.85
CA GLU F 205 7.33 6.80 26.96
C GLU F 205 6.42 7.27 25.83
N LYS F 206 5.34 6.51 25.62
CA LYS F 206 4.28 6.88 24.70
C LYS F 206 2.95 6.82 25.44
N THR F 207 2.13 7.85 25.27
CA THR F 207 0.86 7.98 25.96
C THR F 207 -0.30 7.86 24.95
N MET F 208 -1.45 7.41 25.42
CA MET F 208 -2.64 7.28 24.58
C MET F 208 -3.89 7.10 25.43
N ALA F 209 -5.03 7.55 24.91
CA ALA F 209 -6.28 7.57 25.66
C ALA F 209 -7.48 7.14 24.80
N HIS F 210 -8.68 7.42 25.30
CA HIS F 210 -9.93 7.04 24.63
C HIS F 210 -10.45 8.19 23.79
N ALA F 211 -10.32 9.40 24.33
CA ALA F 211 -10.69 10.62 23.63
C ALA F 211 -9.89 10.78 22.34
#